data_9UK6
# 
_entry.id   9UK6 
# 
_audit_conform.dict_name       mmcif_pdbx.dic 
_audit_conform.dict_version    5.404 
_audit_conform.dict_location   http://mmcif.pdb.org/dictionaries/ascii/mmcif_pdbx.dic 
# 
loop_
_database_2.database_id 
_database_2.database_code 
_database_2.pdbx_database_accession 
_database_2.pdbx_DOI 
PDB   9UK6         pdb_00009uk6 10.2210/pdb9uk6/pdb 
WWPDB D_1300058634 ?            ?                   
# 
_pdbx_audit_revision_history.ordinal             1 
_pdbx_audit_revision_history.data_content_type   'Structure model' 
_pdbx_audit_revision_history.major_revision      1 
_pdbx_audit_revision_history.minor_revision      0 
_pdbx_audit_revision_history.revision_date       2025-09-17 
_pdbx_audit_revision_history.part_number         ? 
# 
_pdbx_audit_revision_details.ordinal             1 
_pdbx_audit_revision_details.revision_ordinal    1 
_pdbx_audit_revision_details.data_content_type   'Structure model' 
_pdbx_audit_revision_details.provider            repository 
_pdbx_audit_revision_details.type                'Initial release' 
_pdbx_audit_revision_details.description         ? 
_pdbx_audit_revision_details.details             ? 
# 
_pdbx_database_status.status_code                     REL 
_pdbx_database_status.status_code_sf                  REL 
_pdbx_database_status.status_code_mr                  ? 
_pdbx_database_status.entry_id                        9UK6 
_pdbx_database_status.recvd_initial_deposition_date   2025-04-17 
_pdbx_database_status.SG_entry                        N 
_pdbx_database_status.deposit_site                    PDBJ 
_pdbx_database_status.process_site                    PDBC 
_pdbx_database_status.status_code_cs                  ? 
_pdbx_database_status.status_code_nmr_data            ? 
_pdbx_database_status.methods_development_category    ? 
_pdbx_database_status.pdb_format_compatible           Y 
# 
_pdbx_contact_author.id                 2 
_pdbx_contact_author.email              qxcai@xmu.edu.cn 
_pdbx_contact_author.name_first         Qixu 
_pdbx_contact_author.name_last          Cai 
_pdbx_contact_author.name_mi            ? 
_pdbx_contact_author.role               'principal investigator/group leader' 
_pdbx_contact_author.identifier_ORCID   0000-0002-4525-4261 
# 
loop_
_audit_author.name 
_audit_author.pdbx_ordinal 
_audit_author.identifier_ORCID 
'Geng, Y.' 1 0000-0003-2728-4691 
'Cai, Q.'  2 0000-0002-4525-4261 
# 
_citation.abstract                  ? 
_citation.abstract_id_CAS           ? 
_citation.book_id_ISBN              ? 
_citation.book_publisher            ? 
_citation.book_publisher_city       ? 
_citation.book_title                ? 
_citation.coordinate_linkage        ? 
_citation.country                   UK 
_citation.database_id_Medline       ? 
_citation.details                   ? 
_citation.id                        primary 
_citation.journal_abbrev            'Nucleic Acids Res.' 
_citation.journal_id_ASTM           NARHAD 
_citation.journal_id_CSD            0389 
_citation.journal_id_ISSN           1362-4962 
_citation.journal_full              ? 
_citation.journal_issue             ? 
_citation.journal_volume            53 
_citation.language                  ? 
_citation.page_first                ? 
_citation.page_last                 ? 
_citation.title                     
'Crystal structures of distinct parallel and antiparallel DNA G-quadruplexes reveal structural polymorphism in C9orf72 G4C2 repeats.' 
_citation.year                      2025 
_citation.database_id_CSD           ? 
_citation.pdbx_database_id_DOI      10.1093/nar/gkaf879 
_citation.pdbx_database_id_PubMed   40930530 
_citation.pdbx_database_id_patent   ? 
_citation.unpublished_flag          ? 
# 
loop_
_citation_author.citation_id 
_citation_author.name 
_citation_author.ordinal 
_citation_author.identifier_ORCID 
primary 'Geng, Y.'   1  ?                   
primary 'Liu, C.'    2  ?                   
primary 'Miao, H.'   3  ?                   
primary 'Suen, M.C.' 4  ?                   
primary 'Xie, Y.'    5  ?                   
primary 'Zhang, B.'  6  ?                   
primary 'Han, W.'    7  ?                   
primary 'Wu, C.'     8  ?                   
primary 'Ren, H.'    9  ?                   
primary 'Chen, X.'   10 ?                   
primary 'Tai, H.C.'  11 ?                   
primary 'Wang, Z.'   12 ?                   
primary 'Zhu, G.'    13 0000-0003-3802-3446 
primary 'Cai, Q.'    14 0000-0002-4525-4261 
# 
loop_
_entity.id 
_entity.type 
_entity.src_method 
_entity.pdbx_description 
_entity.formula_weight 
_entity.pdbx_number_of_molecules 
_entity.pdbx_ec 
_entity.pdbx_mutation 
_entity.pdbx_fragment 
_entity.details 
1 polymer     syn 
;DNA (5'-D(*GP*GP*GP*GP*CP*CP*GP*GP*GP*GP*CP*CP*GP*GP*GP*GP*CP*CP*GP*GP*GP*GP*CP*C)-3')
;
7535.790 1  ? ? ? ? 
2 non-polymer syn 'POTASSIUM ION'                                                                          39.098   4  ? ? ? ? 
3 water       nat water                                                                                    18.015   23 ? ? ? ? 
# 
_entity_poly.entity_id                      1 
_entity_poly.type                           polydeoxyribonucleotide 
_entity_poly.nstd_linkage                   no 
_entity_poly.nstd_monomer                   no 
_entity_poly.pdbx_seq_one_letter_code       
;(DG)(DG)(DG)(DG)(DC)(DC)(DG)(DG)(DG)(DG)(DC)(DC)(DG)(DG)(DG)(DG)(DC)(DC)(DG)(DG)
(DG)(DG)(DC)(DC)
;
_entity_poly.pdbx_seq_one_letter_code_can   GGGGCCGGGGCCGGGGCCGGGGCC 
_entity_poly.pdbx_strand_id                 A 
_entity_poly.pdbx_target_identifier         ? 
# 
loop_
_pdbx_entity_nonpoly.entity_id 
_pdbx_entity_nonpoly.name 
_pdbx_entity_nonpoly.comp_id 
2 'POTASSIUM ION' K   
3 water           HOH 
# 
loop_
_entity_poly_seq.entity_id 
_entity_poly_seq.num 
_entity_poly_seq.mon_id 
_entity_poly_seq.hetero 
1 1  DG n 
1 2  DG n 
1 3  DG n 
1 4  DG n 
1 5  DC n 
1 6  DC n 
1 7  DG n 
1 8  DG n 
1 9  DG n 
1 10 DG n 
1 11 DC n 
1 12 DC n 
1 13 DG n 
1 14 DG n 
1 15 DG n 
1 16 DG n 
1 17 DC n 
1 18 DC n 
1 19 DG n 
1 20 DG n 
1 21 DG n 
1 22 DG n 
1 23 DC n 
1 24 DC n 
# 
_pdbx_entity_src_syn.entity_id              1 
_pdbx_entity_src_syn.pdbx_src_id            1 
_pdbx_entity_src_syn.pdbx_alt_source_flag   sample 
_pdbx_entity_src_syn.pdbx_beg_seq_num       1 
_pdbx_entity_src_syn.pdbx_end_seq_num       24 
_pdbx_entity_src_syn.organism_scientific    'Homo sapiens' 
_pdbx_entity_src_syn.organism_common_name   ? 
_pdbx_entity_src_syn.ncbi_taxonomy_id       9606 
_pdbx_entity_src_syn.details                ? 
# 
loop_
_chem_comp.id 
_chem_comp.type 
_chem_comp.mon_nstd_flag 
_chem_comp.name 
_chem_comp.pdbx_synonyms 
_chem_comp.formula 
_chem_comp.formula_weight 
DC  'DNA linking' y "2'-DEOXYCYTIDINE-5'-MONOPHOSPHATE"  ? 'C9 H14 N3 O7 P'  307.197 
DG  'DNA linking' y "2'-DEOXYGUANOSINE-5'-MONOPHOSPHATE" ? 'C10 H14 N5 O7 P' 347.221 
HOH non-polymer   . WATER                                ? 'H2 O'            18.015  
K   non-polymer   . 'POTASSIUM ION'                      ? 'K 1'             39.098  
# 
loop_
_pdbx_poly_seq_scheme.asym_id 
_pdbx_poly_seq_scheme.entity_id 
_pdbx_poly_seq_scheme.seq_id 
_pdbx_poly_seq_scheme.mon_id 
_pdbx_poly_seq_scheme.ndb_seq_num 
_pdbx_poly_seq_scheme.pdb_seq_num 
_pdbx_poly_seq_scheme.auth_seq_num 
_pdbx_poly_seq_scheme.pdb_mon_id 
_pdbx_poly_seq_scheme.auth_mon_id 
_pdbx_poly_seq_scheme.pdb_strand_id 
_pdbx_poly_seq_scheme.pdb_ins_code 
_pdbx_poly_seq_scheme.hetero 
A 1 1  DG 1  1  1  DG DG A . n 
A 1 2  DG 2  2  2  DG DG A . n 
A 1 3  DG 3  3  3  DG DG A . n 
A 1 4  DG 4  4  4  DG DG A . n 
A 1 5  DC 5  5  5  DC DC A . n 
A 1 6  DC 6  6  6  DC DC A . n 
A 1 7  DG 7  7  7  DG DG A . n 
A 1 8  DG 8  8  8  DG DG A . n 
A 1 9  DG 9  9  9  DG DG A . n 
A 1 10 DG 10 10 10 DG DG A . n 
A 1 11 DC 11 11 11 DC DC A . n 
A 1 12 DC 12 12 12 DC DC A . n 
A 1 13 DG 13 13 13 DG DG A . n 
A 1 14 DG 14 14 14 DG DG A . n 
A 1 15 DG 15 15 15 DG DG A . n 
A 1 16 DG 16 16 16 DG DG A . n 
A 1 17 DC 17 17 17 DC DC A . n 
A 1 18 DC 18 18 18 DC DC A . n 
A 1 19 DG 19 19 19 DG DG A . n 
A 1 20 DG 20 20 20 DG DG A . n 
A 1 21 DG 21 21 21 DG DG A . n 
A 1 22 DG 22 22 22 DG DG A . n 
A 1 23 DC 23 23 23 DC DC A . n 
A 1 24 DC 24 24 24 DC DC A . n 
# 
loop_
_pdbx_nonpoly_scheme.asym_id 
_pdbx_nonpoly_scheme.entity_id 
_pdbx_nonpoly_scheme.mon_id 
_pdbx_nonpoly_scheme.ndb_seq_num 
_pdbx_nonpoly_scheme.pdb_seq_num 
_pdbx_nonpoly_scheme.auth_seq_num 
_pdbx_nonpoly_scheme.pdb_mon_id 
_pdbx_nonpoly_scheme.auth_mon_id 
_pdbx_nonpoly_scheme.pdb_strand_id 
_pdbx_nonpoly_scheme.pdb_ins_code 
B 2 K   1  101 1  K   K   A . 
C 2 K   1  102 2  K   K   A . 
D 2 K   1  103 3  K   K   A . 
E 2 K   1  104 4  K   K   A . 
F 3 HOH 1  201 28 HOH HOH A . 
F 3 HOH 2  202 29 HOH HOH A . 
F 3 HOH 3  203 8  HOH HOH A . 
F 3 HOH 4  204 5  HOH HOH A . 
F 3 HOH 5  205 11 HOH HOH A . 
F 3 HOH 6  206 23 HOH HOH A . 
F 3 HOH 7  207 7  HOH HOH A . 
F 3 HOH 8  208 30 HOH HOH A . 
F 3 HOH 9  209 10 HOH HOH A . 
F 3 HOH 10 210 4  HOH HOH A . 
F 3 HOH 11 211 14 HOH HOH A . 
F 3 HOH 12 212 9  HOH HOH A . 
F 3 HOH 13 213 12 HOH HOH A . 
F 3 HOH 14 214 16 HOH HOH A . 
F 3 HOH 15 215 6  HOH HOH A . 
F 3 HOH 16 216 3  HOH HOH A . 
F 3 HOH 17 217 21 HOH HOH A . 
F 3 HOH 18 218 22 HOH HOH A . 
F 3 HOH 19 219 26 HOH HOH A . 
F 3 HOH 20 220 20 HOH HOH A . 
F 3 HOH 21 221 24 HOH HOH A . 
F 3 HOH 22 222 19 HOH HOH A . 
F 3 HOH 23 223 25 HOH HOH A . 
# 
loop_
_software.citation_id 
_software.classification 
_software.compiler_name 
_software.compiler_version 
_software.contact_author 
_software.contact_author_email 
_software.date 
_software.description 
_software.dependencies 
_software.hardware 
_software.language 
_software.location 
_software.mods 
_software.name 
_software.os 
_software.os_version 
_software.type 
_software.version 
_software.pdbx_reference_DOI 
_software.pdbx_ordinal 
? refinement        ? ? ? ? ? ? ? ? ? ? ? REFMAC      ? ? ? 5.8.0430 ? 1 
? 'data scaling'    ? ? ? ? ? ? ? ? ? ? ? XDS         ? ? ? .        ? 2 
? 'data reduction'  ? ? ? ? ? ? ? ? ? ? ? XDS         ? ? ? .        ? 3 
? phasing           ? ? ? ? ? ? ? ? ? ? ? PHASER      ? ? ? .        ? 4 
? 'data extraction' ? ? ? ? ? ? ? ? ? ? ? PDB_EXTRACT ? ? ? .        ? 5 
# 
_cell.angle_alpha                  90.00 
_cell.angle_alpha_esd              ? 
_cell.angle_beta                   90.00 
_cell.angle_beta_esd               ? 
_cell.angle_gamma                  90.00 
_cell.angle_gamma_esd              ? 
_cell.entry_id                     9UK6 
_cell.details                      ? 
_cell.formula_units_Z              ? 
_cell.length_a                     64.036 
_cell.length_a_esd                 ? 
_cell.length_b                     64.036 
_cell.length_b_esd                 ? 
_cell.length_c                     33.293 
_cell.length_c_esd                 ? 
_cell.volume                       ? 
_cell.volume_esd                   ? 
_cell.Z_PDB                        8 
_cell.reciprocal_angle_alpha       ? 
_cell.reciprocal_angle_beta        ? 
_cell.reciprocal_angle_gamma       ? 
_cell.reciprocal_angle_alpha_esd   ? 
_cell.reciprocal_angle_beta_esd    ? 
_cell.reciprocal_angle_gamma_esd   ? 
_cell.reciprocal_length_a          ? 
_cell.reciprocal_length_b          ? 
_cell.reciprocal_length_c          ? 
_cell.reciprocal_length_a_esd      ? 
_cell.reciprocal_length_b_esd      ? 
_cell.reciprocal_length_c_esd      ? 
_cell.pdbx_unique_axis             ? 
_cell.pdbx_esd_method              ? 
# 
_symmetry.entry_id                         9UK6 
_symmetry.cell_setting                     ? 
_symmetry.Int_Tables_number                80 
_symmetry.space_group_name_Hall            ? 
_symmetry.space_group_name_H-M             'I 41' 
_symmetry.pdbx_full_space_group_name_H-M   ? 
# 
_exptl.absorpt_coefficient_mu     ? 
_exptl.absorpt_correction_T_max   ? 
_exptl.absorpt_correction_T_min   ? 
_exptl.absorpt_correction_type    ? 
_exptl.absorpt_process_details    ? 
_exptl.entry_id                   9UK6 
_exptl.crystals_number            1 
_exptl.details                    ? 
_exptl.method                     'X-RAY DIFFRACTION' 
_exptl.method_details             ? 
# 
_exptl_crystal.colour                       ? 
_exptl_crystal.density_diffrn               ? 
_exptl_crystal.density_Matthews             2.26 
_exptl_crystal.density_method               ? 
_exptl_crystal.density_percent_sol          45.68 
_exptl_crystal.description                  ? 
_exptl_crystal.F_000                        ? 
_exptl_crystal.id                           1 
_exptl_crystal.preparation                  ? 
_exptl_crystal.size_max                     ? 
_exptl_crystal.size_mid                     ? 
_exptl_crystal.size_min                     ? 
_exptl_crystal.size_rad                     ? 
_exptl_crystal.colour_lustre                ? 
_exptl_crystal.colour_modifier              ? 
_exptl_crystal.colour_primary               ? 
_exptl_crystal.density_meas                 ? 
_exptl_crystal.density_meas_esd             ? 
_exptl_crystal.density_meas_gt              ? 
_exptl_crystal.density_meas_lt              ? 
_exptl_crystal.density_meas_temp            ? 
_exptl_crystal.density_meas_temp_esd        ? 
_exptl_crystal.density_meas_temp_gt         ? 
_exptl_crystal.density_meas_temp_lt         ? 
_exptl_crystal.pdbx_crystal_image_url       ? 
_exptl_crystal.pdbx_crystal_image_format    ? 
_exptl_crystal.pdbx_mosaicity               ? 
_exptl_crystal.pdbx_mosaicity_esd           ? 
_exptl_crystal.pdbx_mosaic_method           ? 
_exptl_crystal.pdbx_mosaic_block_size       ? 
_exptl_crystal.pdbx_mosaic_block_size_esd   ? 
# 
_exptl_crystal_grow.apparatus       ? 
_exptl_crystal_grow.atmosphere      ? 
_exptl_crystal_grow.crystal_id      1 
_exptl_crystal_grow.details         ? 
_exptl_crystal_grow.method          'VAPOR DIFFUSION, SITTING DROP' 
_exptl_crystal_grow.method_ref      ? 
_exptl_crystal_grow.pH              6.0 
_exptl_crystal_grow.pressure        ? 
_exptl_crystal_grow.pressure_esd    ? 
_exptl_crystal_grow.seeding         ? 
_exptl_crystal_grow.seeding_ref     ? 
_exptl_crystal_grow.temp_details    ? 
_exptl_crystal_grow.temp_esd        ? 
_exptl_crystal_grow.time            ? 
_exptl_crystal_grow.pdbx_details    
'0.1 M Potassium chloride, 0.05 M Sodium cacodylate trihydrate at pH 6.0, 16% w/v Polyethylene glycol 1,000, and 0.0005 M Spermine' 
_exptl_crystal_grow.pdbx_pH_range   ? 
_exptl_crystal_grow.temp            289 
# 
_diffrn.ambient_environment              ? 
_diffrn.ambient_temp                     100 
_diffrn.ambient_temp_details             ? 
_diffrn.ambient_temp_esd                 ? 
_diffrn.crystal_id                       1 
_diffrn.crystal_support                  ? 
_diffrn.crystal_treatment                ? 
_diffrn.details                          ? 
_diffrn.id                               1 
_diffrn.ambient_pressure                 ? 
_diffrn.ambient_pressure_esd             ? 
_diffrn.ambient_pressure_gt              ? 
_diffrn.ambient_pressure_lt              ? 
_diffrn.ambient_temp_gt                  ? 
_diffrn.ambient_temp_lt                  ? 
_diffrn.pdbx_serial_crystal_experiment   N 
# 
_diffrn_detector.details                      ? 
_diffrn_detector.detector                     PIXEL 
_diffrn_detector.diffrn_id                    1 
_diffrn_detector.type                         'DECTRIS PILATUS3 R 1M' 
_diffrn_detector.area_resol_mean              ? 
_diffrn_detector.dtime                        ? 
_diffrn_detector.pdbx_frames_total            ? 
_diffrn_detector.pdbx_collection_time_total   ? 
_diffrn_detector.pdbx_collection_date         2024-05-26 
_diffrn_detector.pdbx_frequency               ? 
_diffrn_detector.id                           ? 
_diffrn_detector.number_of_axes               ? 
# 
_diffrn_radiation.collimation                      ? 
_diffrn_radiation.diffrn_id                        1 
_diffrn_radiation.filter_edge                      ? 
_diffrn_radiation.inhomogeneity                    ? 
_diffrn_radiation.monochromator                    ? 
_diffrn_radiation.polarisn_norm                    ? 
_diffrn_radiation.polarisn_ratio                   ? 
_diffrn_radiation.probe                            ? 
_diffrn_radiation.type                             ? 
_diffrn_radiation.xray_symbol                      ? 
_diffrn_radiation.wavelength_id                    1 
_diffrn_radiation.pdbx_monochromatic_or_laue_m_l   M 
_diffrn_radiation.pdbx_wavelength_list             ? 
_diffrn_radiation.pdbx_wavelength                  ? 
_diffrn_radiation.pdbx_diffrn_protocol             'SINGLE WAVELENGTH' 
_diffrn_radiation.pdbx_analyzer                    ? 
_diffrn_radiation.pdbx_scattering_type             x-ray 
# 
_diffrn_radiation_wavelength.id           1 
_diffrn_radiation_wavelength.wavelength   0.91776 
_diffrn_radiation_wavelength.wt           1.0 
# 
_diffrn_source.current                     ? 
_diffrn_source.details                     ? 
_diffrn_source.diffrn_id                   1 
_diffrn_source.power                       ? 
_diffrn_source.size                        ? 
_diffrn_source.source                      SYNCHROTRON 
_diffrn_source.target                      ? 
_diffrn_source.type                        'SSRF BEAMLINE BL19U1' 
_diffrn_source.voltage                     ? 
_diffrn_source.take-off_angle              ? 
_diffrn_source.pdbx_wavelength_list        0.91776 
_diffrn_source.pdbx_wavelength             ? 
_diffrn_source.pdbx_synchrotron_beamline   BL19U1 
_diffrn_source.pdbx_synchrotron_site       SSRF 
# 
_reflns.B_iso_Wilson_estimate                          ? 
_reflns.entry_id                                       9UK6 
_reflns.data_reduction_details                         ? 
_reflns.data_reduction_method                          ? 
_reflns.d_resolution_high                              1.94 
_reflns.d_resolution_low                               50 
_reflns.details                                        ? 
_reflns.limit_h_max                                    ? 
_reflns.limit_h_min                                    ? 
_reflns.limit_k_max                                    ? 
_reflns.limit_k_min                                    ? 
_reflns.limit_l_max                                    ? 
_reflns.limit_l_min                                    ? 
_reflns.number_all                                     ? 
_reflns.number_obs                                     5104 
_reflns.observed_criterion                             ? 
_reflns.observed_criterion_F_max                       ? 
_reflns.observed_criterion_F_min                       ? 
_reflns.observed_criterion_I_max                       ? 
_reflns.observed_criterion_I_min                       ? 
_reflns.observed_criterion_sigma_F                     ? 
_reflns.observed_criterion_sigma_I                     ? 
_reflns.percent_possible_obs                           99.8 
_reflns.R_free_details                                 ? 
_reflns.Rmerge_F_all                                   ? 
_reflns.Rmerge_F_obs                                   ? 
_reflns.Friedel_coverage                               ? 
_reflns.number_gt                                      ? 
_reflns.threshold_expression                           ? 
_reflns.pdbx_redundancy                                12.76 
_reflns.pdbx_netI_over_av_sigmaI                       ? 
_reflns.pdbx_netI_over_sigmaI                          12.16 
_reflns.pdbx_res_netI_over_av_sigmaI_2                 ? 
_reflns.pdbx_res_netI_over_sigmaI_2                    ? 
_reflns.pdbx_chi_squared                               ? 
_reflns.pdbx_scaling_rejects                           ? 
_reflns.pdbx_d_res_high_opt                            ? 
_reflns.pdbx_d_res_low_opt                             ? 
_reflns.pdbx_d_res_opt_method                          ? 
_reflns.phase_calculation_details                      ? 
_reflns.pdbx_Rrim_I_all                                0.154 
_reflns.pdbx_Rpim_I_all                                ? 
_reflns.pdbx_d_opt                                     ? 
_reflns.pdbx_number_measured_all                       ? 
_reflns.pdbx_diffrn_id                                 1 
_reflns.pdbx_ordinal                                   1 
_reflns.pdbx_CC_half                                   0.999 
_reflns.pdbx_CC_star                                   ? 
_reflns.pdbx_R_split                                   ? 
_reflns.pdbx_Rmerge_I_obs                              0.148 
_reflns.pdbx_Rmerge_I_all                              ? 
_reflns.pdbx_Rsym_value                                ? 
_reflns.pdbx_CC_split_method                           ? 
_reflns.pdbx_aniso_diffraction_limit_axis_1_ortho[1]   ? 
_reflns.pdbx_aniso_diffraction_limit_axis_1_ortho[2]   ? 
_reflns.pdbx_aniso_diffraction_limit_axis_1_ortho[3]   ? 
_reflns.pdbx_aniso_diffraction_limit_axis_2_ortho[1]   ? 
_reflns.pdbx_aniso_diffraction_limit_axis_2_ortho[2]   ? 
_reflns.pdbx_aniso_diffraction_limit_axis_2_ortho[3]   ? 
_reflns.pdbx_aniso_diffraction_limit_axis_3_ortho[1]   ? 
_reflns.pdbx_aniso_diffraction_limit_axis_3_ortho[2]   ? 
_reflns.pdbx_aniso_diffraction_limit_axis_3_ortho[3]   ? 
_reflns.pdbx_aniso_diffraction_limit_1                 ? 
_reflns.pdbx_aniso_diffraction_limit_2                 ? 
_reflns.pdbx_aniso_diffraction_limit_3                 ? 
_reflns.pdbx_aniso_B_tensor_eigenvector_1_ortho[1]     ? 
_reflns.pdbx_aniso_B_tensor_eigenvector_1_ortho[2]     ? 
_reflns.pdbx_aniso_B_tensor_eigenvector_1_ortho[3]     ? 
_reflns.pdbx_aniso_B_tensor_eigenvector_2_ortho[1]     ? 
_reflns.pdbx_aniso_B_tensor_eigenvector_2_ortho[2]     ? 
_reflns.pdbx_aniso_B_tensor_eigenvector_2_ortho[3]     ? 
_reflns.pdbx_aniso_B_tensor_eigenvector_3_ortho[1]     ? 
_reflns.pdbx_aniso_B_tensor_eigenvector_3_ortho[2]     ? 
_reflns.pdbx_aniso_B_tensor_eigenvector_3_ortho[3]     ? 
_reflns.pdbx_aniso_B_tensor_eigenvalue_1               ? 
_reflns.pdbx_aniso_B_tensor_eigenvalue_2               ? 
_reflns.pdbx_aniso_B_tensor_eigenvalue_3               ? 
_reflns.pdbx_orthogonalization_convention              ? 
_reflns.pdbx_percent_possible_ellipsoidal              ? 
_reflns.pdbx_percent_possible_spherical                ? 
_reflns.pdbx_percent_possible_ellipsoidal_anomalous    ? 
_reflns.pdbx_percent_possible_spherical_anomalous      ? 
_reflns.pdbx_redundancy_anomalous                      ? 
_reflns.pdbx_CC_half_anomalous                         ? 
_reflns.pdbx_absDiff_over_sigma_anomalous              ? 
_reflns.pdbx_percent_possible_anomalous                ? 
_reflns.pdbx_observed_signal_threshold                 ? 
_reflns.pdbx_signal_type                               ? 
_reflns.pdbx_signal_details                            ? 
_reflns.pdbx_signal_software_id                        ? 
# 
loop_
_reflns_shell.d_res_high 
_reflns_shell.d_res_low 
_reflns_shell.meanI_over_sigI_all 
_reflns_shell.meanI_over_sigI_obs 
_reflns_shell.number_measured_all 
_reflns_shell.number_measured_obs 
_reflns_shell.number_possible 
_reflns_shell.number_unique_all 
_reflns_shell.number_unique_obs 
_reflns_shell.percent_possible_obs 
_reflns_shell.Rmerge_F_all 
_reflns_shell.Rmerge_F_obs 
_reflns_shell.meanI_over_sigI_gt 
_reflns_shell.meanI_over_uI_all 
_reflns_shell.meanI_over_uI_gt 
_reflns_shell.number_measured_gt 
_reflns_shell.number_unique_gt 
_reflns_shell.percent_possible_gt 
_reflns_shell.Rmerge_F_gt 
_reflns_shell.Rmerge_I_gt 
_reflns_shell.pdbx_redundancy 
_reflns_shell.pdbx_chi_squared 
_reflns_shell.pdbx_netI_over_sigmaI_all 
_reflns_shell.pdbx_netI_over_sigmaI_obs 
_reflns_shell.pdbx_Rrim_I_all 
_reflns_shell.pdbx_Rpim_I_all 
_reflns_shell.pdbx_rejects 
_reflns_shell.pdbx_ordinal 
_reflns_shell.pdbx_diffrn_id 
_reflns_shell.pdbx_CC_half 
_reflns_shell.pdbx_CC_star 
_reflns_shell.pdbx_R_split 
_reflns_shell.percent_possible_all 
_reflns_shell.Rmerge_I_all 
_reflns_shell.Rmerge_I_obs 
_reflns_shell.pdbx_Rsym_value 
_reflns_shell.pdbx_percent_possible_ellipsoidal 
_reflns_shell.pdbx_percent_possible_spherical 
_reflns_shell.pdbx_percent_possible_ellipsoidal_anomalous 
_reflns_shell.pdbx_percent_possible_spherical_anomalous 
_reflns_shell.pdbx_redundancy_anomalous 
_reflns_shell.pdbx_CC_half_anomalous 
_reflns_shell.pdbx_absDiff_over_sigma_anomalous 
_reflns_shell.pdbx_percent_possible_anomalous 
1.94 2.06 ? 1.14  ? ? ? ? 809 ? ? ? ? ? ? ? ? ? ? ? 13.52 ? ? ? 2.511 ? ? 1 1 0.507 ? ? 99.4 ? 2.417 ? ? ? ? ? ? ? ? ? 
2.06 2.20 ? 2.61  ? ? ? ? 778 ? ? ? ? ? ? ? ? ? ? ? 13.40 ? ? ? 1.143 ? ? 2 1 0.857 ? ? 100  ? 1.099 ? ? ? ? ? ? ? ? ? 
2.20 2.37 ? 3.90  ? ? ? ? 705 ? ? ? ? ? ? ? ? ? ? ? 12.95 ? ? ? 0.721 ? ? 3 1 0.949 ? ? 100  ? 0.692 ? ? ? ? ? ? ? ? ? 
2.37 2.60 ? 7.31  ? ? ? ? 655 ? ? ? ? ? ? ? ? ? ? ? 12.65 ? ? ? 0.362 ? ? 4 1 0.986 ? ? 100  ? 0.347 ? ? ? ? ? ? ? ? ? 
2.60 2.91 ? 10.92 ? ? ? ? 606 ? ? ? ? ? ? ? ? ? ? ? 12.99 ? ? ? 0.240 ? ? 5 1 0.994 ? ? 100  ? 0.231 ? ? ? ? ? ? ? ? ? 
2.91 3.35 ? 19.73 ? ? ? ? 536 ? ? ? ? ? ? ? ? ? ? ? 12.16 ? ? ? 0.083 ? ? 6 1 1     ? ? 100  ? 0.08  ? ? ? ? ? ? ? ? ? 
3.35 4.10 ? 28.79 ? ? ? ? 453 ? ? ? ? ? ? ? ? ? ? ? 12.83 ? ? ? 0.075 ? ? 7 1 0.999 ? ? 100  ? 0.072 ? ? ? ? ? ? ? ? ? 
4.10 5.78 ? 37.10 ? ? ? ? 351 ? ? ? ? ? ? ? ? ? ? ? 11.60 ? ? ? 0.063 ? ? 8 1 0.998 ? ? 100  ? 0.06  ? ? ? ? ? ? ? ? ? 
5.78 50   ? 39.50 ? ? ? ? 211 ? ? ? ? ? ? ? ? ? ? ? 9.89  ? ? ? 0.057 ? ? 9 1 1     ? ? 98.6 ? 0.054 ? ? ? ? ? ? ? ? ? 
# 
_refine.aniso_B[1][1]                            -1.80 
_refine.aniso_B[1][2]                            0.00 
_refine.aniso_B[1][3]                            0.00 
_refine.aniso_B[2][2]                            -1.80 
_refine.aniso_B[2][3]                            0.00 
_refine.aniso_B[3][3]                            3.59 
_refine.B_iso_max                                ? 
_refine.B_iso_mean                               47.412 
_refine.B_iso_min                                ? 
_refine.correlation_coeff_Fo_to_Fc               0.957 
_refine.correlation_coeff_Fo_to_Fc_free          0.949 
_refine.details                                  
;U VALUES : WITH TLS ADDED
HYDROGENS HAVE BEEN USED IF PRESENT IN THE INPUT
U VALUES : RESIDUAL ONLY
;
_refine.diff_density_max                         ? 
_refine.diff_density_max_esd                     ? 
_refine.diff_density_min                         ? 
_refine.diff_density_min_esd                     ? 
_refine.diff_density_rms                         ? 
_refine.diff_density_rms_esd                     ? 
_refine.entry_id                                 9UK6 
_refine.pdbx_refine_id                           'X-RAY DIFFRACTION' 
_refine.ls_abs_structure_details                 ? 
_refine.ls_abs_structure_Flack                   ? 
_refine.ls_abs_structure_Flack_esd               ? 
_refine.ls_abs_structure_Rogers                  ? 
_refine.ls_abs_structure_Rogers_esd              ? 
_refine.ls_d_res_high                            1.94 
_refine.ls_d_res_low                             29.56 
_refine.ls_extinction_coef                       ? 
_refine.ls_extinction_coef_esd                   ? 
_refine.ls_extinction_expression                 ? 
_refine.ls_extinction_method                     ? 
_refine.ls_goodness_of_fit_all                   ? 
_refine.ls_goodness_of_fit_all_esd               ? 
_refine.ls_goodness_of_fit_obs                   ? 
_refine.ls_goodness_of_fit_obs_esd               ? 
_refine.ls_hydrogen_treatment                    ? 
_refine.ls_matrix_type                           ? 
_refine.ls_number_constraints                    ? 
_refine.ls_number_parameters                     ? 
_refine.ls_number_reflns_all                     ? 
_refine.ls_number_reflns_obs                     4591 
_refine.ls_number_reflns_R_free                  512 
_refine.ls_number_reflns_R_work                  ? 
_refine.ls_number_restraints                     ? 
_refine.ls_percent_reflns_obs                    99.84 
_refine.ls_percent_reflns_R_free                 10.0 
_refine.ls_R_factor_all                          ? 
_refine.ls_R_factor_obs                          0.24635 
_refine.ls_R_factor_R_free                       0.28380 
_refine.ls_R_factor_R_free_error                 ? 
_refine.ls_R_factor_R_free_error_details         ? 
_refine.ls_R_factor_R_work                       0.24222 
_refine.ls_R_Fsqd_factor_obs                     ? 
_refine.ls_R_I_factor_obs                        ? 
_refine.ls_redundancy_reflns_all                 ? 
_refine.ls_redundancy_reflns_obs                 ? 
_refine.ls_restrained_S_all                      ? 
_refine.ls_restrained_S_obs                      ? 
_refine.ls_shift_over_esd_max                    ? 
_refine.ls_shift_over_esd_mean                   ? 
_refine.ls_structure_factor_coef                 ? 
_refine.ls_weighting_details                     ? 
_refine.ls_weighting_scheme                      ? 
_refine.ls_wR_factor_all                         ? 
_refine.ls_wR_factor_obs                         ? 
_refine.ls_wR_factor_R_free                      ? 
_refine.ls_wR_factor_R_work                      ? 
_refine.occupancy_max                            ? 
_refine.occupancy_min                            ? 
_refine.solvent_model_details                    MASK 
_refine.solvent_model_param_bsol                 ? 
_refine.solvent_model_param_ksol                 ? 
_refine.correlation_coeff_I_to_Fcsqd_work        ? 
_refine.correlation_coeff_I_to_Fcsqd_free        ? 
_refine.pdbx_R_complete                          ? 
_refine.ls_R_factor_gt                           ? 
_refine.ls_goodness_of_fit_gt                    ? 
_refine.ls_goodness_of_fit_ref                   ? 
_refine.ls_shift_over_su_max                     ? 
_refine.ls_shift_over_su_max_lt                  ? 
_refine.ls_shift_over_su_mean                    ? 
_refine.ls_shift_over_su_mean_lt                 ? 
_refine.pdbx_ls_sigma_I                          ? 
_refine.pdbx_ls_sigma_F                          ? 
_refine.pdbx_ls_sigma_Fsqd                       ? 
_refine.pdbx_data_cutoff_high_absF               ? 
_refine.pdbx_data_cutoff_high_rms_absF           ? 
_refine.pdbx_data_cutoff_low_absF                ? 
_refine.pdbx_isotropic_thermal_model             ? 
_refine.pdbx_ls_cross_valid_method               THROUGHOUT 
_refine.pdbx_method_to_determine_struct          'MOLECULAR REPLACEMENT' 
_refine.pdbx_starting_model                      7ECG 
_refine.pdbx_stereochemistry_target_values       'MAXIMUM LIKELIHOOD' 
_refine.pdbx_R_Free_selection_details            RANDOM 
_refine.pdbx_stereochem_target_val_spec_case     ? 
_refine.pdbx_overall_ESU_R                       0.225 
_refine.pdbx_overall_ESU_R_Free                  0.193 
_refine.pdbx_solvent_vdw_probe_radii             1.00 
_refine.pdbx_solvent_ion_probe_radii             0.80 
_refine.pdbx_solvent_shrinkage_radii             0.80 
_refine.pdbx_real_space_R                        ? 
_refine.pdbx_density_correlation                 ? 
_refine.pdbx_pd_number_of_powder_patterns        ? 
_refine.pdbx_pd_number_of_points                 ? 
_refine.pdbx_pd_meas_number_of_points            ? 
_refine.pdbx_pd_proc_ls_prof_R_factor            ? 
_refine.pdbx_pd_proc_ls_prof_wR_factor           ? 
_refine.pdbx_pd_Marquardt_correlation_coeff      ? 
_refine.pdbx_pd_Fsqrd_R_factor                   ? 
_refine.pdbx_pd_ls_matrix_band_width             ? 
_refine.pdbx_overall_phase_error                 ? 
_refine.pdbx_overall_SU_R_free_Cruickshank_DPI   ? 
_refine.pdbx_overall_SU_R_free_Blow_DPI          ? 
_refine.pdbx_overall_SU_R_Blow_DPI               ? 
_refine.pdbx_TLS_residual_ADP_flag               ? 
_refine.pdbx_diffrn_id                           1 
_refine.overall_SU_B                             12.191 
_refine.overall_SU_ML                            0.192 
_refine.overall_SU_R_Cruickshank_DPI             ? 
_refine.overall_SU_R_free                        ? 
_refine.overall_FOM_free_R_set                   ? 
_refine.overall_FOM_work_R_set                   ? 
_refine.pdbx_average_fsc_overall                 ? 
_refine.pdbx_average_fsc_work                    ? 
_refine.pdbx_average_fsc_free                    ? 
# 
_refine_hist.pdbx_refine_id                   'X-RAY DIFFRACTION' 
_refine_hist.cycle_id                         LAST 
_refine_hist.details                          ? 
_refine_hist.d_res_high                       1.94 
_refine_hist.d_res_low                        29.56 
_refine_hist.number_atoms_solvent             23 
_refine_hist.number_atoms_total               528 
_refine_hist.number_reflns_all                ? 
_refine_hist.number_reflns_obs                ? 
_refine_hist.number_reflns_R_free             ? 
_refine_hist.number_reflns_R_work             ? 
_refine_hist.R_factor_all                     ? 
_refine_hist.R_factor_obs                     ? 
_refine_hist.R_factor_R_free                  ? 
_refine_hist.R_factor_R_work                  ? 
_refine_hist.pdbx_number_residues_total       ? 
_refine_hist.pdbx_B_iso_mean_ligand           ? 
_refine_hist.pdbx_B_iso_mean_solvent          ? 
_refine_hist.pdbx_number_atoms_protein        0 
_refine_hist.pdbx_number_atoms_nucleic_acid   501 
_refine_hist.pdbx_number_atoms_ligand         4 
_refine_hist.pdbx_number_atoms_lipid          ? 
_refine_hist.pdbx_number_atoms_carb           ? 
_refine_hist.pdbx_pseudo_atom_details         ? 
# 
loop_
_refine_ls_restr.pdbx_refine_id 
_refine_ls_restr.criterion 
_refine_ls_restr.dev_ideal 
_refine_ls_restr.dev_ideal_target 
_refine_ls_restr.number 
_refine_ls_restr.rejects 
_refine_ls_restr.type 
_refine_ls_restr.weight 
_refine_ls_restr.pdbx_Zscore 
_refine_ls_restr.pdbx_restraint_function 
'X-RAY DIFFRACTION' ? 0.003 0.009  564  ? r_bond_refined_d       ? ? ? 
'X-RAY DIFFRACTION' ? 0.001 0.017  264  ? r_bond_other_d         ? ? ? 
'X-RAY DIFFRACTION' ? 1.394 1.325  872  ? r_angle_refined_deg    ? ? ? 
'X-RAY DIFFRACTION' ? 0.439 1.577  624  ? r_angle_other_deg      ? ? ? 
'X-RAY DIFFRACTION' ? 0.044 0.200  95   ? r_chiral_restr         ? ? ? 
'X-RAY DIFFRACTION' ? 0.010 0.020  312  ? r_gen_planes_refined   ? ? ? 
'X-RAY DIFFRACTION' ? 0.001 0.020  96   ? r_gen_planes_other     ? ? ? 
'X-RAY DIFFRACTION' ? 4.471 2.929  564  ? r_scbond_it            ? ? ? 
'X-RAY DIFFRACTION' ? 4.467 2.930  565  ? r_scbond_other         ? ? ? 
'X-RAY DIFFRACTION' ? 6.906 5.285  873  ? r_scangle_other        ? ? ? 
'X-RAY DIFFRACTION' ? 6.738 43.210 2889 ? r_long_range_B_refined ? ? ? 
'X-RAY DIFFRACTION' ? 6.740 43.220 2886 ? r_long_range_B_other   ? ? ? 
# 
_refine_ls_shell.pdbx_refine_id                      'X-RAY DIFFRACTION' 
_refine_ls_shell.d_res_high                          1.940 
_refine_ls_shell.d_res_low                           1.990 
_refine_ls_shell.number_reflns_all                   ? 
_refine_ls_shell.number_reflns_obs                   ? 
_refine_ls_shell.number_reflns_R_free                47 
_refine_ls_shell.number_reflns_R_work                315 
_refine_ls_shell.percent_reflns_obs                  98.64 
_refine_ls_shell.percent_reflns_R_free               ? 
_refine_ls_shell.R_factor_all                        ? 
_refine_ls_shell.R_factor_obs                        ? 
_refine_ls_shell.R_factor_R_free_error               ? 
_refine_ls_shell.R_factor_R_work                     0.495 
_refine_ls_shell.redundancy_reflns_all               ? 
_refine_ls_shell.redundancy_reflns_obs               ? 
_refine_ls_shell.wR_factor_all                       ? 
_refine_ls_shell.wR_factor_obs                       ? 
_refine_ls_shell.wR_factor_R_free                    ? 
_refine_ls_shell.wR_factor_R_work                    ? 
_refine_ls_shell.pdbx_R_complete                     ? 
_refine_ls_shell.correlation_coeff_Fo_to_Fc          ? 
_refine_ls_shell.correlation_coeff_Fo_to_Fc_free     ? 
_refine_ls_shell.correlation_coeff_I_to_Fcsqd_work   ? 
_refine_ls_shell.correlation_coeff_I_to_Fcsqd_free   ? 
_refine_ls_shell.pdbx_total_number_of_bins_used      20 
_refine_ls_shell.pdbx_phase_error                    ? 
_refine_ls_shell.pdbx_fsc_work                       ? 
_refine_ls_shell.pdbx_fsc_free                       ? 
_refine_ls_shell.R_factor_R_free                     0.632 
# 
_struct.entry_id                     9UK6 
_struct.title                        'Dimeric parallel G-quadruplex formed by d(G4C2)4' 
_struct.pdbx_model_details           ? 
_struct.pdbx_formula_weight          ? 
_struct.pdbx_formula_weight_method   ? 
_struct.pdbx_model_type_details      ? 
_struct.pdbx_CASP_flag               N 
# 
_struct_keywords.entry_id        9UK6 
_struct_keywords.text            'G-quadruplex, DNA' 
_struct_keywords.pdbx_keywords   DNA 
# 
loop_
_struct_asym.id 
_struct_asym.pdbx_blank_PDB_chainid_flag 
_struct_asym.pdbx_modified 
_struct_asym.entity_id 
_struct_asym.details 
A N N 1 ? 
B N N 2 ? 
C N N 2 ? 
D N N 2 ? 
E N N 2 ? 
F N N 3 ? 
# 
_struct_ref.id                         1 
_struct_ref.db_name                    PDB 
_struct_ref.db_code                    9UK6 
_struct_ref.pdbx_db_accession          9UK6 
_struct_ref.pdbx_db_isoform            ? 
_struct_ref.entity_id                  1 
_struct_ref.pdbx_seq_one_letter_code   ? 
_struct_ref.pdbx_align_begin           1 
# 
_struct_ref_seq.align_id                      1 
_struct_ref_seq.ref_id                        1 
_struct_ref_seq.pdbx_PDB_id_code              9UK6 
_struct_ref_seq.pdbx_strand_id                A 
_struct_ref_seq.seq_align_beg                 1 
_struct_ref_seq.pdbx_seq_align_beg_ins_code   ? 
_struct_ref_seq.seq_align_end                 24 
_struct_ref_seq.pdbx_seq_align_end_ins_code   ? 
_struct_ref_seq.pdbx_db_accession             9UK6 
_struct_ref_seq.db_align_beg                  1 
_struct_ref_seq.pdbx_db_align_beg_ins_code    ? 
_struct_ref_seq.db_align_end                  24 
_struct_ref_seq.pdbx_db_align_end_ins_code    ? 
_struct_ref_seq.pdbx_auth_seq_align_beg       1 
_struct_ref_seq.pdbx_auth_seq_align_end       24 
# 
_pdbx_struct_assembly.id                   1 
_pdbx_struct_assembly.details              author_defined_assembly 
_pdbx_struct_assembly.method_details       ? 
_pdbx_struct_assembly.oligomeric_details   dimeric 
_pdbx_struct_assembly.oligomeric_count     2 
# 
loop_
_pdbx_struct_assembly_gen.assembly_id 
_pdbx_struct_assembly_gen.oper_expression 
_pdbx_struct_assembly_gen.asym_id_list 
1 1 A,B,C,D,E,F 
1 2 A,B,C,D,E,F 
# 
_pdbx_struct_assembly_auth_evidence.id                     1 
_pdbx_struct_assembly_auth_evidence.assembly_id            1 
_pdbx_struct_assembly_auth_evidence.experimental_support   'light scattering' 
_pdbx_struct_assembly_auth_evidence.details                ? 
# 
loop_
_pdbx_struct_oper_list.id 
_pdbx_struct_oper_list.type 
_pdbx_struct_oper_list.name 
_pdbx_struct_oper_list.symmetry_operation 
_pdbx_struct_oper_list.matrix[1][1] 
_pdbx_struct_oper_list.matrix[1][2] 
_pdbx_struct_oper_list.matrix[1][3] 
_pdbx_struct_oper_list.vector[1] 
_pdbx_struct_oper_list.matrix[2][1] 
_pdbx_struct_oper_list.matrix[2][2] 
_pdbx_struct_oper_list.matrix[2][3] 
_pdbx_struct_oper_list.vector[2] 
_pdbx_struct_oper_list.matrix[3][1] 
_pdbx_struct_oper_list.matrix[3][2] 
_pdbx_struct_oper_list.matrix[3][3] 
_pdbx_struct_oper_list.vector[3] 
1 'identity operation'         1_555 x,y,z   1.0000000000  0.0000000000 0.0000000000  0.0000000000   0.0000000000 1.0000000000  0.0000000000  0.0000000000  0.0000000000  0.0000000000  1.0000000000 0.0000000000  
2 'crystal symmetry operation' 6_555 -x,-y,z -0.9870813736 0.0923817617 -0.1309044385 -14.7596917417 0.0923817617 -0.3393732723 -0.9361043703 -4.1065656772 -0.1309044385 -0.9361043703 0.3264546459 -4.3546782807 
# 
loop_
_struct_conn.id 
_struct_conn.conn_type_id 
_struct_conn.pdbx_leaving_atom_flag 
_struct_conn.pdbx_PDB_id 
_struct_conn.ptnr1_label_asym_id 
_struct_conn.ptnr1_label_comp_id 
_struct_conn.ptnr1_label_seq_id 
_struct_conn.ptnr1_label_atom_id 
_struct_conn.pdbx_ptnr1_label_alt_id 
_struct_conn.pdbx_ptnr1_PDB_ins_code 
_struct_conn.pdbx_ptnr1_standard_comp_id 
_struct_conn.ptnr1_symmetry 
_struct_conn.ptnr2_label_asym_id 
_struct_conn.ptnr2_label_comp_id 
_struct_conn.ptnr2_label_seq_id 
_struct_conn.ptnr2_label_atom_id 
_struct_conn.pdbx_ptnr2_label_alt_id 
_struct_conn.pdbx_ptnr2_PDB_ins_code 
_struct_conn.ptnr1_auth_asym_id 
_struct_conn.ptnr1_auth_comp_id 
_struct_conn.ptnr1_auth_seq_id 
_struct_conn.ptnr2_auth_asym_id 
_struct_conn.ptnr2_auth_comp_id 
_struct_conn.ptnr2_auth_seq_id 
_struct_conn.ptnr2_symmetry 
_struct_conn.pdbx_ptnr3_label_atom_id 
_struct_conn.pdbx_ptnr3_label_seq_id 
_struct_conn.pdbx_ptnr3_label_comp_id 
_struct_conn.pdbx_ptnr3_label_asym_id 
_struct_conn.pdbx_ptnr3_label_alt_id 
_struct_conn.pdbx_ptnr3_PDB_ins_code 
_struct_conn.details 
_struct_conn.pdbx_dist_value 
_struct_conn.pdbx_value_order 
_struct_conn.pdbx_role 
metalc1  metalc ? ? A DG 1  O6 ? ? ? 1_555 D K  .  K  ? ? A DG 1  A K  103 1_555 ? ? ? ? ? ? ?           2.901 ? ? 
metalc2  metalc ? ? A DG 1  O6 ? ? ? 1_555 E K  .  K  ? ? A DG 1  A K  104 1_555 ? ? ? ? ? ? ?           2.895 ? ? 
metalc3  metalc ? ? A DG 1  O6 ? ? ? 1_555 E K  .  K  ? ? A DG 1  A K  104 6_555 ? ? ? ? ? ? ?           2.906 ? ? 
metalc4  metalc ? ? A DG 2  O6 ? ? ? 1_555 C K  .  K  ? ? A DG 2  A K  102 1_555 ? ? ? ? ? ? ?           2.673 ? ? 
metalc5  metalc ? ? A DG 2  O6 ? ? ? 1_555 D K  .  K  ? ? A DG 2  A K  103 1_555 ? ? ? ? ? ? ?           2.722 ? ? 
metalc6  metalc ? ? A DG 3  O6 ? ? ? 1_555 B K  .  K  ? ? A DG 3  A K  101 1_555 ? ? ? ? ? ? ?           2.868 ? ? 
metalc7  metalc ? ? A DG 3  O6 ? ? ? 1_555 C K  .  K  ? ? A DG 3  A K  102 1_555 ? ? ? ? ? ? ?           2.854 ? ? 
metalc8  metalc ? ? A DG 4  O6 ? ? ? 1_555 B K  .  K  ? ? A DG 4  A K  101 1_555 ? ? ? ? ? ? ?           2.679 ? ? 
metalc9  metalc ? ? A DG 7  O6 ? ? ? 1_555 D K  .  K  ? ? A DG 7  A K  103 1_555 ? ? ? ? ? ? ?           2.750 ? ? 
metalc10 metalc ? ? A DG 7  O6 ? ? ? 1_555 E K  .  K  ? ? A DG 7  A K  104 1_555 ? ? ? ? ? ? ?           2.863 ? ? 
metalc11 metalc ? ? A DG 7  O6 ? ? ? 1_555 E K  .  K  ? ? A DG 7  A K  104 6_555 ? ? ? ? ? ? ?           2.869 ? ? 
metalc12 metalc ? ? A DG 8  O6 ? ? ? 1_555 C K  .  K  ? ? A DG 8  A K  102 1_555 ? ? ? ? ? ? ?           2.700 ? ? 
metalc13 metalc ? ? A DG 8  O6 ? ? ? 1_555 D K  .  K  ? ? A DG 8  A K  103 1_555 ? ? ? ? ? ? ?           2.654 ? ? 
metalc14 metalc ? ? A DG 9  O6 ? ? ? 1_555 B K  .  K  ? ? A DG 9  A K  101 1_555 ? ? ? ? ? ? ?           2.868 ? ? 
metalc15 metalc ? ? A DG 9  O6 ? ? ? 1_555 C K  .  K  ? ? A DG 9  A K  102 1_555 ? ? ? ? ? ? ?           2.823 ? ? 
metalc16 metalc ? ? A DG 10 O6 ? ? ? 1_555 B K  .  K  ? ? A DG 10 A K  101 1_555 ? ? ? ? ? ? ?           2.681 ? ? 
metalc17 metalc ? ? A DG 13 O6 ? ? ? 1_555 D K  .  K  ? ? A DG 13 A K  103 1_555 ? ? ? ? ? ? ?           2.780 ? ? 
metalc18 metalc ? ? A DG 13 O6 ? ? ? 1_555 E K  .  K  ? ? A DG 13 A K  104 1_555 ? ? ? ? ? ? ?           2.840 ? ? 
metalc19 metalc ? ? A DG 13 O6 ? ? ? 1_555 E K  .  K  ? ? A DG 13 A K  104 6_555 ? ? ? ? ? ? ?           2.849 ? ? 
metalc20 metalc ? ? A DG 14 O6 ? ? ? 1_555 C K  .  K  ? ? A DG 14 A K  102 1_555 ? ? ? ? ? ? ?           2.766 ? ? 
metalc21 metalc ? ? A DG 14 O6 ? ? ? 1_555 D K  .  K  ? ? A DG 14 A K  103 1_555 ? ? ? ? ? ? ?           2.891 ? ? 
metalc22 metalc ? ? A DG 15 O6 ? ? ? 1_555 B K  .  K  ? ? A DG 15 A K  101 1_555 ? ? ? ? ? ? ?           2.920 ? ? 
metalc23 metalc ? ? A DG 15 O6 ? ? ? 1_555 C K  .  K  ? ? A DG 15 A K  102 1_555 ? ? ? ? ? ? ?           2.829 ? ? 
metalc24 metalc ? ? A DG 16 O6 ? ? ? 1_555 B K  .  K  ? ? A DG 16 A K  101 1_555 ? ? ? ? ? ? ?           2.654 ? ? 
metalc25 metalc ? ? A DG 19 O6 ? ? ? 1_555 D K  .  K  ? ? A DG 19 A K  103 1_555 ? ? ? ? ? ? ?           2.881 ? ? 
metalc26 metalc ? ? A DG 19 O6 ? ? ? 1_555 E K  .  K  ? ? A DG 19 A K  104 1_555 ? ? ? ? ? ? ?           2.821 ? ? 
metalc27 metalc ? ? A DG 19 O6 ? ? ? 1_555 E K  .  K  ? ? A DG 19 A K  104 6_555 ? ? ? ? ? ? ?           2.835 ? ? 
metalc28 metalc ? ? A DG 20 O6 ? ? ? 1_555 C K  .  K  ? ? A DG 20 A K  102 1_555 ? ? ? ? ? ? ?           2.739 ? ? 
metalc29 metalc ? ? A DG 20 O6 ? ? ? 1_555 D K  .  K  ? ? A DG 20 A K  103 1_555 ? ? ? ? ? ? ?           2.755 ? ? 
metalc30 metalc ? ? A DG 21 O6 ? ? ? 1_555 B K  .  K  ? ? A DG 21 A K  101 1_555 ? ? ? ? ? ? ?           2.928 ? ? 
metalc31 metalc ? ? A DG 21 O6 ? ? ? 1_555 C K  .  K  ? ? A DG 21 A K  102 1_555 ? ? ? ? ? ? ?           2.819 ? ? 
metalc32 metalc ? ? A DG 22 O6 ? ? ? 1_555 B K  .  K  ? ? A DG 22 A K  101 1_555 ? ? ? ? ? ? ?           2.737 ? ? 
hydrog1  hydrog ? ? A DG 1  N1 ? ? ? 1_555 A DG 7  O6 ? ? A DG 1  A DG 7   1_555 ? ? ? ? ? ? TYPE_6_PAIR ?     ? ? 
hydrog2  hydrog ? ? A DG 1  N2 ? ? ? 1_555 A DG 7  N7 ? ? A DG 1  A DG 7   1_555 ? ? ? ? ? ? TYPE_6_PAIR ?     ? ? 
hydrog3  hydrog ? ? A DG 1  N7 ? ? ? 1_555 A DG 19 N2 ? ? A DG 1  A DG 19  1_555 ? ? ? ? ? ? TYPE_6_PAIR ?     ? ? 
hydrog4  hydrog ? ? A DG 1  O6 ? ? ? 1_555 A DG 19 N1 ? ? A DG 1  A DG 19  1_555 ? ? ? ? ? ? TYPE_6_PAIR ?     ? ? 
hydrog5  hydrog ? ? A DG 2  N1 ? ? ? 1_555 A DG 8  O6 ? ? A DG 2  A DG 8   1_555 ? ? ? ? ? ? TYPE_6_PAIR ?     ? ? 
hydrog6  hydrog ? ? A DG 2  N2 ? ? ? 1_555 A DG 8  N7 ? ? A DG 2  A DG 8   1_555 ? ? ? ? ? ? TYPE_6_PAIR ?     ? ? 
hydrog7  hydrog ? ? A DG 2  N7 ? ? ? 1_555 A DG 20 N2 ? ? A DG 2  A DG 20  1_555 ? ? ? ? ? ? TYPE_6_PAIR ?     ? ? 
hydrog8  hydrog ? ? A DG 2  O6 ? ? ? 1_555 A DG 20 N1 ? ? A DG 2  A DG 20  1_555 ? ? ? ? ? ? TYPE_6_PAIR ?     ? ? 
hydrog9  hydrog ? ? A DG 3  N1 ? ? ? 1_555 A DG 9  O6 ? ? A DG 3  A DG 9   1_555 ? ? ? ? ? ? TYPE_6_PAIR ?     ? ? 
hydrog10 hydrog ? ? A DG 3  N2 ? ? ? 1_555 A DG 9  N7 ? ? A DG 3  A DG 9   1_555 ? ? ? ? ? ? TYPE_6_PAIR ?     ? ? 
hydrog11 hydrog ? ? A DG 3  N7 ? ? ? 1_555 A DG 21 N2 ? ? A DG 3  A DG 21  1_555 ? ? ? ? ? ? TYPE_6_PAIR ?     ? ? 
hydrog12 hydrog ? ? A DG 3  O6 ? ? ? 1_555 A DG 21 N1 ? ? A DG 3  A DG 21  1_555 ? ? ? ? ? ? TYPE_6_PAIR ?     ? ? 
hydrog13 hydrog ? ? A DG 4  N1 ? ? ? 1_555 A DG 10 O6 ? ? A DG 4  A DG 10  1_555 ? ? ? ? ? ? TYPE_6_PAIR ?     ? ? 
hydrog14 hydrog ? ? A DG 4  N2 ? ? ? 1_555 A DG 10 N7 ? ? A DG 4  A DG 10  1_555 ? ? ? ? ? ? TYPE_6_PAIR ?     ? ? 
hydrog15 hydrog ? ? A DG 4  N7 ? ? ? 1_555 A DG 22 N2 ? ? A DG 4  A DG 22  1_555 ? ? ? ? ? ? TYPE_6_PAIR ?     ? ? 
hydrog16 hydrog ? ? A DG 4  O6 ? ? ? 1_555 A DG 22 N1 ? ? A DG 4  A DG 22  1_555 ? ? ? ? ? ? TYPE_6_PAIR ?     ? ? 
hydrog17 hydrog ? ? A DG 7  N1 ? ? ? 1_555 A DG 13 O6 ? ? A DG 7  A DG 13  1_555 ? ? ? ? ? ? TYPE_6_PAIR ?     ? ? 
hydrog18 hydrog ? ? A DG 7  N2 ? ? ? 1_555 A DG 13 N7 ? ? A DG 7  A DG 13  1_555 ? ? ? ? ? ? TYPE_6_PAIR ?     ? ? 
hydrog19 hydrog ? ? A DG 8  N1 ? ? ? 1_555 A DG 14 O6 ? ? A DG 8  A DG 14  1_555 ? ? ? ? ? ? TYPE_6_PAIR ?     ? ? 
hydrog20 hydrog ? ? A DG 8  N2 ? ? ? 1_555 A DG 14 N7 ? ? A DG 8  A DG 14  1_555 ? ? ? ? ? ? TYPE_6_PAIR ?     ? ? 
hydrog21 hydrog ? ? A DG 9  N1 ? ? ? 1_555 A DG 15 O6 ? ? A DG 9  A DG 15  1_555 ? ? ? ? ? ? TYPE_6_PAIR ?     ? ? 
hydrog22 hydrog ? ? A DG 9  N2 ? ? ? 1_555 A DG 15 N7 ? ? A DG 9  A DG 15  1_555 ? ? ? ? ? ? TYPE_6_PAIR ?     ? ? 
hydrog23 hydrog ? ? A DG 10 N1 ? ? ? 1_555 A DG 16 O6 ? ? A DG 10 A DG 16  1_555 ? ? ? ? ? ? TYPE_6_PAIR ?     ? ? 
hydrog24 hydrog ? ? A DG 10 N2 ? ? ? 1_555 A DG 16 N7 ? ? A DG 10 A DG 16  1_555 ? ? ? ? ? ? TYPE_6_PAIR ?     ? ? 
hydrog25 hydrog ? ? A DG 13 N1 ? ? ? 1_555 A DG 19 O6 ? ? A DG 13 A DG 19  1_555 ? ? ? ? ? ? TYPE_6_PAIR ?     ? ? 
hydrog26 hydrog ? ? A DG 13 N2 ? ? ? 1_555 A DG 19 N7 ? ? A DG 13 A DG 19  1_555 ? ? ? ? ? ? TYPE_6_PAIR ?     ? ? 
hydrog27 hydrog ? ? A DG 14 N1 ? ? ? 1_555 A DG 20 O6 ? ? A DG 14 A DG 20  1_555 ? ? ? ? ? ? TYPE_6_PAIR ?     ? ? 
hydrog28 hydrog ? ? A DG 14 N2 ? ? ? 1_555 A DG 20 N7 ? ? A DG 14 A DG 20  1_555 ? ? ? ? ? ? TYPE_6_PAIR ?     ? ? 
hydrog29 hydrog ? ? A DG 15 N1 ? ? ? 1_555 A DG 21 O6 ? ? A DG 15 A DG 21  1_555 ? ? ? ? ? ? TYPE_6_PAIR ?     ? ? 
hydrog30 hydrog ? ? A DG 15 N2 ? ? ? 1_555 A DG 21 N7 ? ? A DG 15 A DG 21  1_555 ? ? ? ? ? ? TYPE_6_PAIR ?     ? ? 
hydrog31 hydrog ? ? A DG 16 N1 ? ? ? 1_555 A DG 22 O6 ? ? A DG 16 A DG 22  1_555 ? ? ? ? ? ? TYPE_6_PAIR ?     ? ? 
hydrog32 hydrog ? ? A DG 16 N2 ? ? ? 1_555 A DG 22 N7 ? ? A DG 16 A DG 22  1_555 ? ? ? ? ? ? TYPE_6_PAIR ?     ? ? 
# 
loop_
_struct_conn_type.id 
_struct_conn_type.criteria 
_struct_conn_type.reference 
metalc ? ? 
hydrog ? ? 
# 
loop_
_pdbx_struct_conn_angle.id 
_pdbx_struct_conn_angle.ptnr1_label_atom_id 
_pdbx_struct_conn_angle.ptnr1_label_alt_id 
_pdbx_struct_conn_angle.ptnr1_label_asym_id 
_pdbx_struct_conn_angle.ptnr1_label_comp_id 
_pdbx_struct_conn_angle.ptnr1_label_seq_id 
_pdbx_struct_conn_angle.ptnr1_auth_atom_id 
_pdbx_struct_conn_angle.ptnr1_auth_asym_id 
_pdbx_struct_conn_angle.ptnr1_auth_comp_id 
_pdbx_struct_conn_angle.ptnr1_auth_seq_id 
_pdbx_struct_conn_angle.ptnr1_PDB_ins_code 
_pdbx_struct_conn_angle.ptnr1_symmetry 
_pdbx_struct_conn_angle.ptnr2_label_atom_id 
_pdbx_struct_conn_angle.ptnr2_label_alt_id 
_pdbx_struct_conn_angle.ptnr2_label_asym_id 
_pdbx_struct_conn_angle.ptnr2_label_comp_id 
_pdbx_struct_conn_angle.ptnr2_label_seq_id 
_pdbx_struct_conn_angle.ptnr2_auth_atom_id 
_pdbx_struct_conn_angle.ptnr2_auth_asym_id 
_pdbx_struct_conn_angle.ptnr2_auth_comp_id 
_pdbx_struct_conn_angle.ptnr2_auth_seq_id 
_pdbx_struct_conn_angle.ptnr2_PDB_ins_code 
_pdbx_struct_conn_angle.ptnr2_symmetry 
_pdbx_struct_conn_angle.ptnr3_label_atom_id 
_pdbx_struct_conn_angle.ptnr3_label_alt_id 
_pdbx_struct_conn_angle.ptnr3_label_asym_id 
_pdbx_struct_conn_angle.ptnr3_label_comp_id 
_pdbx_struct_conn_angle.ptnr3_label_seq_id 
_pdbx_struct_conn_angle.ptnr3_auth_atom_id 
_pdbx_struct_conn_angle.ptnr3_auth_asym_id 
_pdbx_struct_conn_angle.ptnr3_auth_comp_id 
_pdbx_struct_conn_angle.ptnr3_auth_seq_id 
_pdbx_struct_conn_angle.ptnr3_PDB_ins_code 
_pdbx_struct_conn_angle.ptnr3_symmetry 
_pdbx_struct_conn_angle.value 
_pdbx_struct_conn_angle.value_esd 
1   O6 ? A DG 1  ? A DG 1  ? 1_555 K ? D K . ? A K 103 ? 1_555 O6 ? A DG 2  ? A DG 2  ? 1_555 79.6  ? 
2   O6 ? A DG 1  ? A DG 1  ? 1_555 K ? D K . ? A K 103 ? 1_555 O6 ? A DG 7  ? A DG 7  ? 1_555 74.5  ? 
3   O6 ? A DG 2  ? A DG 2  ? 1_555 K ? D K . ? A K 103 ? 1_555 O6 ? A DG 7  ? A DG 7  ? 1_555 92.7  ? 
4   O6 ? A DG 1  ? A DG 1  ? 1_555 K ? D K . ? A K 103 ? 1_555 O6 ? A DG 8  ? A DG 8  ? 1_555 138.0 ? 
5   O6 ? A DG 2  ? A DG 2  ? 1_555 K ? D K . ? A K 103 ? 1_555 O6 ? A DG 8  ? A DG 8  ? 1_555 71.1  ? 
6   O6 ? A DG 7  ? A DG 7  ? 1_555 K ? D K . ? A K 103 ? 1_555 O6 ? A DG 8  ? A DG 8  ? 1_555 77.4  ? 
7   O6 ? A DG 1  ? A DG 1  ? 1_555 K ? D K . ? A K 103 ? 1_555 O6 ? A DG 13 ? A DG 13 ? 1_555 109.5 ? 
8   O6 ? A DG 2  ? A DG 2  ? 1_555 K ? D K . ? A K 103 ? 1_555 O6 ? A DG 13 ? A DG 13 ? 1_555 156.0 ? 
9   O6 ? A DG 7  ? A DG 7  ? 1_555 K ? D K . ? A K 103 ? 1_555 O6 ? A DG 13 ? A DG 13 ? 1_555 69.6  ? 
10  O6 ? A DG 8  ? A DG 8  ? 1_555 K ? D K . ? A K 103 ? 1_555 O6 ? A DG 13 ? A DG 13 ? 1_555 88.7  ? 
11  O6 ? A DG 1  ? A DG 1  ? 1_555 K ? D K . ? A K 103 ? 1_555 O6 ? A DG 14 ? A DG 14 ? 1_555 151.3 ? 
12  O6 ? A DG 2  ? A DG 2  ? 1_555 K ? D K . ? A K 103 ? 1_555 O6 ? A DG 14 ? A DG 14 ? 1_555 107.5 ? 
13  O6 ? A DG 7  ? A DG 7  ? 1_555 K ? D K . ? A K 103 ? 1_555 O6 ? A DG 14 ? A DG 14 ? 1_555 131.2 ? 
14  O6 ? A DG 8  ? A DG 8  ? 1_555 K ? D K . ? A K 103 ? 1_555 O6 ? A DG 14 ? A DG 14 ? 1_555 68.7  ? 
15  O6 ? A DG 13 ? A DG 13 ? 1_555 K ? D K . ? A K 103 ? 1_555 O6 ? A DG 14 ? A DG 14 ? 1_555 75.6  ? 
16  O6 ? A DG 1  ? A DG 1  ? 1_555 K ? D K . ? A K 103 ? 1_555 O6 ? A DG 19 ? A DG 19 ? 1_555 67.6  ? 
17  O6 ? A DG 2  ? A DG 2  ? 1_555 K ? D K . ? A K 103 ? 1_555 O6 ? A DG 19 ? A DG 19 ? 1_555 133.1 ? 
18  O6 ? A DG 7  ? A DG 7  ? 1_555 K ? D K . ? A K 103 ? 1_555 O6 ? A DG 19 ? A DG 19 ? 1_555 108.8 ? 
19  O6 ? A DG 8  ? A DG 8  ? 1_555 K ? D K . ? A K 103 ? 1_555 O6 ? A DG 19 ? A DG 19 ? 1_555 152.7 ? 
20  O6 ? A DG 13 ? A DG 13 ? 1_555 K ? D K . ? A K 103 ? 1_555 O6 ? A DG 19 ? A DG 19 ? 1_555 69.8  ? 
21  O6 ? A DG 14 ? A DG 14 ? 1_555 K ? D K . ? A K 103 ? 1_555 O6 ? A DG 19 ? A DG 19 ? 1_555 89.1  ? 
22  O6 ? A DG 1  ? A DG 1  ? 1_555 K ? D K . ? A K 103 ? 1_555 O6 ? A DG 20 ? A DG 20 ? 1_555 86.6  ? 
23  O6 ? A DG 2  ? A DG 2  ? 1_555 K ? D K . ? A K 103 ? 1_555 O6 ? A DG 20 ? A DG 20 ? 1_555 68.6  ? 
24  O6 ? A DG 7  ? A DG 7  ? 1_555 K ? D K . ? A K 103 ? 1_555 O6 ? A DG 20 ? A DG 20 ? 1_555 155.7 ? 
25  O6 ? A DG 8  ? A DG 8  ? 1_555 K ? D K . ? A K 103 ? 1_555 O6 ? A DG 20 ? A DG 20 ? 1_555 109.0 ? 
26  O6 ? A DG 13 ? A DG 13 ? 1_555 K ? D K . ? A K 103 ? 1_555 O6 ? A DG 20 ? A DG 20 ? 1_555 132.5 ? 
27  O6 ? A DG 14 ? A DG 14 ? 1_555 K ? D K . ? A K 103 ? 1_555 O6 ? A DG 20 ? A DG 20 ? 1_555 71.2  ? 
28  O6 ? A DG 19 ? A DG 19 ? 1_555 K ? D K . ? A K 103 ? 1_555 O6 ? A DG 20 ? A DG 20 ? 1_555 76.6  ? 
29  O6 ? A DG 1  ? A DG 1  ? 1_555 K ? E K . ? A K 104 ? 1_555 O6 ? A DG 1  ? A DG 1  ? 1_555 0.0   ? 
30  O6 ? A DG 1  ? A DG 1  ? 1_555 K ? E K . ? A K 104 ? 1_555 O6 ? A DG 7  ? A DG 7  ? 1_555 73.0  ? 
31  O6 ? A DG 1  ? A DG 1  ? 1_555 K ? E K . ? A K 104 ? 1_555 O6 ? A DG 7  ? A DG 7  ? 1_555 73.0  ? 
32  O6 ? A DG 1  ? A DG 1  ? 1_555 K ? E K . ? A K 104 ? 1_555 O6 ? A DG 7  ? A DG 7  ? 1_555 73.0  ? 
33  O6 ? A DG 1  ? A DG 1  ? 1_555 K ? E K . ? A K 104 ? 1_555 O6 ? A DG 7  ? A DG 7  ? 1_555 73.0  ? 
34  O6 ? A DG 7  ? A DG 7  ? 1_555 K ? E K . ? A K 104 ? 1_555 O6 ? A DG 7  ? A DG 7  ? 1_555 0.0   ? 
35  O6 ? A DG 1  ? A DG 1  ? 1_555 K ? E K . ? A K 104 ? 1_555 O6 ? A DG 13 ? A DG 13 ? 1_555 108.0 ? 
36  O6 ? A DG 1  ? A DG 1  ? 1_555 K ? E K . ? A K 104 ? 1_555 O6 ? A DG 13 ? A DG 13 ? 1_555 108.0 ? 
37  O6 ? A DG 7  ? A DG 7  ? 1_555 K ? E K . ? A K 104 ? 1_555 O6 ? A DG 13 ? A DG 13 ? 1_555 67.2  ? 
38  O6 ? A DG 7  ? A DG 7  ? 1_555 K ? E K . ? A K 104 ? 1_555 O6 ? A DG 13 ? A DG 13 ? 1_555 67.2  ? 
39  O6 ? A DG 1  ? A DG 1  ? 1_555 K ? E K . ? A K 104 ? 1_555 O6 ? A DG 13 ? A DG 13 ? 1_555 108.0 ? 
40  O6 ? A DG 1  ? A DG 1  ? 1_555 K ? E K . ? A K 104 ? 1_555 O6 ? A DG 13 ? A DG 13 ? 1_555 108.0 ? 
41  O6 ? A DG 7  ? A DG 7  ? 1_555 K ? E K . ? A K 104 ? 1_555 O6 ? A DG 13 ? A DG 13 ? 1_555 67.2  ? 
42  O6 ? A DG 7  ? A DG 7  ? 1_555 K ? E K . ? A K 104 ? 1_555 O6 ? A DG 13 ? A DG 13 ? 1_555 67.2  ? 
43  O6 ? A DG 13 ? A DG 13 ? 1_555 K ? E K . ? A K 104 ? 1_555 O6 ? A DG 13 ? A DG 13 ? 1_555 0.0   ? 
44  O6 ? A DG 1  ? A DG 1  ? 1_555 K ? E K . ? A K 104 ? 1_555 O6 ? A DG 19 ? A DG 19 ? 1_555 68.5  ? 
45  O6 ? A DG 1  ? A DG 1  ? 1_555 K ? E K . ? A K 104 ? 1_555 O6 ? A DG 19 ? A DG 19 ? 1_555 68.5  ? 
46  O6 ? A DG 7  ? A DG 7  ? 1_555 K ? E K . ? A K 104 ? 1_555 O6 ? A DG 19 ? A DG 19 ? 1_555 107.4 ? 
47  O6 ? A DG 7  ? A DG 7  ? 1_555 K ? E K . ? A K 104 ? 1_555 O6 ? A DG 19 ? A DG 19 ? 1_555 107.4 ? 
48  O6 ? A DG 13 ? A DG 13 ? 1_555 K ? E K . ? A K 104 ? 1_555 O6 ? A DG 19 ? A DG 19 ? 1_555 69.9  ? 
49  O6 ? A DG 13 ? A DG 13 ? 1_555 K ? E K . ? A K 104 ? 1_555 O6 ? A DG 19 ? A DG 19 ? 1_555 69.9  ? 
50  O6 ? A DG 1  ? A DG 1  ? 1_555 K ? E K . ? A K 104 ? 1_555 O6 ? A DG 19 ? A DG 19 ? 1_555 68.5  ? 
51  O6 ? A DG 1  ? A DG 1  ? 1_555 K ? E K . ? A K 104 ? 1_555 O6 ? A DG 19 ? A DG 19 ? 1_555 68.5  ? 
52  O6 ? A DG 7  ? A DG 7  ? 1_555 K ? E K . ? A K 104 ? 1_555 O6 ? A DG 19 ? A DG 19 ? 1_555 107.4 ? 
53  O6 ? A DG 7  ? A DG 7  ? 1_555 K ? E K . ? A K 104 ? 1_555 O6 ? A DG 19 ? A DG 19 ? 1_555 107.4 ? 
54  O6 ? A DG 13 ? A DG 13 ? 1_555 K ? E K . ? A K 104 ? 1_555 O6 ? A DG 19 ? A DG 19 ? 1_555 69.9  ? 
55  O6 ? A DG 13 ? A DG 13 ? 1_555 K ? E K . ? A K 104 ? 1_555 O6 ? A DG 19 ? A DG 19 ? 1_555 69.9  ? 
56  O6 ? A DG 19 ? A DG 19 ? 1_555 K ? E K . ? A K 104 ? 1_555 O6 ? A DG 19 ? A DG 19 ? 1_555 0.0   ? 
57  O6 ? A DG 2  ? A DG 2  ? 1_555 K ? C K . ? A K 102 ? 1_555 O6 ? A DG 3  ? A DG 3  ? 1_555 75.2  ? 
58  O6 ? A DG 2  ? A DG 2  ? 1_555 K ? C K . ? A K 102 ? 1_555 O6 ? A DG 8  ? A DG 8  ? 1_555 71.2  ? 
59  O6 ? A DG 3  ? A DG 3  ? 1_555 K ? C K . ? A K 102 ? 1_555 O6 ? A DG 8  ? A DG 8  ? 1_555 96.6  ? 
60  O6 ? A DG 2  ? A DG 2  ? 1_555 K ? C K . ? A K 102 ? 1_555 O6 ? A DG 9  ? A DG 9  ? 1_555 126.9 ? 
61  O6 ? A DG 3  ? A DG 3  ? 1_555 K ? C K . ? A K 102 ? 1_555 O6 ? A DG 9  ? A DG 9  ? 1_555 68.8  ? 
62  O6 ? A DG 8  ? A DG 8  ? 1_555 K ? C K . ? A K 102 ? 1_555 O6 ? A DG 9  ? A DG 9  ? 1_555 75.6  ? 
63  O6 ? A DG 2  ? A DG 2  ? 1_555 K ? C K . ? A K 102 ? 1_555 O6 ? A DG 14 ? A DG 14 ? 1_555 112.7 ? 
64  O6 ? A DG 3  ? A DG 3  ? 1_555 K ? C K . ? A K 102 ? 1_555 O6 ? A DG 14 ? A DG 14 ? 1_555 159.6 ? 
65  O6 ? A DG 8  ? A DG 8  ? 1_555 K ? C K . ? A K 102 ? 1_555 O6 ? A DG 14 ? A DG 14 ? 1_555 70.0  ? 
66  O6 ? A DG 9  ? A DG 9  ? 1_555 K ? C K . ? A K 102 ? 1_555 O6 ? A DG 14 ? A DG 14 ? 1_555 92.5  ? 
67  O6 ? A DG 2  ? A DG 2  ? 1_555 K ? C K . ? A K 102 ? 1_555 O6 ? A DG 15 ? A DG 15 ? 1_555 160.0 ? 
68  O6 ? A DG 3  ? A DG 3  ? 1_555 K ? C K . ? A K 102 ? 1_555 O6 ? A DG 15 ? A DG 15 ? 1_555 108.5 ? 
69  O6 ? A DG 8  ? A DG 8  ? 1_555 K ? C K . ? A K 102 ? 1_555 O6 ? A DG 15 ? A DG 15 ? 1_555 126.5 ? 
70  O6 ? A DG 9  ? A DG 9  ? 1_555 K ? C K . ? A K 102 ? 1_555 O6 ? A DG 15 ? A DG 15 ? 1_555 71.1  ? 
71  O6 ? A DG 14 ? A DG 14 ? 1_555 K ? C K . ? A K 102 ? 1_555 O6 ? A DG 15 ? A DG 15 ? 1_555 70.9  ? 
72  O6 ? A DG 2  ? A DG 2  ? 1_555 K ? C K . ? A K 102 ? 1_555 O6 ? A DG 20 ? A DG 20 ? 1_555 69.5  ? 
73  O6 ? A DG 3  ? A DG 3  ? 1_555 K ? C K . ? A K 102 ? 1_555 O6 ? A DG 20 ? A DG 20 ? 1_555 126.5 ? 
74  O6 ? A DG 8  ? A DG 8  ? 1_555 K ? C K . ? A K 102 ? 1_555 O6 ? A DG 20 ? A DG 20 ? 1_555 108.2 ? 
75  O6 ? A DG 9  ? A DG 9  ? 1_555 K ? C K . ? A K 102 ? 1_555 O6 ? A DG 20 ? A DG 20 ? 1_555 162.4 ? 
76  O6 ? A DG 14 ? A DG 14 ? 1_555 K ? C K . ? A K 102 ? 1_555 O6 ? A DG 20 ? A DG 20 ? 1_555 73.4  ? 
77  O6 ? A DG 15 ? A DG 15 ? 1_555 K ? C K . ? A K 102 ? 1_555 O6 ? A DG 20 ? A DG 20 ? 1_555 93.9  ? 
78  O6 ? A DG 2  ? A DG 2  ? 1_555 K ? C K . ? A K 102 ? 1_555 O6 ? A DG 21 ? A DG 21 ? 1_555 92.8  ? 
79  O6 ? A DG 3  ? A DG 3  ? 1_555 K ? C K . ? A K 102 ? 1_555 O6 ? A DG 21 ? A DG 21 ? 1_555 69.6  ? 
80  O6 ? A DG 8  ? A DG 8  ? 1_555 K ? C K . ? A K 102 ? 1_555 O6 ? A DG 21 ? A DG 21 ? 1_555 161.4 ? 
81  O6 ? A DG 9  ? A DG 9  ? 1_555 K ? C K . ? A K 102 ? 1_555 O6 ? A DG 21 ? A DG 21 ? 1_555 108.8 ? 
82  O6 ? A DG 14 ? A DG 14 ? 1_555 K ? C K . ? A K 102 ? 1_555 O6 ? A DG 21 ? A DG 21 ? 1_555 126.6 ? 
83  O6 ? A DG 15 ? A DG 15 ? 1_555 K ? C K . ? A K 102 ? 1_555 O6 ? A DG 21 ? A DG 21 ? 1_555 71.1  ? 
84  O6 ? A DG 20 ? A DG 20 ? 1_555 K ? C K . ? A K 102 ? 1_555 O6 ? A DG 21 ? A DG 21 ? 1_555 73.3  ? 
85  O6 ? A DG 3  ? A DG 3  ? 1_555 K ? B K . ? A K 101 ? 1_555 O6 ? A DG 4  ? A DG 4  ? 1_555 73.9  ? 
86  O6 ? A DG 3  ? A DG 3  ? 1_555 K ? B K . ? A K 101 ? 1_555 O6 ? A DG 9  ? A DG 9  ? 1_555 67.9  ? 
87  O6 ? A DG 4  ? A DG 4  ? 1_555 K ? B K . ? A K 101 ? 1_555 O6 ? A DG 9  ? A DG 9  ? 1_555 92.7  ? 
88  O6 ? A DG 3  ? A DG 3  ? 1_555 K ? B K . ? A K 101 ? 1_555 O6 ? A DG 10 ? A DG 10 ? 1_555 128.7 ? 
89  O6 ? A DG 4  ? A DG 4  ? 1_555 K ? B K . ? A K 101 ? 1_555 O6 ? A DG 10 ? A DG 10 ? 1_555 73.9  ? 
90  O6 ? A DG 9  ? A DG 9  ? 1_555 K ? B K . ? A K 101 ? 1_555 O6 ? A DG 10 ? A DG 10 ? 1_555 74.8  ? 
91  O6 ? A DG 3  ? A DG 3  ? 1_555 K ? B K . ? A K 101 ? 1_555 O6 ? A DG 15 ? A DG 15 ? 1_555 105.6 ? 
92  O6 ? A DG 4  ? A DG 4  ? 1_555 K ? B K . ? A K 101 ? 1_555 O6 ? A DG 15 ? A DG 15 ? 1_555 159.9 ? 
93  O6 ? A DG 9  ? A DG 9  ? 1_555 K ? B K . ? A K 101 ? 1_555 O6 ? A DG 15 ? A DG 15 ? 1_555 69.2  ? 
94  O6 ? A DG 10 ? A DG 10 ? 1_555 K ? B K . ? A K 101 ? 1_555 O6 ? A DG 15 ? A DG 15 ? 1_555 92.2  ? 
95  O6 ? A DG 3  ? A DG 3  ? 1_555 K ? B K . ? A K 101 ? 1_555 O6 ? A DG 16 ? A DG 16 ? 1_555 156.6 ? 
96  O6 ? A DG 4  ? A DG 4  ? 1_555 K ? B K . ? A K 101 ? 1_555 O6 ? A DG 16 ? A DG 16 ? 1_555 117.7 ? 
97  O6 ? A DG 9  ? A DG 9  ? 1_555 K ? B K . ? A K 101 ? 1_555 O6 ? A DG 16 ? A DG 16 ? 1_555 127.8 ? 
98  O6 ? A DG 10 ? A DG 10 ? 1_555 K ? B K . ? A K 101 ? 1_555 O6 ? A DG 16 ? A DG 16 ? 1_555 74.7  ? 
99  O6 ? A DG 15 ? A DG 15 ? 1_555 K ? B K . ? A K 101 ? 1_555 O6 ? A DG 16 ? A DG 16 ? 1_555 70.8  ? 
100 O6 ? A DG 3  ? A DG 3  ? 1_555 K ? B K . ? A K 101 ? 1_555 O6 ? A DG 21 ? A DG 21 ? 1_555 67.9  ? 
101 O6 ? A DG 4  ? A DG 4  ? 1_555 K ? B K . ? A K 101 ? 1_555 O6 ? A DG 21 ? A DG 21 ? 1_555 127.2 ? 
102 O6 ? A DG 9  ? A DG 9  ? 1_555 K ? B K . ? A K 101 ? 1_555 O6 ? A DG 21 ? A DG 21 ? 1_555 104.7 ? 
103 O6 ? A DG 10 ? A DG 10 ? 1_555 K ? B K . ? A K 101 ? 1_555 O6 ? A DG 21 ? A DG 21 ? 1_555 158.6 ? 
104 O6 ? A DG 15 ? A DG 15 ? 1_555 K ? B K . ? A K 101 ? 1_555 O6 ? A DG 21 ? A DG 21 ? 1_555 68.3  ? 
105 O6 ? A DG 16 ? A DG 16 ? 1_555 K ? B K . ? A K 101 ? 1_555 O6 ? A DG 21 ? A DG 21 ? 1_555 89.9  ? 
106 O6 ? A DG 3  ? A DG 3  ? 1_555 K ? B K . ? A K 101 ? 1_555 O6 ? A DG 22 ? A DG 22 ? 1_555 93.2  ? 
107 O6 ? A DG 4  ? A DG 4  ? 1_555 K ? B K . ? A K 101 ? 1_555 O6 ? A DG 22 ? A DG 22 ? 1_555 77.2  ? 
108 O6 ? A DG 9  ? A DG 9  ? 1_555 K ? B K . ? A K 101 ? 1_555 O6 ? A DG 22 ? A DG 22 ? 1_555 160.7 ? 
109 O6 ? A DG 10 ? A DG 10 ? 1_555 K ? B K . ? A K 101 ? 1_555 O6 ? A DG 22 ? A DG 22 ? 1_555 117.0 ? 
110 O6 ? A DG 15 ? A DG 15 ? 1_555 K ? B K . ? A K 101 ? 1_555 O6 ? A DG 22 ? A DG 22 ? 1_555 122.6 ? 
111 O6 ? A DG 16 ? A DG 16 ? 1_555 K ? B K . ? A K 101 ? 1_555 O6 ? A DG 22 ? A DG 22 ? 1_555 71.4  ? 
112 O6 ? A DG 21 ? A DG 21 ? 1_555 K ? B K . ? A K 101 ? 1_555 O6 ? A DG 22 ? A DG 22 ? 1_555 70.2  ? 
# 
_pdbx_entry_details.entry_id                   9UK6 
_pdbx_entry_details.nonpolymer_details         ? 
_pdbx_entry_details.sequence_details           ? 
_pdbx_entry_details.compound_details           ? 
_pdbx_entry_details.source_details             ? 
_pdbx_entry_details.has_ligand_of_interest     N 
_pdbx_entry_details.has_protein_modification   N 
# 
_pdbx_validate_close_contact.id               1 
_pdbx_validate_close_contact.PDB_model_num    1 
_pdbx_validate_close_contact.auth_atom_id_1   OP1 
_pdbx_validate_close_contact.auth_asym_id_1   A 
_pdbx_validate_close_contact.auth_comp_id_1   DG 
_pdbx_validate_close_contact.auth_seq_id_1    7 
_pdbx_validate_close_contact.PDB_ins_code_1   ? 
_pdbx_validate_close_contact.label_alt_id_1   ? 
_pdbx_validate_close_contact.auth_atom_id_2   O 
_pdbx_validate_close_contact.auth_asym_id_2   A 
_pdbx_validate_close_contact.auth_comp_id_2   HOH 
_pdbx_validate_close_contact.auth_seq_id_2    201 
_pdbx_validate_close_contact.PDB_ins_code_2   ? 
_pdbx_validate_close_contact.label_alt_id_2   ? 
_pdbx_validate_close_contact.dist             2.08 
# 
_pdbx_validate_rmsd_angle.id                         1 
_pdbx_validate_rmsd_angle.PDB_model_num              1 
_pdbx_validate_rmsd_angle.auth_atom_id_1             "O3'" 
_pdbx_validate_rmsd_angle.auth_asym_id_1             A 
_pdbx_validate_rmsd_angle.auth_comp_id_1             DC 
_pdbx_validate_rmsd_angle.auth_seq_id_1              6 
_pdbx_validate_rmsd_angle.PDB_ins_code_1             ? 
_pdbx_validate_rmsd_angle.label_alt_id_1             ? 
_pdbx_validate_rmsd_angle.auth_atom_id_2             P 
_pdbx_validate_rmsd_angle.auth_asym_id_2             A 
_pdbx_validate_rmsd_angle.auth_comp_id_2             DG 
_pdbx_validate_rmsd_angle.auth_seq_id_2              7 
_pdbx_validate_rmsd_angle.PDB_ins_code_2             ? 
_pdbx_validate_rmsd_angle.label_alt_id_2             ? 
_pdbx_validate_rmsd_angle.auth_atom_id_3             "O5'" 
_pdbx_validate_rmsd_angle.auth_asym_id_3             A 
_pdbx_validate_rmsd_angle.auth_comp_id_3             DG 
_pdbx_validate_rmsd_angle.auth_seq_id_3              7 
_pdbx_validate_rmsd_angle.PDB_ins_code_3             ? 
_pdbx_validate_rmsd_angle.label_alt_id_3             ? 
_pdbx_validate_rmsd_angle.angle_value                91.72 
_pdbx_validate_rmsd_angle.angle_target_value         104.00 
_pdbx_validate_rmsd_angle.angle_deviation            -12.28 
_pdbx_validate_rmsd_angle.angle_standard_deviation   1.90 
_pdbx_validate_rmsd_angle.linker_flag                Y 
# 
_pdbx_struct_special_symmetry.id              1 
_pdbx_struct_special_symmetry.PDB_model_num   1 
_pdbx_struct_special_symmetry.auth_asym_id    A 
_pdbx_struct_special_symmetry.auth_comp_id    K 
_pdbx_struct_special_symmetry.auth_seq_id     104 
_pdbx_struct_special_symmetry.PDB_ins_code    ? 
_pdbx_struct_special_symmetry.label_asym_id   E 
_pdbx_struct_special_symmetry.label_comp_id   K 
_pdbx_struct_special_symmetry.label_seq_id    . 
# 
_pdbx_refine_tls.id               1 
_pdbx_refine_tls.pdbx_refine_id   'X-RAY DIFFRACTION' 
_pdbx_refine_tls.details          ? 
_pdbx_refine_tls.method           refined 
_pdbx_refine_tls.origin_x         -0.0545 
_pdbx_refine_tls.origin_y         0.0641 
_pdbx_refine_tls.origin_z         -0.0489 
_pdbx_refine_tls.T[1][1]          0.0901 
_pdbx_refine_tls.T[1][1]_esd      ? 
_pdbx_refine_tls.T[1][2]          -0.0579 
_pdbx_refine_tls.T[1][2]_esd      ? 
_pdbx_refine_tls.T[1][3]          -0.0202 
_pdbx_refine_tls.T[1][3]_esd      ? 
_pdbx_refine_tls.T[2][2]          0.0787 
_pdbx_refine_tls.T[2][2]_esd      ? 
_pdbx_refine_tls.T[2][3]          0.0018 
_pdbx_refine_tls.T[2][3]_esd      ? 
_pdbx_refine_tls.T[3][3]          0.0726 
_pdbx_refine_tls.T[3][3]_esd      ? 
_pdbx_refine_tls.L[1][1]          8.6680 
_pdbx_refine_tls.L[1][1]_esd      ? 
_pdbx_refine_tls.L[1][2]          -1.1553 
_pdbx_refine_tls.L[1][2]_esd      ? 
_pdbx_refine_tls.L[1][3]          0.6049 
_pdbx_refine_tls.L[1][3]_esd      ? 
_pdbx_refine_tls.L[2][2]          5.5369 
_pdbx_refine_tls.L[2][2]_esd      ? 
_pdbx_refine_tls.L[2][3]          -0.1971 
_pdbx_refine_tls.L[2][3]_esd      ? 
_pdbx_refine_tls.L[3][3]          3.8116 
_pdbx_refine_tls.L[3][3]_esd      ? 
_pdbx_refine_tls.S[1][1]          -0.1297 
_pdbx_refine_tls.S[1][1]_esd      ? 
_pdbx_refine_tls.S[1][2]          -0.1410 
_pdbx_refine_tls.S[1][2]_esd      ? 
_pdbx_refine_tls.S[1][3]          0.5107 
_pdbx_refine_tls.S[1][3]_esd      ? 
_pdbx_refine_tls.S[2][1]          -0.0559 
_pdbx_refine_tls.S[2][1]_esd      ? 
_pdbx_refine_tls.S[2][2]          0.2242 
_pdbx_refine_tls.S[2][2]_esd      ? 
_pdbx_refine_tls.S[2][3]          -0.2477 
_pdbx_refine_tls.S[2][3]_esd      ? 
_pdbx_refine_tls.S[3][1]          -0.2250 
_pdbx_refine_tls.S[3][1]_esd      ? 
_pdbx_refine_tls.S[3][2]          0.1136 
_pdbx_refine_tls.S[3][2]_esd      ? 
_pdbx_refine_tls.S[3][3]          -0.0945 
_pdbx_refine_tls.S[3][3]_esd      ? 
# 
_pdbx_refine_tls_group.id                  1 
_pdbx_refine_tls_group.pdbx_refine_id      'X-RAY DIFFRACTION' 
_pdbx_refine_tls_group.refine_tls_id       1 
_pdbx_refine_tls_group.beg_label_asym_id   ? 
_pdbx_refine_tls_group.beg_label_seq_id    ? 
_pdbx_refine_tls_group.beg_auth_asym_id    A 
_pdbx_refine_tls_group.beg_auth_seq_id     1 
_pdbx_refine_tls_group.beg_PDB_ins_code    ? 
_pdbx_refine_tls_group.end_label_asym_id   ? 
_pdbx_refine_tls_group.end_label_seq_id    ? 
_pdbx_refine_tls_group.end_auth_asym_id    A 
_pdbx_refine_tls_group.end_auth_seq_id     24 
_pdbx_refine_tls_group.end_PDB_ins_code    ? 
_pdbx_refine_tls_group.selection           ? 
_pdbx_refine_tls_group.selection_details   ? 
# 
loop_
_chem_comp_atom.comp_id 
_chem_comp_atom.atom_id 
_chem_comp_atom.type_symbol 
_chem_comp_atom.pdbx_aromatic_flag 
_chem_comp_atom.pdbx_stereo_config 
_chem_comp_atom.pdbx_ordinal 
DC  OP3    O N N 1  
DC  P      P N N 2  
DC  OP1    O N N 3  
DC  OP2    O N N 4  
DC  "O5'"  O N N 5  
DC  "C5'"  C N N 6  
DC  "C4'"  C N R 7  
DC  "O4'"  O N N 8  
DC  "C3'"  C N S 9  
DC  "O3'"  O N N 10 
DC  "C2'"  C N N 11 
DC  "C1'"  C N R 12 
DC  N1     N N N 13 
DC  C2     C N N 14 
DC  O2     O N N 15 
DC  N3     N N N 16 
DC  C4     C N N 17 
DC  N4     N N N 18 
DC  C5     C N N 19 
DC  C6     C N N 20 
DC  HOP3   H N N 21 
DC  HOP2   H N N 22 
DC  "H5'"  H N N 23 
DC  "H5''" H N N 24 
DC  "H4'"  H N N 25 
DC  "H3'"  H N N 26 
DC  "HO3'" H N N 27 
DC  "H2'"  H N N 28 
DC  "H2''" H N N 29 
DC  "H1'"  H N N 30 
DC  H41    H N N 31 
DC  H42    H N N 32 
DC  H5     H N N 33 
DC  H6     H N N 34 
DG  OP3    O N N 35 
DG  P      P N N 36 
DG  OP1    O N N 37 
DG  OP2    O N N 38 
DG  "O5'"  O N N 39 
DG  "C5'"  C N N 40 
DG  "C4'"  C N R 41 
DG  "O4'"  O N N 42 
DG  "C3'"  C N S 43 
DG  "O3'"  O N N 44 
DG  "C2'"  C N N 45 
DG  "C1'"  C N R 46 
DG  N9     N Y N 47 
DG  C8     C Y N 48 
DG  N7     N Y N 49 
DG  C5     C Y N 50 
DG  C6     C N N 51 
DG  O6     O N N 52 
DG  N1     N N N 53 
DG  C2     C N N 54 
DG  N2     N N N 55 
DG  N3     N N N 56 
DG  C4     C Y N 57 
DG  HOP3   H N N 58 
DG  HOP2   H N N 59 
DG  "H5'"  H N N 60 
DG  "H5''" H N N 61 
DG  "H4'"  H N N 62 
DG  "H3'"  H N N 63 
DG  "HO3'" H N N 64 
DG  "H2'"  H N N 65 
DG  "H2''" H N N 66 
DG  "H1'"  H N N 67 
DG  H8     H N N 68 
DG  H1     H N N 69 
DG  H21    H N N 70 
DG  H22    H N N 71 
HOH O      O N N 72 
HOH H1     H N N 73 
HOH H2     H N N 74 
K   K      K N N 75 
# 
loop_
_chem_comp_bond.comp_id 
_chem_comp_bond.atom_id_1 
_chem_comp_bond.atom_id_2 
_chem_comp_bond.value_order 
_chem_comp_bond.pdbx_aromatic_flag 
_chem_comp_bond.pdbx_stereo_config 
_chem_comp_bond.pdbx_ordinal 
DC  OP3   P      sing N N 1  
DC  OP3   HOP3   sing N N 2  
DC  P     OP1    doub N N 3  
DC  P     OP2    sing N N 4  
DC  P     "O5'"  sing N N 5  
DC  OP2   HOP2   sing N N 6  
DC  "O5'" "C5'"  sing N N 7  
DC  "C5'" "C4'"  sing N N 8  
DC  "C5'" "H5'"  sing N N 9  
DC  "C5'" "H5''" sing N N 10 
DC  "C4'" "O4'"  sing N N 11 
DC  "C4'" "C3'"  sing N N 12 
DC  "C4'" "H4'"  sing N N 13 
DC  "O4'" "C1'"  sing N N 14 
DC  "C3'" "O3'"  sing N N 15 
DC  "C3'" "C2'"  sing N N 16 
DC  "C3'" "H3'"  sing N N 17 
DC  "O3'" "HO3'" sing N N 18 
DC  "C2'" "C1'"  sing N N 19 
DC  "C2'" "H2'"  sing N N 20 
DC  "C2'" "H2''" sing N N 21 
DC  "C1'" N1     sing N N 22 
DC  "C1'" "H1'"  sing N N 23 
DC  N1    C2     sing N N 24 
DC  N1    C6     sing N N 25 
DC  C2    O2     doub N N 26 
DC  C2    N3     sing N N 27 
DC  N3    C4     doub N N 28 
DC  C4    N4     sing N N 29 
DC  C4    C5     sing N N 30 
DC  N4    H41    sing N N 31 
DC  N4    H42    sing N N 32 
DC  C5    C6     doub N N 33 
DC  C5    H5     sing N N 34 
DC  C6    H6     sing N N 35 
DG  OP3   P      sing N N 36 
DG  OP3   HOP3   sing N N 37 
DG  P     OP1    doub N N 38 
DG  P     OP2    sing N N 39 
DG  P     "O5'"  sing N N 40 
DG  OP2   HOP2   sing N N 41 
DG  "O5'" "C5'"  sing N N 42 
DG  "C5'" "C4'"  sing N N 43 
DG  "C5'" "H5'"  sing N N 44 
DG  "C5'" "H5''" sing N N 45 
DG  "C4'" "O4'"  sing N N 46 
DG  "C4'" "C3'"  sing N N 47 
DG  "C4'" "H4'"  sing N N 48 
DG  "O4'" "C1'"  sing N N 49 
DG  "C3'" "O3'"  sing N N 50 
DG  "C3'" "C2'"  sing N N 51 
DG  "C3'" "H3'"  sing N N 52 
DG  "O3'" "HO3'" sing N N 53 
DG  "C2'" "C1'"  sing N N 54 
DG  "C2'" "H2'"  sing N N 55 
DG  "C2'" "H2''" sing N N 56 
DG  "C1'" N9     sing N N 57 
DG  "C1'" "H1'"  sing N N 58 
DG  N9    C8     sing Y N 59 
DG  N9    C4     sing Y N 60 
DG  C8    N7     doub Y N 61 
DG  C8    H8     sing N N 62 
DG  N7    C5     sing Y N 63 
DG  C5    C6     sing N N 64 
DG  C5    C4     doub Y N 65 
DG  C6    O6     doub N N 66 
DG  C6    N1     sing N N 67 
DG  N1    C2     sing N N 68 
DG  N1    H1     sing N N 69 
DG  C2    N2     sing N N 70 
DG  C2    N3     doub N N 71 
DG  N2    H21    sing N N 72 
DG  N2    H22    sing N N 73 
DG  N3    C4     sing N N 74 
HOH O     H1     sing N N 75 
HOH O     H2     sing N N 76 
# 
loop_
_ndb_struct_conf_na.entry_id 
_ndb_struct_conf_na.feature 
9UK6 'double helix'    
9UK6 'quadruple helix' 
# 
loop_
_ndb_struct_na_base_pair.model_number 
_ndb_struct_na_base_pair.i_label_asym_id 
_ndb_struct_na_base_pair.i_label_comp_id 
_ndb_struct_na_base_pair.i_label_seq_id 
_ndb_struct_na_base_pair.i_symmetry 
_ndb_struct_na_base_pair.j_label_asym_id 
_ndb_struct_na_base_pair.j_label_comp_id 
_ndb_struct_na_base_pair.j_label_seq_id 
_ndb_struct_na_base_pair.j_symmetry 
_ndb_struct_na_base_pair.shear 
_ndb_struct_na_base_pair.stretch 
_ndb_struct_na_base_pair.stagger 
_ndb_struct_na_base_pair.buckle 
_ndb_struct_na_base_pair.propeller 
_ndb_struct_na_base_pair.opening 
_ndb_struct_na_base_pair.pair_number 
_ndb_struct_na_base_pair.pair_name 
_ndb_struct_na_base_pair.i_auth_asym_id 
_ndb_struct_na_base_pair.i_auth_seq_id 
_ndb_struct_na_base_pair.i_PDB_ins_code 
_ndb_struct_na_base_pair.j_auth_asym_id 
_ndb_struct_na_base_pair.j_auth_seq_id 
_ndb_struct_na_base_pair.j_PDB_ins_code 
_ndb_struct_na_base_pair.hbond_type_28 
_ndb_struct_na_base_pair.hbond_type_12 
1 A DG 1  1_555 A DG 19 1_555 -1.566 -3.498 -0.032 -0.481 0.203  90.002  1 A_DG1:DG19_A  A 1  ? A 19 ? 6 3 
1 A DG 14 1_555 A DG 20 1_555 1.610  3.601  0.083  -2.061 -2.494 -89.694 2 A_DG14:DG20_A A 14 ? A 20 ? 6 3 
# 
_ndb_struct_na_base_pair_step.model_number        1 
_ndb_struct_na_base_pair_step.i_label_asym_id_1   A 
_ndb_struct_na_base_pair_step.i_label_comp_id_1   DG 
_ndb_struct_na_base_pair_step.i_label_seq_id_1    1 
_ndb_struct_na_base_pair_step.i_symmetry_1        1_555 
_ndb_struct_na_base_pair_step.j_label_asym_id_1   A 
_ndb_struct_na_base_pair_step.j_label_comp_id_1   DG 
_ndb_struct_na_base_pair_step.j_label_seq_id_1    19 
_ndb_struct_na_base_pair_step.j_symmetry_1        1_555 
_ndb_struct_na_base_pair_step.i_label_asym_id_2   A 
_ndb_struct_na_base_pair_step.i_label_comp_id_2   DG 
_ndb_struct_na_base_pair_step.i_label_seq_id_2    14 
_ndb_struct_na_base_pair_step.i_symmetry_2        1_555 
_ndb_struct_na_base_pair_step.j_label_asym_id_2   A 
_ndb_struct_na_base_pair_step.j_label_comp_id_2   DG 
_ndb_struct_na_base_pair_step.j_label_seq_id_2    20 
_ndb_struct_na_base_pair_step.j_symmetry_2        1_555 
_ndb_struct_na_base_pair_step.shift               0.838 
_ndb_struct_na_base_pair_step.slide               1.594 
_ndb_struct_na_base_pair_step.rise                3.262 
_ndb_struct_na_base_pair_step.tilt                -0.245 
_ndb_struct_na_base_pair_step.roll                -0.241 
_ndb_struct_na_base_pair_step.twist               -56.275 
_ndb_struct_na_base_pair_step.x_displacement      -1.677 
_ndb_struct_na_base_pair_step.y_displacement      0.875 
_ndb_struct_na_base_pair_step.helical_rise        3.271 
_ndb_struct_na_base_pair_step.inclination         0.255 
_ndb_struct_na_base_pair_step.tip                 -0.259 
_ndb_struct_na_base_pair_step.helical_twist       -56.276 
_ndb_struct_na_base_pair_step.step_number         1 
_ndb_struct_na_base_pair_step.step_name           AA_DG1DG14:DG20DG19_AA 
_ndb_struct_na_base_pair_step.i_auth_asym_id_1    A 
_ndb_struct_na_base_pair_step.i_auth_seq_id_1     1 
_ndb_struct_na_base_pair_step.i_PDB_ins_code_1    ? 
_ndb_struct_na_base_pair_step.j_auth_asym_id_1    A 
_ndb_struct_na_base_pair_step.j_auth_seq_id_1     19 
_ndb_struct_na_base_pair_step.j_PDB_ins_code_1    ? 
_ndb_struct_na_base_pair_step.i_auth_asym_id_2    A 
_ndb_struct_na_base_pair_step.i_auth_seq_id_2     14 
_ndb_struct_na_base_pair_step.i_PDB_ins_code_2    ? 
_ndb_struct_na_base_pair_step.j_auth_asym_id_2    A 
_ndb_struct_na_base_pair_step.j_auth_seq_id_2     20 
_ndb_struct_na_base_pair_step.j_PDB_ins_code_2    ? 
# 
loop_
_pdbx_audit_support.funding_organization 
_pdbx_audit_support.country 
_pdbx_audit_support.grant_number 
_pdbx_audit_support.ordinal 
'National Science Foundation (NSF, China)' China 32301023 1 
'National Science Foundation (NSF, China)' China 32471312 2 
# 
_pdbx_initial_refinement_model.id               1 
_pdbx_initial_refinement_model.entity_id_list   ? 
_pdbx_initial_refinement_model.type             'experimental model' 
_pdbx_initial_refinement_model.source_name      PDB 
_pdbx_initial_refinement_model.accession_code   7ECG 
_pdbx_initial_refinement_model.details          ? 
# 
_atom_sites.entry_id                    9UK6 
_atom_sites.Cartn_transf_matrix[1][1]   ? 
_atom_sites.Cartn_transf_matrix[1][2]   ? 
_atom_sites.Cartn_transf_matrix[1][3]   ? 
_atom_sites.Cartn_transf_matrix[2][1]   ? 
_atom_sites.Cartn_transf_matrix[2][2]   ? 
_atom_sites.Cartn_transf_matrix[2][3]   ? 
_atom_sites.Cartn_transf_matrix[3][1]   ? 
_atom_sites.Cartn_transf_matrix[3][2]   ? 
_atom_sites.Cartn_transf_matrix[3][3]   ? 
_atom_sites.Cartn_transf_vector[1]      ? 
_atom_sites.Cartn_transf_vector[2]      ? 
_atom_sites.Cartn_transf_vector[3]      ? 
_atom_sites.Cartn_transform_axes        ? 
_atom_sites.fract_transf_matrix[1][1]   0.01162185 
_atom_sites.fract_transf_matrix[1][2]   0.00794713 
_atom_sites.fract_transf_matrix[1][3]   0.00675538 
_atom_sites.fract_transf_matrix[2][1]   -0.01035456 
_atom_sites.fract_transf_matrix[2][2]   0.01000762 
_atom_sites.fract_transf_matrix[2][3]   0.00604070 
_atom_sites.fract_transf_matrix[3][1]   -0.00241399 
_atom_sites.fract_transf_matrix[3][2]   -0.01726256 
_atom_sites.fract_transf_matrix[3][3]   0.02446095 
_atom_sites.fract_transf_vector[1]      0.116794 
_atom_sites.fract_transf_vector[2]      -0.042714 
_atom_sites.fract_transf_vector[3]      -0.411726 
_atom_sites.solution_primary            ? 
_atom_sites.solution_secondary          ? 
_atom_sites.solution_hydrogens          ? 
_atom_sites.special_details             ? 
# 
loop_
_atom_type.symbol 
C 
K 
N 
O 
P 
# 
loop_
_atom_site.group_PDB 
_atom_site.id 
_atom_site.type_symbol 
_atom_site.label_atom_id 
_atom_site.label_alt_id 
_atom_site.label_comp_id 
_atom_site.label_asym_id 
_atom_site.label_entity_id 
_atom_site.label_seq_id 
_atom_site.pdbx_PDB_ins_code 
_atom_site.Cartn_x 
_atom_site.Cartn_y 
_atom_site.Cartn_z 
_atom_site.occupancy 
_atom_site.B_iso_or_equiv 
_atom_site.pdbx_formal_charge 
_atom_site.auth_seq_id 
_atom_site.auth_comp_id 
_atom_site.auth_asym_id 
_atom_site.auth_atom_id 
_atom_site.pdbx_PDB_model_num 
ATOM   1   O "O5'" . DG  A 1 1  ? -9.344  -4.938  8.291   1.00 39.32  ? 1   DG  A "O5'" 1 
ATOM   2   C "C5'" . DG  A 1 1  ? -8.348  -5.775  8.871   1.00 39.63  ? 1   DG  A "C5'" 1 
ATOM   3   C "C4'" . DG  A 1 1  ? -7.762  -6.651  7.793   1.00 36.69  ? 1   DG  A "C4'" 1 
ATOM   4   O "O4'" . DG  A 1 1  ? -8.032  -6.031  6.513   1.00 32.08  ? 1   DG  A "O4'" 1 
ATOM   5   C "C3'" . DG  A 1 1  ? -6.245  -6.849  7.863   1.00 36.38  ? 1   DG  A "C3'" 1 
ATOM   6   O "O3'" . DG  A 1 1  ? -5.904  -8.184  7.495   1.00 39.49  ? 1   DG  A "O3'" 1 
ATOM   7   C "C2'" . DG  A 1 1  ? -5.734  -5.876  6.810   1.00 32.32  ? 1   DG  A "C2'" 1 
ATOM   8   C "C1'" . DG  A 1 1  ? -6.826  -6.028  5.773   1.00 30.31  ? 1   DG  A "C1'" 1 
ATOM   9   N N9    . DG  A 1 1  ? -6.889  -4.970  4.783   1.00 27.94  ? 1   DG  A N9    1 
ATOM   10  C C8    . DG  A 1 1  ? -7.345  -3.682  4.940   1.00 29.26  ? 1   DG  A C8    1 
ATOM   11  N N7    . DG  A 1 1  ? -7.233  -2.962  3.855   1.00 27.88  ? 1   DG  A N7    1 
ATOM   12  C C5    . DG  A 1 1  ? -6.646  -3.821  2.937   1.00 25.30  ? 1   DG  A C5    1 
ATOM   13  C C6    . DG  A 1 1  ? -6.303  -3.614  1.582   1.00 25.33  ? 1   DG  A C6    1 
ATOM   14  O O6    . DG  A 1 1  ? -6.418  -2.582  0.916   1.00 23.04  ? 1   DG  A O6    1 
ATOM   15  N N1    . DG  A 1 1  ? -5.752  -4.758  1.009   1.00 22.54  ? 1   DG  A N1    1 
ATOM   16  C C2    . DG  A 1 1  ? -5.577  -5.957  1.649   1.00 23.49  ? 1   DG  A C2    1 
ATOM   17  N N2    . DG  A 1 1  ? -5.032  -6.941  0.928   1.00 23.70  ? 1   DG  A N2    1 
ATOM   18  N N3    . DG  A 1 1  ? -5.909  -6.168  2.916   1.00 26.04  ? 1   DG  A N3    1 
ATOM   19  C C4    . DG  A 1 1  ? -6.435  -5.063  3.493   1.00 25.10  ? 1   DG  A C4    1 
ATOM   20  P P     . DG  A 1 2  ? -4.376  -8.709  7.471   1.00 44.20  ? 2   DG  A P     1 
ATOM   21  O OP1   . DG  A 1 2  ? -4.399  -10.196 7.525   1.00 50.44  ? 2   DG  A OP1   1 
ATOM   22  O OP2   . DG  A 1 2  ? -3.585  -7.977  8.498   1.00 49.05  ? 2   DG  A OP2   1 
ATOM   23  O "O5'" . DG  A 1 2  ? -3.798  -8.264  6.050   1.00 49.65  ? 2   DG  A "O5'" 1 
ATOM   24  C "C5'" . DG  A 1 2  ? -4.370  -8.761  4.845   1.00 45.39  ? 2   DG  A "C5'" 1 
ATOM   25  C "C4'" . DG  A 1 2  ? -3.368  -9.565  4.057   1.00 42.11  ? 2   DG  A "C4'" 1 
ATOM   26  O "O4'" . DG  A 1 2  ? -2.966  -8.810  2.898   1.00 38.43  ? 2   DG  A "O4'" 1 
ATOM   27  C "C3'" . DG  A 1 2  ? -2.049  -9.841  4.763   1.00 46.17  ? 2   DG  A "C3'" 1 
ATOM   28  O "O3'" . DG  A 1 2  ? -1.342  -10.837 4.036   1.00 48.01  ? 2   DG  A "O3'" 1 
ATOM   29  C "C2'" . DG  A 1 2  ? -1.356  -8.499  4.624   1.00 39.87  ? 2   DG  A "C2'" 1 
ATOM   30  C "C1'" . DG  A 1 2  ? -1.772  -8.092  3.217   1.00 36.19  ? 2   DG  A "C1'" 1 
ATOM   31  N N9    . DG  A 1 2  ? -2.085  -6.690  3.048   1.00 28.93  ? 2   DG  A N9    1 
ATOM   32  C C8    . DG  A 1 2  ? -2.651  -5.815  3.947   1.00 27.73  ? 2   DG  A C8    1 
ATOM   33  N N7    . DG  A 1 2  ? -2.873  -4.630  3.441   1.00 25.94  ? 2   DG  A N7    1 
ATOM   34  C C5    . DG  A 1 2  ? -2.448  -4.739  2.125   1.00 25.11  ? 2   DG  A C5    1 
ATOM   35  C C6    . DG  A 1 2  ? -2.433  -3.779  1.088   1.00 27.18  ? 2   DG  A C6    1 
ATOM   36  O O6    . DG  A 1 2  ? -2.822  -2.608  1.126   1.00 30.67  ? 2   DG  A O6    1 
ATOM   37  N N1    . DG  A 1 2  ? -1.915  -4.308  -0.091  1.00 27.77  ? 2   DG  A N1    1 
ATOM   38  C C2    . DG  A 1 2  ? -1.469  -5.595  -0.256  1.00 25.15  ? 2   DG  A C2    1 
ATOM   39  N N2    . DG  A 1 2  ? -1.007  -5.916  -1.470  1.00 26.14  ? 2   DG  A N2    1 
ATOM   40  N N3    . DG  A 1 2  ? -1.482  -6.503  0.710   1.00 24.15  ? 2   DG  A N3    1 
ATOM   41  C C4    . DG  A 1 2  ? -1.984  -6.008  1.863   1.00 24.68  ? 2   DG  A C4    1 
ATOM   42  P P     . DG  A 1 3  ? 0.080   -11.394 4.538   1.00 52.02  ? 3   DG  A P     1 
ATOM   43  O OP1   . DG  A 1 3  ? 0.085   -12.873 4.343   1.00 50.07  ? 3   DG  A OP1   1 
ATOM   44  O OP2   . DG  A 1 3  ? 0.493   -10.816 5.855   1.00 44.46  ? 3   DG  A OP2   1 
ATOM   45  O "O5'" . DG  A 1 3  ? 1.092   -10.697 3.521   1.00 40.12  ? 3   DG  A "O5'" 1 
ATOM   46  C "C5'" . DG  A 1 3  ? 1.092   -10.969 2.133   1.00 33.01  ? 3   DG  A "C5'" 1 
ATOM   47  C "C4'" . DG  A 1 3  ? 2.024   -9.981  1.486   1.00 30.63  ? 3   DG  A "C4'" 1 
ATOM   48  O "O4'" . DG  A 1 3  ? 1.415   -8.678  1.519   1.00 27.99  ? 3   DG  A "O4'" 1 
ATOM   49  C "C3'" . DG  A 1 3  ? 3.383   -9.820  2.177   1.00 31.81  ? 3   DG  A "C3'" 1 
ATOM   50  O "O3'" . DG  A 1 3  ? 4.377   -10.365 1.324   1.00 31.81  ? 3   DG  A "O3'" 1 
ATOM   51  C "C2'" . DG  A 1 3  ? 3.543   -8.312  2.348   1.00 29.15  ? 3   DG  A "C2'" 1 
ATOM   52  C "C1'" . DG  A 1 3  ? 2.486   -7.773  1.410   1.00 27.30  ? 3   DG  A "C1'" 1 
ATOM   53  N N9    . DG  A 1 3  ? 1.964   -6.460  1.726   1.00 26.77  ? 3   DG  A N9    1 
ATOM   54  C C8    . DG  A 1 3  ? 1.413   -6.025  2.906   1.00 28.17  ? 3   DG  A C8    1 
ATOM   55  N N7    . DG  A 1 3  ? 0.994   -4.788  2.854   1.00 30.24  ? 3   DG  A N7    1 
ATOM   56  C C5    . DG  A 1 3  ? 1.271   -4.391  1.554   1.00 24.73  ? 3   DG  A C5    1 
ATOM   57  C C6    . DG  A 1 3  ? 1.029   -3.159  0.902   1.00 23.78  ? 3   DG  A C6    1 
ATOM   58  O O6    . DG  A 1 3  ? 0.513   -2.136  1.363   1.00 25.26  ? 3   DG  A O6    1 
ATOM   59  N N1    . DG  A 1 3  ? 1.474   -3.183  -0.416  1.00 22.26  ? 3   DG  A N1    1 
ATOM   60  C C2    . DG  A 1 3  ? 2.053   -4.257  -1.040  1.00 23.34  ? 3   DG  A C2    1 
ATOM   61  N N2    . DG  A 1 3  ? 2.398   -4.088  -2.321  1.00 23.48  ? 3   DG  A N2    1 
ATOM   62  N N3    . DG  A 1 3  ? 2.272   -5.421  -0.442  1.00 23.59  ? 3   DG  A N3    1 
ATOM   63  C C4    . DG  A 1 3  ? 1.864   -5.412  0.846   1.00 24.81  ? 3   DG  A C4    1 
ATOM   64  P P     . DG  A 1 4  ? 5.931   -10.236 1.702   1.00 34.30  ? 4   DG  A P     1 
ATOM   65  O OP1   . DG  A 1 4  ? 6.694   -11.424 1.218   1.00 43.54  ? 4   DG  A OP1   1 
ATOM   66  O OP2   . DG  A 1 4  ? 6.082   -9.822  3.123   1.00 36.66  ? 4   DG  A OP2   1 
ATOM   67  O "O5'" . DG  A 1 4  ? 6.240   -9.014  0.727   1.00 32.84  ? 4   DG  A "O5'" 1 
ATOM   68  C "C5'" . DG  A 1 4  ? 5.944   -9.237  -0.645  1.00 33.40  ? 4   DG  A "C5'" 1 
ATOM   69  C "C4'" . DG  A 1 4  ? 6.566   -8.106  -1.416  1.00 34.76  ? 4   DG  A "C4'" 1 
ATOM   70  O "O4'" . DG  A 1 4  ? 5.763   -6.928  -1.206  1.00 31.99  ? 4   DG  A "O4'" 1 
ATOM   71  C "C3'" . DG  A 1 4  ? 7.989   -7.763  -0.969  1.00 36.63  ? 4   DG  A "C3'" 1 
ATOM   72  O "O3'" . DG  A 1 4  ? 8.858   -7.714  -2.082  1.00 38.93  ? 4   DG  A "O3'" 1 
ATOM   73  C "C2'" . DG  A 1 4  ? 7.878   -6.384  -0.348  1.00 33.73  ? 4   DG  A "C2'" 1 
ATOM   74  C "C1'" . DG  A 1 4  ? 6.619   -5.822  -0.979  1.00 31.29  ? 4   DG  A "C1'" 1 
ATOM   75  N N9    . DG  A 1 4  ? 5.899   -4.871  -0.147  1.00 28.75  ? 4   DG  A N9    1 
ATOM   76  C C8    . DG  A 1 4  ? 5.520   -5.022  1.165   1.00 28.31  ? 4   DG  A C8    1 
ATOM   77  N N7    . DG  A 1 4  ? 4.893   -3.979  1.643   1.00 29.96  ? 4   DG  A N7    1 
ATOM   78  C C5    . DG  A 1 4  ? 4.853   -3.090  0.580   1.00 25.92  ? 4   DG  A C5    1 
ATOM   79  C C6    . DG  A 1 4  ? 4.283   -1.800  0.488   1.00 27.77  ? 4   DG  A C6    1 
ATOM   80  O O6    . DG  A 1 4  ? 3.702   -1.155  1.369   1.00 27.77  ? 4   DG  A O6    1 
ATOM   81  N N1    . DG  A 1 4  ? 4.472   -1.245  -0.775  1.00 26.37  ? 4   DG  A N1    1 
ATOM   82  C C2    . DG  A 1 4  ? 5.113   -1.857  -1.823  1.00 25.04  ? 4   DG  A C2    1 
ATOM   83  N N2    . DG  A 1 4  ? 5.204   -1.158  -2.961  1.00 24.37  ? 4   DG  A N2    1 
ATOM   84  N N3    . DG  A 1 4  ? 5.639   -3.072  -1.751  1.00 24.46  ? 4   DG  A N3    1 
ATOM   85  C C4    . DG  A 1 4  ? 5.468   -3.625  -0.530  1.00 26.03  ? 4   DG  A C4    1 
ATOM   86  P P     . DC  A 1 5  ? 10.069  -8.759  -2.153  1.00 40.04  ? 5   DC  A P     1 
ATOM   87  O OP1   . DC  A 1 5  ? 10.487  -9.199  -0.785  1.00 40.53  ? 5   DC  A OP1   1 
ATOM   88  O OP2   . DC  A 1 5  ? 11.114  -8.298  -3.110  1.00 42.29  ? 5   DC  A OP2   1 
ATOM   89  O "O5'" . DC  A 1 5  ? 9.220   -9.981  -2.739  1.00 37.20  ? 5   DC  A "O5'" 1 
ATOM   90  C "C5'" . DC  A 1 5  ? 8.995   -10.169 -4.132  1.00 36.28  ? 5   DC  A "C5'" 1 
ATOM   91  C "C4'" . DC  A 1 5  ? 8.354   -11.517 -4.368  1.00 35.08  ? 5   DC  A "C4'" 1 
ATOM   92  O "O4'" . DC  A 1 5  ? 9.304   -12.567 -4.081  1.00 36.06  ? 5   DC  A "O4'" 1 
ATOM   93  C "C3'" . DC  A 1 5  ? 7.135   -11.823 -3.514  1.00 32.85  ? 5   DC  A "C3'" 1 
ATOM   94  O "O3'" . DC  A 1 5  ? 6.276   -12.692 -4.231  1.00 36.25  ? 5   DC  A "O3'" 1 
ATOM   95  C "C2'" . DC  A 1 5  ? 7.725   -12.549 -2.320  1.00 33.15  ? 5   DC  A "C2'" 1 
ATOM   96  C "C1'" . DC  A 1 5  ? 8.921   -13.279 -2.912  1.00 34.94  ? 5   DC  A "C1'" 1 
ATOM   97  N N1    . DC  A 1 5  ? 10.091  -13.330 -2.003  1.00 36.25  ? 5   DC  A N1    1 
ATOM   98  C C2    . DC  A 1 5  ? 10.076  -14.245 -0.950  1.00 36.97  ? 5   DC  A C2    1 
ATOM   99  O O2    . DC  A 1 5  ? 9.120   -15.002 -0.836  1.00 36.50  ? 5   DC  A O2    1 
ATOM   100 N N3    . DC  A 1 5  ? 11.117  -14.272 -0.088  1.00 37.36  ? 5   DC  A N3    1 
ATOM   101 C C4    . DC  A 1 5  ? 12.140  -13.428 -0.242  1.00 38.24  ? 5   DC  A C4    1 
ATOM   102 N N4    . DC  A 1 5  ? 13.145  -13.501 0.625   1.00 40.50  ? 5   DC  A N4    1 
ATOM   103 C C5    . DC  A 1 5  ? 12.176  -12.486 -1.307  1.00 37.30  ? 5   DC  A C5    1 
ATOM   104 C C6    . DC  A 1 5  ? 11.137  -12.463 -2.147  1.00 35.93  ? 5   DC  A C6    1 
ATOM   105 P P     . DC  A 1 6  ? 5.055   -12.126 -5.108  1.00 37.34  ? 6   DC  A P     1 
ATOM   106 O OP1   . DC  A 1 6  ? 5.459   -12.127 -6.543  1.00 40.36  ? 6   DC  A OP1   1 
ATOM   107 O OP2   . DC  A 1 6  ? 4.545   -10.863 -4.510  1.00 35.40  ? 6   DC  A OP2   1 
ATOM   108 O "O5'" . DC  A 1 6  ? 4.019   -13.280 -4.741  1.00 35.41  ? 6   DC  A "O5'" 1 
ATOM   109 C "C5'" . DC  A 1 6  ? 2.978   -13.705 -5.598  1.00 37.88  ? 6   DC  A "C5'" 1 
ATOM   110 C "C4'" . DC  A 1 6  ? 2.055   -14.563 -4.778  1.00 39.05  ? 6   DC  A "C4'" 1 
ATOM   111 O "O4'" . DC  A 1 6  ? 2.788   -15.673 -4.205  1.00 41.20  ? 6   DC  A "O4'" 1 
ATOM   112 C "C3'" . DC  A 1 6  ? 1.402   -13.847 -3.604  1.00 37.59  ? 6   DC  A "C3'" 1 
ATOM   113 O "O3'" . DC  A 1 6  ? 0.091   -14.343 -3.441  1.00 44.70  ? 6   DC  A "O3'" 1 
ATOM   114 C "C2'" . DC  A 1 6  ? 2.231   -14.287 -2.413  1.00 36.30  ? 6   DC  A "C2'" 1 
ATOM   115 C "C1'" . DC  A 1 6  ? 2.589   -15.704 -2.804  1.00 39.52  ? 6   DC  A "C1'" 1 
ATOM   116 N N1    . DC  A 1 6  ? 3.828   -16.207 -2.179  1.00 39.05  ? 6   DC  A N1    1 
ATOM   117 C C2    . DC  A 1 6  ? 3.746   -17.248 -1.252  1.00 40.88  ? 6   DC  A C2    1 
ATOM   118 O O2    . DC  A 1 6  ? 2.646   -17.713 -0.982  1.00 39.60  ? 6   DC  A O2    1 
ATOM   119 N N3    . DC  A 1 6  ? 4.883   -17.722 -0.690  1.00 41.74  ? 6   DC  A N3    1 
ATOM   120 C C4    . DC  A 1 6  ? 6.066   -17.186 -1.014  1.00 41.48  ? 6   DC  A C4    1 
ATOM   121 N N4    . DC  A 1 6  ? 7.157   -17.684 -0.442  1.00 42.65  ? 6   DC  A N4    1 
ATOM   122 C C5    . DC  A 1 6  ? 6.174   -16.131 -1.964  1.00 39.89  ? 6   DC  A C5    1 
ATOM   123 C C6    . DC  A 1 6  ? 5.041   -15.673 -2.510  1.00 38.77  ? 6   DC  A C6    1 
ATOM   124 P P     . DG  A 1 7  ? -0.975  -13.519 -2.579  1.00 49.40  ? 7   DG  A P     1 
ATOM   125 O OP1   . DG  A 1 7  ? -0.373  -12.511 -1.661  1.00 40.85  ? 7   DG  A OP1   1 
ATOM   126 O OP2   . DG  A 1 7  ? -2.072  -14.400 -2.085  1.00 60.03  ? 7   DG  A OP2   1 
ATOM   127 O "O5'" . DG  A 1 7  ? -1.466  -12.718 -3.863  1.00 43.86  ? 7   DG  A "O5'" 1 
ATOM   128 C "C5'" . DG  A 1 7  ? -2.200  -11.538 -3.599  1.00 39.25  ? 7   DG  A "C5'" 1 
ATOM   129 C "C4'" . DG  A 1 7  ? -2.383  -10.825 -4.910  1.00 36.70  ? 7   DG  A "C4'" 1 
ATOM   130 O "O4'" . DG  A 1 7  ? -3.351  -9.774  -4.714  1.00 32.43  ? 7   DG  A "O4'" 1 
ATOM   131 C "C3'" . DG  A 1 7  ? -1.133  -10.124 -5.436  1.00 35.36  ? 7   DG  A "C3'" 1 
ATOM   132 O "O3'" . DG  A 1 7  ? -1.296  -9.920  -6.824  1.00 38.38  ? 7   DG  A "O3'" 1 
ATOM   133 C "C2'" . DG  A 1 7  ? -1.204  -8.803  -4.697  1.00 29.83  ? 7   DG  A "C2'" 1 
ATOM   134 C "C1'" . DG  A 1 7  ? -2.689  -8.522  -4.852  1.00 29.93  ? 7   DG  A "C1'" 1 
ATOM   135 N N9    . DG  A 1 7  ? -3.254  -7.610  -3.878  1.00 25.54  ? 7   DG  A N9    1 
ATOM   136 C C8    . DG  A 1 7  ? -3.621  -7.858  -2.576  1.00 26.83  ? 7   DG  A C8    1 
ATOM   137 N N7    . DG  A 1 7  ? -4.123  -6.812  -1.975  1.00 26.12  ? 7   DG  A N7    1 
ATOM   138 C C5    . DG  A 1 7  ? -4.105  -5.822  -2.948  1.00 25.22  ? 7   DG  A C5    1 
ATOM   139 C C6    . DG  A 1 7  ? -4.523  -4.473  -2.888  1.00 24.27  ? 7   DG  A C6    1 
ATOM   140 O O6    . DG  A 1 7  ? -5.008  -3.868  -1.927  1.00 25.03  ? 7   DG  A O6    1 
ATOM   141 N N1    . DG  A 1 7  ? -4.342  -3.822  -4.106  1.00 23.69  ? 7   DG  A N1    1 
ATOM   142 C C2    . DG  A 1 7  ? -3.806  -4.388  -5.236  1.00 25.48  ? 7   DG  A C2    1 
ATOM   143 N N2    . DG  A 1 7  ? -3.705  -3.597  -6.312  1.00 23.13  ? 7   DG  A N2    1 
ATOM   144 N N3    . DG  A 1 7  ? -3.410  -5.653  -5.304  1.00 25.88  ? 7   DG  A N3    1 
ATOM   145 C C4    . DG  A 1 7  ? -3.583  -6.303  -4.129  1.00 24.92  ? 7   DG  A C4    1 
ATOM   146 P P     . DG  A 1 8  ? -0.147  -9.282  -7.747  1.00 52.17  ? 8   DG  A P     1 
ATOM   147 O OP1   . DG  A 1 8  ? 0.063   -10.288 -8.829  1.00 52.90  ? 8   DG  A OP1   1 
ATOM   148 O OP2   . DG  A 1 8  ? 1.033   -8.756  -7.001  1.00 47.88  ? 8   DG  A OP2   1 
ATOM   149 O "O5'" . DG  A 1 8  ? -0.944  -8.048  -8.371  1.00 60.19  ? 8   DG  A "O5'" 1 
ATOM   150 C "C5'" . DG  A 1 8  ? -1.084  -6.820  -7.669  1.00 57.37  ? 8   DG  A "C5'" 1 
ATOM   151 C "C4'" . DG  A 1 8  ? -0.519  -5.708  -8.515  1.00 61.26  ? 8   DG  A "C4'" 1 
ATOM   152 O "O4'" . DG  A 1 8  ? -0.861  -4.442  -7.918  1.00 57.99  ? 8   DG  A "O4'" 1 
ATOM   153 C "C3'" . DG  A 1 8  ? 1.001   -5.672  -8.606  1.00 62.43  ? 8   DG  A "C3'" 1 
ATOM   154 O "O3'" . DG  A 1 8  ? 1.348   -4.879  -9.736  1.00 75.26  ? 8   DG  A "O3'" 1 
ATOM   155 C "C2'" . DG  A 1 8  ? 1.364   -5.007  -7.288  1.00 48.33  ? 8   DG  A "C2'" 1 
ATOM   156 C "C1'" . DG  A 1 8  ? 0.231   -4.000  -7.110  1.00 45.04  ? 8   DG  A "C1'" 1 
ATOM   157 N N9    . DG  A 1 8  ? -0.261  -3.855  -5.749  1.00 34.08  ? 8   DG  A N9    1 
ATOM   158 C C8    . DG  A 1 8  ? -0.287  -4.814  -4.764  1.00 34.87  ? 8   DG  A C8    1 
ATOM   159 N N7    . DG  A 1 8  ? -0.794  -4.384  -3.639  1.00 28.71  ? 8   DG  A N7    1 
ATOM   160 C C5    . DG  A 1 8  ? -1.128  -3.063  -3.901  1.00 27.86  ? 8   DG  A C5    1 
ATOM   161 C C6    . DG  A 1 8  ? -1.719  -2.089  -3.064  1.00 28.59  ? 8   DG  A C6    1 
ATOM   162 O O6    . DG  A 1 8  ? -2.068  -2.204  -1.883  1.00 25.53  ? 8   DG  A O6    1 
ATOM   163 N N1    . DG  A 1 8  ? -1.873  -0.872  -3.723  1.00 26.81  ? 8   DG  A N1    1 
ATOM   164 C C2    . DG  A 1 8  ? -1.531  -0.628  -5.029  1.00 28.93  ? 8   DG  A C2    1 
ATOM   165 N N2    . DG  A 1 8  ? -1.767  0.605   -5.488  1.00 29.44  ? 8   DG  A N2    1 
ATOM   166 N N3    . DG  A 1 8  ? -0.980  -1.536  -5.824  1.00 32.23  ? 8   DG  A N3    1 
ATOM   167 C C4    . DG  A 1 8  ? -0.812  -2.724  -5.197  1.00 28.05  ? 8   DG  A C4    1 
ATOM   168 P P     . DG  A 1 9  ? 2.873   -4.511  -10.089 1.00 75.96  ? 9   DG  A P     1 
ATOM   169 O OP1   . DG  A 1 9  ? 2.956   -4.453  -11.576 1.00 72.49  ? 9   DG  A OP1   1 
ATOM   170 O OP2   . DG  A 1 9  ? 3.854   -5.341  -9.328  1.00 71.31  ? 9   DG  A OP2   1 
ATOM   171 O "O5'" . DG  A 1 9  ? 2.995   -3.036  -9.486  1.00 53.95  ? 9   DG  A "O5'" 1 
ATOM   172 C "C5'" . DG  A 1 9  ? 2.177   -1.999  -10.014 1.00 45.90  ? 9   DG  A "C5'" 1 
ATOM   173 C "C4'" . DG  A 1 9  ? 2.452   -0.703  -9.291  1.00 40.15  ? 9   DG  A "C4'" 1 
ATOM   174 O "O4'" . DG  A 1 9  ? 1.826   -0.726  -7.991  1.00 32.84  ? 9   DG  A "O4'" 1 
ATOM   175 C "C3'" . DG  A 1 9  ? 3.930   -0.403  -9.047  1.00 36.75  ? 9   DG  A "C3'" 1 
ATOM   176 O "O3'" . DG  A 1 9  ? 4.211   0.738   -9.825  1.00 37.69  ? 9   DG  A "O3'" 1 
ATOM   177 C "C2'" . DG  A 1 9  ? 4.036   -0.155  -7.543  1.00 34.15  ? 9   DG  A "C2'" 1 
ATOM   178 C "C1'" . DG  A 1 9  ? 2.599   0.074   -7.119  1.00 29.84  ? 9   DG  A "C1'" 1 
ATOM   179 N N9    . DG  A 1 9  ? 2.287   -0.345  -5.762  1.00 27.51  ? 9   DG  A N9    1 
ATOM   180 C C8    . DG  A 1 9  ? 2.473   -1.606  -5.247  1.00 26.64  ? 9   DG  A C8    1 
ATOM   181 N N7    . DG  A 1 9  ? 2.098   -1.713  -3.999  1.00 25.34  ? 9   DG  A N7    1 
ATOM   182 C C5    . DG  A 1 9  ? 1.600   -0.456  -3.686  1.00 22.84  ? 9   DG  A C5    1 
ATOM   183 C C6    . DG  A 1 9  ? 1.034   0.028   -2.484  1.00 22.22  ? 9   DG  A C6    1 
ATOM   184 O O6    . DG  A 1 9  ? 0.866   -0.578  -1.416  1.00 21.05  ? 9   DG  A O6    1 
ATOM   185 N N1    . DG  A 1 9  ? 0.642   1.357   -2.604  1.00 24.63  ? 9   DG  A N1    1 
ATOM   186 C C2    . DG  A 1 9  ? 0.784   2.130   -3.728  1.00 25.12  ? 9   DG  A C2    1 
ATOM   187 N N2    . DG  A 1 9  ? 0.364   3.400   -3.638  1.00 25.48  ? 9   DG  A N2    1 
ATOM   188 N N3    . DG  A 1 9  ? 1.307   1.683   -4.862  1.00 26.87  ? 9   DG  A N3    1 
ATOM   189 C C4    . DG  A 1 9  ? 1.686   0.389   -4.771  1.00 25.29  ? 9   DG  A C4    1 
ATOM   190 P P     . DG  A 1 10 ? 5.645   1.443   -9.791  1.00 43.23  ? 10  DG  A P     1 
ATOM   191 O OP1   . DG  A 1 10 ? 5.890   2.049   -11.131 1.00 47.51  ? 10  DG  A OP1   1 
ATOM   192 O OP2   . DG  A 1 10 ? 6.646   0.503   -9.213  1.00 43.49  ? 10  DG  A OP2   1 
ATOM   193 O "O5'" . DG  A 1 10 ? 5.254   2.518   -8.686  1.00 44.62  ? 10  DG  A "O5'" 1 
ATOM   194 C "C5'" . DG  A 1 10 ? 4.478   3.659   -9.023  1.00 50.66  ? 10  DG  A "C5'" 1 
ATOM   195 C "C4'" . DG  A 1 10 ? 4.598   4.600   -7.853  1.00 50.75  ? 10  DG  A "C4'" 1 
ATOM   196 O "O4'" . DG  A 1 10 ? 3.935   3.997   -6.727  1.00 41.91  ? 10  DG  A "O4'" 1 
ATOM   197 C "C3'" . DG  A 1 10 ? 6.031   4.822   -7.374  1.00 51.54  ? 10  DG  A "C3'" 1 
ATOM   198 O "O3'" . DG  A 1 10 ? 6.683   5.850   -8.128  1.00 75.60  ? 10  DG  A "O3'" 1 
ATOM   199 C "C2'" . DG  A 1 10 ? 5.856   5.117   -5.889  1.00 48.98  ? 10  DG  A "C2'" 1 
ATOM   200 C "C1'" . DG  A 1 10 ? 4.467   4.584   -5.549  1.00 40.45  ? 10  DG  A "C1'" 1 
ATOM   201 N N9    . DG  A 1 10 ? 4.412   3.574   -4.505  1.00 32.98  ? 10  DG  A N9    1 
ATOM   202 C C8    . DG  A 1 10 ? 4.740   2.241   -4.588  1.00 31.41  ? 10  DG  A C8    1 
ATOM   203 N N7    . DG  A 1 10 ? 4.494   1.580   -3.485  1.00 28.37  ? 10  DG  A N7    1 
ATOM   204 C C5    . DG  A 1 10 ? 3.948   2.531   -2.633  1.00 28.18  ? 10  DG  A C5    1 
ATOM   205 C C6    . DG  A 1 10 ? 3.487   2.410   -1.299  1.00 28.60  ? 10  DG  A C6    1 
ATOM   206 O O6    . DG  A 1 10 ? 3.468   1.401   -0.580  1.00 25.06  ? 10  DG  A O6    1 
ATOM   207 N N1    . DG  A 1 10 ? 3.007   3.625   -0.812  1.00 27.92  ? 10  DG  A N1    1 
ATOM   208 C C2    . DG  A 1 10 ? 2.975   4.805   -1.513  1.00 30.92  ? 10  DG  A C2    1 
ATOM   209 N N2    . DG  A 1 10 ? 2.486   5.871   -0.871  1.00 31.88  ? 10  DG  A N2    1 
ATOM   210 N N3    . DG  A 1 10 ? 3.397   4.926   -2.766  1.00 31.89  ? 10  DG  A N3    1 
ATOM   211 C C4    . DG  A 1 10 ? 3.873   3.758   -3.255  1.00 29.97  ? 10  DG  A C4    1 
ATOM   212 P P     . DC  A 1 11 ? 6.215   7.388   -8.198  1.00 75.85  ? 11  DC  A P     1 
ATOM   213 O OP1   . DC  A 1 11 ? 6.984   8.179   -7.196  1.00 86.53  ? 11  DC  A OP1   1 
ATOM   214 O OP2   . DC  A 1 11 ? 4.733   7.543   -8.230  1.00 86.55  ? 11  DC  A OP2   1 
ATOM   215 O "O5'" . DC  A 1 11 ? 6.798   7.756   -9.639  1.00 85.97  ? 11  DC  A "O5'" 1 
ATOM   216 C "C5'" . DC  A 1 11 ? 6.455   7.024   -10.811 1.00 95.70  ? 11  DC  A "C5'" 1 
ATOM   217 C "C4'" . DC  A 1 11 ? 5.018   7.292   -11.194 1.00 100.74 ? 11  DC  A "C4'" 1 
ATOM   218 O "O4'" . DC  A 1 11 ? 4.553   8.509   -10.564 1.00 117.30 ? 11  DC  A "O4'" 1 
ATOM   219 C "C3'" . DC  A 1 11 ? 4.766   7.474   -12.695 1.00 110.10 ? 11  DC  A "C3'" 1 
ATOM   220 O "O3'" . DC  A 1 11 ? 3.583   6.783   -13.062 1.00 92.25  ? 11  DC  A "O3'" 1 
ATOM   221 C "C2'" . DC  A 1 11 ? 4.528   8.968   -12.844 1.00 122.25 ? 11  DC  A "C2'" 1 
ATOM   222 C "C1'" . DC  A 1 11 ? 3.876   9.299   -11.516 1.00 132.38 ? 11  DC  A "C1'" 1 
ATOM   223 N N1    . DC  A 1 11 ? 3.960   10.721  -11.091 1.00 152.19 ? 11  DC  A N1    1 
ATOM   224 C C2    . DC  A 1 11 ? 5.175   11.410  -11.169 1.00 163.87 ? 11  DC  A C2    1 
ATOM   225 O O2    . DC  A 1 11 ? 6.164   10.825  -11.592 1.00 161.72 ? 11  DC  A O2    1 
ATOM   226 N N3    . DC  A 1 11 ? 5.223   12.705  -10.777 1.00 166.18 ? 11  DC  A N3    1 
ATOM   227 C C4    . DC  A 1 11 ? 4.121   13.310  -10.317 1.00 158.01 ? 11  DC  A C4    1 
ATOM   228 N N4    . DC  A 1 11 ? 4.216   14.583  -9.941  1.00 157.36 ? 11  DC  A N4    1 
ATOM   229 C C5    . DC  A 1 11 ? 2.875   12.627  -10.226 1.00 149.43 ? 11  DC  A C5    1 
ATOM   230 C C6    . DC  A 1 11 ? 2.842   11.348  -10.619 1.00 148.31 ? 11  DC  A C6    1 
ATOM   231 P P     . DC  A 1 12 ? 3.655   5.384   -13.843 1.00 80.59  ? 12  DC  A P     1 
ATOM   232 O OP1   . DC  A 1 12 ? 4.951   4.711   -13.541 1.00 82.02  ? 12  DC  A OP1   1 
ATOM   233 O OP2   . DC  A 1 12 ? 3.283   5.613   -15.268 1.00 82.80  ? 12  DC  A OP2   1 
ATOM   234 O "O5'" . DC  A 1 12 ? 2.475   4.586   -13.119 1.00 74.26  ? 12  DC  A "O5'" 1 
ATOM   235 C "C5'" . DC  A 1 12 ? 2.752   3.371   -12.431 1.00 77.71  ? 12  DC  A "C5'" 1 
ATOM   236 C "C4'" . DC  A 1 12 ? 1.550   2.949   -11.620 1.00 77.50  ? 12  DC  A "C4'" 1 
ATOM   237 O "O4'" . DC  A 1 12 ? 1.462   3.755   -10.422 1.00 78.07  ? 12  DC  A "O4'" 1 
ATOM   238 C "C3'" . DC  A 1 12 ? 0.203   3.097   -12.325 1.00 77.75  ? 12  DC  A "C3'" 1 
ATOM   239 O "O3'" . DC  A 1 12 ? -0.643  2.024   -11.946 1.00 70.13  ? 12  DC  A "O3'" 1 
ATOM   240 C "C2'" . DC  A 1 12 ? -0.341  4.402   -11.772 1.00 76.94  ? 12  DC  A "C2'" 1 
ATOM   241 C "C1'" . DC  A 1 12 ? 0.193   4.378   -10.352 1.00 77.14  ? 12  DC  A "C1'" 1 
ATOM   242 N N1    . DC  A 1 12 ? 0.378   5.708   -9.738  1.00 77.23  ? 12  DC  A N1    1 
ATOM   243 C C2    . DC  A 1 12 ? 0.212   5.827   -8.356  1.00 81.44  ? 12  DC  A C2    1 
ATOM   244 O O2    . DC  A 1 12 ? -0.105  4.836   -7.711  1.00 84.36  ? 12  DC  A O2    1 
ATOM   245 N N3    . DC  A 1 12 ? 0.395   7.034   -7.774  1.00 82.91  ? 12  DC  A N3    1 
ATOM   246 C C4    . DC  A 1 12 ? 0.736   8.094   -8.515  1.00 81.86  ? 12  DC  A C4    1 
ATOM   247 N N4    . DC  A 1 12 ? 0.900   9.261   -7.901  1.00 87.79  ? 12  DC  A N4    1 
ATOM   248 C C5    . DC  A 1 12 ? 0.920   7.992   -9.922  1.00 83.17  ? 12  DC  A C5    1 
ATOM   249 C C6    . DC  A 1 12 ? 0.739   6.791   -10.485 1.00 80.10  ? 12  DC  A C6    1 
ATOM   250 P P     . DG  A 1 13 ? -1.756  1.455   -12.950 1.00 70.13  ? 13  DG  A P     1 
ATOM   251 O OP1   . DG  A 1 13 ? -1.845  -0.028  -12.804 1.00 75.40  ? 13  DG  A OP1   1 
ATOM   252 O OP2   . DG  A 1 13 ? -1.702  2.047   -14.317 1.00 70.48  ? 13  DG  A OP2   1 
ATOM   253 O "O5'" . DG  A 1 13 ? -3.030  2.131   -12.268 1.00 62.85  ? 13  DG  A "O5'" 1 
ATOM   254 C "C5'" . DG  A 1 13 ? -3.651  1.442   -11.195 1.00 52.09  ? 13  DG  A "C5'" 1 
ATOM   255 C "C4'" . DG  A 1 13 ? -4.645  2.374   -10.553 1.00 45.71  ? 13  DG  A "C4'" 1 
ATOM   256 O "O4'" . DG  A 1 13 ? -5.336  1.659   -9.510  1.00 39.08  ? 13  DG  A "O4'" 1 
ATOM   257 C "C3'" . DG  A 1 13 ? -4.026  3.586   -9.866  1.00 41.79  ? 13  DG  A "C3'" 1 
ATOM   258 O "O3'" . DG  A 1 13 ? -4.983  4.629   -9.799  1.00 45.88  ? 13  DG  A "O3'" 1 
ATOM   259 C "C2'" . DG  A 1 13 ? -3.760  3.049   -8.478  1.00 37.06  ? 13  DG  A "C2'" 1 
ATOM   260 C "C1'" . DG  A 1 13 ? -5.051  2.288   -8.269  1.00 36.07  ? 13  DG  A "C1'" 1 
ATOM   261 N N9    . DG  A 1 13 ? -4.992  1.254   -7.259  1.00 32.09  ? 13  DG  A N9    1 
ATOM   262 C C8    . DG  A 1 13 ? -4.475  -0.013  -7.386  1.00 32.42  ? 13  DG  A C8    1 
ATOM   263 N N7    . DG  A 1 13 ? -4.561  -0.716  -6.287  1.00 31.49  ? 13  DG  A N7    1 
ATOM   264 C C5    . DG  A 1 13 ? -5.165  0.144   -5.382  1.00 27.71  ? 13  DG  A C5    1 
ATOM   265 C C6    . DG  A 1 13 ? -5.539  -0.065  -4.036  1.00 28.51  ? 13  DG  A C6    1 
ATOM   266 O O6    . DG  A 1 13 ? -5.387  -1.079  -3.351  1.00 25.21  ? 13  DG  A O6    1 
ATOM   267 N N1    . DG  A 1 13 ? -6.152  1.062   -3.493  1.00 26.37  ? 13  DG  A N1    1 
ATOM   268 C C2    . DG  A 1 13 ? -6.376  2.241   -4.155  1.00 28.04  ? 13  DG  A C2    1 
ATOM   269 N N2    . DG  A 1 13 ? -6.968  3.216   -3.458  1.00 29.49  ? 13  DG  A N2    1 
ATOM   270 N N3    . DG  A 1 13 ? -6.033  2.446   -5.420  1.00 31.21  ? 13  DG  A N3    1 
ATOM   271 C C4    . DG  A 1 13 ? -5.440  1.360   -5.968  1.00 29.70  ? 13  DG  A C4    1 
ATOM   272 P P     . DG  A 1 14 ? -4.554  6.117   -9.383  1.00 52.10  ? 14  DG  A P     1 
ATOM   273 O OP1   . DG  A 1 14 ? -5.707  6.829   -8.768  1.00 64.97  ? 14  DG  A OP1   1 
ATOM   274 O OP2   . DG  A 1 14 ? -3.867  6.737   -10.553 1.00 65.90  ? 14  DG  A OP2   1 
ATOM   275 O "O5'" . DG  A 1 14 ? -3.466  5.838   -8.250  1.00 56.02  ? 14  DG  A "O5'" 1 
ATOM   276 C "C5'" . DG  A 1 14 ? -2.974  6.887   -7.428  1.00 63.18  ? 14  DG  A "C5'" 1 
ATOM   277 C "C4'" . DG  A 1 14 ? -3.993  7.268   -6.384  1.00 64.50  ? 14  DG  A "C4'" 1 
ATOM   278 O "O4'" . DG  A 1 14 ? -4.428  6.091   -5.669  1.00 58.43  ? 14  DG  A "O4'" 1 
ATOM   279 C "C3'" . DG  A 1 14 ? -3.470  8.211   -5.310  1.00 61.60  ? 14  DG  A "C3'" 1 
ATOM   280 O "O3'" . DG  A 1 14 ? -4.584  8.948   -4.820  1.00 67.55  ? 14  DG  A "O3'" 1 
ATOM   281 C "C2'" . DG  A 1 14 ? -2.910  7.237   -4.287  1.00 55.39  ? 14  DG  A "C2'" 1 
ATOM   282 C "C1'" . DG  A 1 14 ? -3.986  6.168   -4.312  1.00 49.49  ? 14  DG  A "C1'" 1 
ATOM   283 N N9    . DG  A 1 14 ? -3.566  4.830   -3.926  1.00 38.74  ? 14  DG  A N9    1 
ATOM   284 C C8    . DG  A 1 14 ? -2.981  3.920   -4.773  1.00 35.76  ? 14  DG  A C8    1 
ATOM   285 N N7    . DG  A 1 14 ? -2.766  2.759   -4.213  1.00 35.29  ? 14  DG  A N7    1 
ATOM   286 C C5    . DG  A 1 14 ? -3.249  2.909   -2.922  1.00 30.11  ? 14  DG  A C5    1 
ATOM   287 C C6    . DG  A 1 14 ? -3.299  1.986   -1.853  1.00 28.43  ? 14  DG  A C6    1 
ATOM   288 O O6    . DG  A 1 14 ? -2.901  0.817   -1.835  1.00 32.08  ? 14  DG  A O6    1 
ATOM   289 N N1    . DG  A 1 14 ? -3.879  2.544   -0.719  1.00 29.57  ? 14  DG  A N1    1 
ATOM   290 C C2    . DG  A 1 14 ? -4.356  3.827   -0.621  1.00 28.51  ? 14  DG  A C2    1 
ATOM   291 N N2    . DG  A 1 14 ? -4.879  4.179   0.559   1.00 25.93  ? 14  DG  A N2    1 
ATOM   292 N N3    . DG  A 1 14 ? -4.321  4.701   -1.620  1.00 28.89  ? 14  DG  A N3    1 
ATOM   293 C C4    . DG  A 1 14 ? -3.766  4.174   -2.735  1.00 30.74  ? 14  DG  A C4    1 
ATOM   294 P P     . DG  A 1 15 ? -4.408  10.455  -4.303  1.00 65.36  ? 15  DG  A P     1 
ATOM   295 O OP1   . DG  A 1 15 ? -5.737  11.055  -3.985  1.00 62.48  ? 15  DG  A OP1   1 
ATOM   296 O OP2   . DG  A 1 15 ? -3.482  11.198  -5.207  1.00 72.17  ? 15  DG  A OP2   1 
ATOM   297 O "O5'" . DG  A 1 15 ? -3.617  10.089  -2.962  1.00 58.96  ? 15  DG  A "O5'" 1 
ATOM   298 C "C5'" . DG  A 1 15 ? -4.406  9.824   -1.807  1.00 49.88  ? 15  DG  A "C5'" 1 
ATOM   299 C "C4'" . DG  A 1 15 ? -3.574  9.458   -0.602  1.00 42.39  ? 15  DG  A "C4'" 1 
ATOM   300 O "O4'" . DG  A 1 15 ? -3.281  8.050   -0.640  1.00 36.57  ? 15  DG  A "O4'" 1 
ATOM   301 C "C3'" . DG  A 1 15 ? -2.227  10.173  -0.464  1.00 44.58  ? 15  DG  A "C3'" 1 
ATOM   302 O "O3'" . DG  A 1 15 ? -2.317  10.962  0.711   1.00 49.91  ? 15  DG  A "O3'" 1 
ATOM   303 C "C2'" . DG  A 1 15 ? -1.207  9.047   -0.317  1.00 40.35  ? 15  DG  A "C2'" 1 
ATOM   304 C "C1'" . DG  A 1 15 ? -2.084  7.876   0.085   1.00 35.51  ? 15  DG  A "C1'" 1 
ATOM   305 N N9    . DG  A 1 15 ? -1.581  6.559   -0.253  1.00 32.15  ? 15  DG  A N9    1 
ATOM   306 C C8    . DG  A 1 15 ? -1.131  6.122   -1.477  1.00 32.03  ? 15  DG  A C8    1 
ATOM   307 N N7    . DG  A 1 15 ? -0.787  4.861   -1.477  1.00 31.51  ? 15  DG  A N7    1 
ATOM   308 C C5    . DG  A 1 15 ? -1.056  4.434   -0.185  1.00 29.10  ? 15  DG  A C5    1 
ATOM   309 C C6    . DG  A 1 15 ? -0.908  3.158   0.407   1.00 29.40  ? 15  DG  A C6    1 
ATOM   310 O O6    . DG  A 1 15 ? -0.479  2.120   -0.107  1.00 27.88  ? 15  DG  A O6    1 
ATOM   311 N N1    . DG  A 1 15 ? -1.289  3.168   1.747   1.00 28.56  ? 15  DG  A N1    1 
ATOM   312 C C2    . DG  A 1 15 ? -1.780  4.252   2.424   1.00 28.85  ? 15  DG  A C2    1 
ATOM   313 N N2    . DG  A 1 15 ? -2.099  4.059   3.711   1.00 29.00  ? 15  DG  A N2    1 
ATOM   314 N N3    . DG  A 1 15 ? -1.942  5.448   1.874   1.00 32.25  ? 15  DG  A N3    1 
ATOM   315 C C4    . DG  A 1 15 ? -1.563  5.465   0.576   1.00 30.33  ? 15  DG  A C4    1 
ATOM   316 P P     . DG  A 1 16 ? -1.136  11.935  1.192   1.00 56.13  ? 16  DG  A P     1 
ATOM   317 O OP1   . DG  A 1 16 ? -1.763  13.173  1.736   1.00 61.20  ? 16  DG  A OP1   1 
ATOM   318 O OP2   . DG  A 1 16 ? -0.066  12.068  0.162   1.00 57.62  ? 16  DG  A OP2   1 
ATOM   319 O "O5'" . DG  A 1 16 ? -0.621  11.002  2.382   1.00 50.72  ? 16  DG  A "O5'" 1 
ATOM   320 C "C5'" . DG  A 1 16 ? -1.516  10.794  3.467   1.00 48.09  ? 16  DG  A "C5'" 1 
ATOM   321 C "C4'" . DG  A 1 16 ? -0.833  10.003  4.554   1.00 46.70  ? 16  DG  A "C4'" 1 
ATOM   322 O "O4'" . DG  A 1 16 ? -0.644  8.648   4.098   1.00 40.97  ? 16  DG  A "O4'" 1 
ATOM   323 C "C3'" . DG  A 1 16 ? 0.547   10.521  4.973   1.00 49.21  ? 16  DG  A "C3'" 1 
ATOM   324 O "O3'" . DG  A 1 16 ? 0.605   10.585  6.389   1.00 53.16  ? 16  DG  A "O3'" 1 
ATOM   325 C "C2'" . DG  A 1 16 ? 1.512   9.455   4.474   1.00 44.91  ? 16  DG  A "C2'" 1 
ATOM   326 C "C1'" . DG  A 1 16 ? 0.639   8.213   4.513   1.00 40.40  ? 16  DG  A "C1'" 1 
ATOM   327 N N9    . DG  A 1 16 ? 1.042   7.139   3.622   1.00 35.10  ? 16  DG  A N9    1 
ATOM   328 C C8    . DG  A 1 16 ? 1.339   7.258   2.285   1.00 35.03  ? 16  DG  A C8    1 
ATOM   329 N N7    . DG  A 1 16 ? 1.624   6.115   1.716   1.00 32.22  ? 16  DG  A N7    1 
ATOM   330 C C5    . DG  A 1 16 ? 1.495   5.185   2.739   1.00 30.67  ? 16  DG  A C5    1 
ATOM   331 C C6    . DG  A 1 16 ? 1.659   3.778   2.724   1.00 30.77  ? 16  DG  A C6    1 
ATOM   332 O O6    . DG  A 1 16 ? 1.982   3.052   1.775   1.00 25.71  ? 16  DG  A O6    1 
ATOM   333 N N1    . DG  A 1 16 ? 1.415   3.222   3.976   1.00 29.00  ? 16  DG  A N1    1 
ATOM   334 C C2    . DG  A 1 16 ? 1.060   3.921   5.100   1.00 30.24  ? 16  DG  A C2    1 
ATOM   335 N N2    . DG  A 1 16 ? 0.878   3.205   6.216   1.00 31.58  ? 16  DG  A N2    1 
ATOM   336 N N3    . DG  A 1 16 ? 0.891   5.238   5.123   1.00 32.72  ? 16  DG  A N3    1 
ATOM   337 C C4    . DG  A 1 16 ? 1.123   5.799   3.916   1.00 31.32  ? 16  DG  A C4    1 
ATOM   338 P P     . DC  A 1 17 ? 0.934   11.953  7.158   1.00 59.51  ? 17  DC  A P     1 
ATOM   339 O OP1   . DC  A 1 17 ? 1.444   12.988  6.213   1.00 62.64  ? 17  DC  A OP1   1 
ATOM   340 O OP2   . DC  A 1 17 ? 1.783   11.590  8.330   1.00 66.36  ? 17  DC  A OP2   1 
ATOM   341 O "O5'" . DC  A 1 17 ? -0.496  12.452  7.679   1.00 69.14  ? 17  DC  A "O5'" 1 
ATOM   342 C "C5'" . DC  A 1 17 ? -1.742  11.756  7.691   1.00 70.06  ? 17  DC  A "C5'" 1 
ATOM   343 C "C4'" . DC  A 1 17 ? -2.894  12.736  7.599   1.00 79.90  ? 17  DC  A "C4'" 1 
ATOM   344 O "O4'" . DC  A 1 17 ? -2.393  14.082  7.689   1.00 88.14  ? 17  DC  A "O4'" 1 
ATOM   345 C "C3'" . DC  A 1 17 ? -3.688  12.682  6.301   1.00 86.26  ? 17  DC  A "C3'" 1 
ATOM   346 O "O3'" . DC  A 1 17 ? -4.832  11.851  6.465   1.00 108.89 ? 17  DC  A "O3'" 1 
ATOM   347 C "C2'" . DC  A 1 17 ? -4.131  14.121  6.073   1.00 87.86  ? 17  DC  A "C2'" 1 
ATOM   348 C "C1'" . DC  A 1 17 ? -3.246  14.967  6.985   1.00 94.08  ? 17  DC  A "C1'" 1 
ATOM   349 N N1    . DC  A 1 17 ? -2.396  15.946  6.268   1.00 102.08 ? 17  DC  A N1    1 
ATOM   350 C C2    . DC  A 1 17 ? -1.313  15.485  5.514   1.00 107.63 ? 17  DC  A C2    1 
ATOM   351 O O2    . DC  A 1 17 ? -1.102  14.281  5.456   1.00 107.12 ? 17  DC  A O2    1 
ATOM   352 N N3    . DC  A 1 17 ? -0.531  16.382  4.868   1.00 110.17 ? 17  DC  A N3    1 
ATOM   353 C C4    . DC  A 1 17 ? -0.797  17.689  4.951   1.00 107.40 ? 17  DC  A C4    1 
ATOM   354 N N4    . DC  A 1 17 ? -0.004  18.533  4.296   1.00 105.53 ? 17  DC  A N4    1 
ATOM   355 C C5    . DC  A 1 17 ? -1.893  18.181  5.717   1.00 111.09 ? 17  DC  A C5    1 
ATOM   356 C C6    . DC  A 1 17 ? -2.655  17.284  6.354   1.00 109.25 ? 17  DC  A C6    1 
ATOM   357 P P     . DC  A 1 18 ? -4.966  10.437  5.705   1.00 129.50 ? 18  DC  A P     1 
ATOM   358 O OP1   . DC  A 1 18 ? -6.275  9.810   6.044   1.00 127.64 ? 18  DC  A OP1   1 
ATOM   359 O OP2   . DC  A 1 18 ? -3.734  9.618   5.897   1.00 124.55 ? 18  DC  A OP2   1 
ATOM   360 O "O5'" . DC  A 1 18 ? -4.994  10.934  4.184   1.00 103.91 ? 18  DC  A "O5'" 1 
ATOM   361 C "C5'" . DC  A 1 18 ? -6.049  11.774  3.726   1.00 96.57  ? 18  DC  A "C5'" 1 
ATOM   362 C "C4'" . DC  A 1 18 ? -7.307  10.954  3.568   1.00 93.59  ? 18  DC  A "C4'" 1 
ATOM   363 O "O4'" . DC  A 1 18 ? -8.090  11.014  4.784   1.00 101.00 ? 18  DC  A "O4'" 1 
ATOM   364 C "C3'" . DC  A 1 18 ? -8.242  11.404  2.441   1.00 92.35  ? 18  DC  A "C3'" 1 
ATOM   365 O "O3'" . DC  A 1 18 ? -8.797  10.286  1.764   1.00 78.60  ? 18  DC  A "O3'" 1 
ATOM   366 C "C2'" . DC  A 1 18 ? -9.372  12.104  3.178   1.00 99.80  ? 18  DC  A "C2'" 1 
ATOM   367 C "C1'" . DC  A 1 18 ? -9.432  11.305  4.465   1.00 104.20 ? 18  DC  A "C1'" 1 
ATOM   368 N N1    . DC  A 1 18 ? -10.038 12.016  5.615   1.00 116.32 ? 18  DC  A N1    1 
ATOM   369 C C2    . DC  A 1 18 ? -11.014 11.355  6.365   1.00 119.03 ? 18  DC  A C2    1 
ATOM   370 O O2    . DC  A 1 18 ? -11.336 10.219  6.046   1.00 119.44 ? 18  DC  A O2    1 
ATOM   371 N N3    . DC  A 1 18 ? -11.577 11.990  7.420   1.00 124.67 ? 18  DC  A N3    1 
ATOM   372 C C4    . DC  A 1 18 ? -11.200 13.234  7.734   1.00 125.85 ? 18  DC  A C4    1 
ATOM   373 N N4    . DC  A 1 18 ? -11.781 13.819  8.777   1.00 133.04 ? 18  DC  A N4    1 
ATOM   374 C C5    . DC  A 1 18 ? -10.206 13.926  6.984   1.00 121.14 ? 18  DC  A C5    1 
ATOM   375 C C6    . DC  A 1 18 ? -9.656  13.285  5.944   1.00 118.21 ? 18  DC  A C6    1 
ATOM   376 P P     . DG  A 1 19 ? -7.924  9.336   0.804   1.00 71.17  ? 19  DG  A P     1 
ATOM   377 O OP1   . DG  A 1 19 ? -6.570  9.048   1.363   1.00 55.20  ? 19  DG  A OP1   1 
ATOM   378 O OP2   . DG  A 1 19 ? -8.019  9.891   -0.577  1.00 67.82  ? 19  DG  A OP2   1 
ATOM   379 O "O5'" . DG  A 1 19 ? -8.774  7.976   0.861   1.00 51.51  ? 19  DG  A "O5'" 1 
ATOM   380 C "C5'" . DG  A 1 19 ? -10.109 7.913   1.355   1.00 44.44  ? 19  DG  A "C5'" 1 
ATOM   381 C "C4'" . DG  A 1 19 ? -10.244 6.787   2.348   1.00 38.92  ? 19  DG  A "C4'" 1 
ATOM   382 O "O4'" . DG  A 1 19 ? -10.085 5.530   1.651   1.00 35.93  ? 19  DG  A "O4'" 1 
ATOM   383 C "C3'" . DG  A 1 19 ? -9.204  6.780   3.469   1.00 37.40  ? 19  DG  A "C3'" 1 
ATOM   384 O "O3'" . DG  A 1 19 ? -9.819  6.329   4.668   1.00 41.33  ? 19  DG  A "O3'" 1 
ATOM   385 C "C2'" . DG  A 1 19 ? -8.181  5.774   2.970   1.00 32.55  ? 19  DG  A "C2'" 1 
ATOM   386 C "C1'" . DG  A 1 19 ? -9.110  4.761   2.333   1.00 30.08  ? 19  DG  A "C1'" 1 
ATOM   387 N N9    . DG  A 1 19 ? -8.499  3.865   1.369   1.00 26.15  ? 19  DG  A N9    1 
ATOM   388 C C8    . DG  A 1 19 ? -8.188  4.134   0.058   1.00 25.85  ? 19  DG  A C8    1 
ATOM   389 N N7    . DG  A 1 19 ? -7.669  3.111   -0.567  1.00 22.78  ? 19  DG  A N7    1 
ATOM   390 C C5    . DG  A 1 19 ? -7.647  2.105   0.388   1.00 23.06  ? 19  DG  A C5    1 
ATOM   391 C C6    . DG  A 1 19 ? -7.209  0.766   0.293   1.00 23.33  ? 19  DG  A C6    1 
ATOM   392 O O6    . DG  A 1 19 ? -6.735  0.189   -0.690  1.00 21.23  ? 19  DG  A O6    1 
ATOM   393 N N1    . DG  A 1 19 ? -7.388  0.078   1.492   1.00 21.59  ? 19  DG  A N1    1 
ATOM   394 C C2    . DG  A 1 19 ? -7.907  0.616   2.643   1.00 23.64  ? 19  DG  A C2    1 
ATOM   395 N N2    . DG  A 1 19 ? -7.981  -0.194  3.707   1.00 21.92  ? 19  DG  A N2    1 
ATOM   396 N N3    . DG  A 1 19 ? -8.331  1.870   2.738   1.00 25.29  ? 19  DG  A N3    1 
ATOM   397 C C4    . DG  A 1 19 ? -8.160  2.553   1.584   1.00 22.87  ? 19  DG  A C4    1 
ATOM   398 P P     . DG  A 1 20 ? -8.977  6.056   6.014   1.00 44.42  ? 20  DG  A P     1 
ATOM   399 O OP1   . DG  A 1 20 ? -9.958  6.106   7.141   1.00 51.88  ? 20  DG  A OP1   1 
ATOM   400 O OP2   . DG  A 1 20 ? -7.798  6.969   6.061   1.00 42.20  ? 20  DG  A OP2   1 
ATOM   401 O "O5'" . DG  A 1 20 ? -8.438  4.569   5.791   1.00 45.99  ? 20  DG  A "O5'" 1 
ATOM   402 C "C5'" . DG  A 1 20 ? -9.125  3.404   6.231   1.00 49.07  ? 20  DG  A "C5'" 1 
ATOM   403 C "C4'" . DG  A 1 20 ? -8.265  2.617   7.187   1.00 50.17  ? 20  DG  A "C4'" 1 
ATOM   404 O "O4'" . DG  A 1 20 ? -7.416  1.713   6.447   1.00 46.96  ? 20  DG  A "O4'" 1 
ATOM   405 C "C3'" . DG  A 1 20 ? -7.299  3.435   8.035   1.00 50.78  ? 20  DG  A "C3'" 1 
ATOM   406 O "O3'" . DG  A 1 20 ? -7.058  2.654   9.193   1.00 56.14  ? 20  DG  A "O3'" 1 
ATOM   407 C "C2'" . DG  A 1 20 ? -6.084  3.544   7.124   1.00 45.91  ? 20  DG  A "C2'" 1 
ATOM   408 C "C1'" . DG  A 1 20 ? -6.059  2.157   6.504   1.00 42.73  ? 20  DG  A "C1'" 1 
ATOM   409 N N9    . DG  A 1 20 ? -5.536  2.067   5.149   1.00 31.78  ? 20  DG  A N9    1 
ATOM   410 C C8    . DG  A 1 20 ? -5.524  3.006   4.143   1.00 30.67  ? 20  DG  A C8    1 
ATOM   411 N N7    . DG  A 1 20 ? -5.030  2.552   3.021   1.00 26.93  ? 20  DG  A N7    1 
ATOM   412 C C5    . DG  A 1 20 ? -4.739  1.221   3.292   1.00 24.22  ? 20  DG  A C5    1 
ATOM   413 C C6    . DG  A 1 20 ? -4.200  0.211   2.456   1.00 21.95  ? 20  DG  A C6    1 
ATOM   414 O O6    . DG  A 1 20 ? -3.846  0.300   1.275   1.00 20.95  ? 20  DG  A O6    1 
ATOM   415 N N1    . DG  A 1 20 ? -4.038  -0.989  3.145   1.00 19.76  ? 20  DG  A N1    1 
ATOM   416 C C2    . DG  A 1 20 ? -4.396  -1.211  4.449   1.00 23.43  ? 20  DG  A C2    1 
ATOM   417 N N2    . DG  A 1 20 ? -4.194  -2.446  4.920   1.00 27.94  ? 20  DG  A N2    1 
ATOM   418 N N3    . DG  A 1 20 ? -4.899  -0.273  5.242   1.00 26.60  ? 20  DG  A N3    1 
ATOM   419 C C4    . DG  A 1 20 ? -5.042  0.911   4.600   1.00 26.11  ? 20  DG  A C4    1 
ATOM   420 P P     . DG  A 1 21 ? -5.990  3.079   10.313  1.00 64.60  ? 21  DG  A P     1 
ATOM   421 O OP1   . DG  A 1 21 ? -6.628  2.759   11.620  1.00 60.72  ? 21  DG  A OP1   1 
ATOM   422 O OP2   . DG  A 1 21 ? -5.357  4.417   10.103  1.00 60.14  ? 21  DG  A OP2   1 
ATOM   423 O "O5'" . DG  A 1 21 ? -4.860  2.004   9.968   1.00 48.04  ? 21  DG  A "O5'" 1 
ATOM   424 C "C5'" . DG  A 1 21 ? -5.176  0.640   10.204  1.00 46.19  ? 21  DG  A "C5'" 1 
ATOM   425 C "C4'" . DG  A 1 21 ? -3.911  -0.161  10.038  1.00 41.87  ? 21  DG  A "C4'" 1 
ATOM   426 O "O4'" . DG  A 1 21 ? -3.580  -0.210  8.637   1.00 34.73  ? 21  DG  A "O4'" 1 
ATOM   427 C "C3'" . DG  A 1 21 ? -2.695  0.427   10.757  1.00 43.61  ? 21  DG  A "C3'" 1 
ATOM   428 O "O3'" . DG  A 1 21 ? -2.169  -0.592  11.591  1.00 45.15  ? 21  DG  A "O3'" 1 
ATOM   429 C "C2'" . DG  A 1 21 ? -1.750  0.834   9.630   1.00 37.45  ? 21  DG  A "C2'" 1 
ATOM   430 C "C1'" . DG  A 1 21 ? -2.176  -0.097  8.515   1.00 34.04  ? 21  DG  A "C1'" 1 
ATOM   431 N N9    . DG  A 1 21 ? -1.911  0.366   7.164   1.00 30.52  ? 21  DG  A N9    1 
ATOM   432 C C8    . DG  A 1 21 ? -2.224  1.586   6.613   1.00 31.50  ? 21  DG  A C8    1 
ATOM   433 N N7    . DG  A 1 21 ? -1.915  1.672   5.345   1.00 29.39  ? 21  DG  A N7    1 
ATOM   434 C C5    . DG  A 1 21 ? -1.415  0.415   5.031   1.00 27.97  ? 21  DG  A C5    1 
ATOM   435 C C6    . DG  A 1 21 ? -0.933  -0.100  3.802   1.00 26.77  ? 21  DG  A C6    1 
ATOM   436 O O6    . DG  A 1 21 ? -0.858  0.469   2.706   1.00 25.52  ? 21  DG  A O6    1 
ATOM   437 N N1    . DG  A 1 21 ? -0.522  -1.424  3.930   1.00 26.61  ? 21  DG  A N1    1 
ATOM   438 C C2    . DG  A 1 21 ? -0.573  -2.165  5.083   1.00 28.18  ? 21  DG  A C2    1 
ATOM   439 N N2    . DG  A 1 21 ? -0.127  -3.425  5.001   1.00 28.75  ? 21  DG  A N2    1 
ATOM   440 N N3    . DG  A 1 21 ? -1.022  -1.694  6.238   1.00 30.22  ? 21  DG  A N3    1 
ATOM   441 C C4    . DG  A 1 21 ? -1.428  -0.407  6.137   1.00 29.51  ? 21  DG  A C4    1 
ATOM   442 P P     . DG  A 1 22 ? -0.935  -0.302  12.567  1.00 47.56  ? 22  DG  A P     1 
ATOM   443 O OP1   . DG  A 1 22 ? -1.238  -0.877  13.908  1.00 55.07  ? 22  DG  A OP1   1 
ATOM   444 O OP2   . DG  A 1 22 ? -0.480  1.114   12.468  1.00 46.41  ? 22  DG  A OP2   1 
ATOM   445 O "O5'" . DG  A 1 22 ? 0.177   -1.185  11.836  1.00 43.97  ? 22  DG  A "O5'" 1 
ATOM   446 C "C5'" . DG  A 1 22 ? -0.089  -2.553  11.562  1.00 43.66  ? 22  DG  A "C5'" 1 
ATOM   447 C "C4'" . DG  A 1 22 ? 1.100   -3.105  10.820  1.00 42.50  ? 22  DG  A "C4'" 1 
ATOM   448 O "O4'" . DG  A 1 22 ? 1.013   -2.686  9.439   1.00 37.05  ? 22  DG  A "O4'" 1 
ATOM   449 C "C3'" . DG  A 1 22 ? 2.450   -2.607  11.345  1.00 44.29  ? 22  DG  A "C3'" 1 
ATOM   450 O "O3'" . DG  A 1 22 ? 3.391   -3.669  11.339  1.00 46.16  ? 22  DG  A "O3'" 1 
ATOM   451 C "C2'" . DG  A 1 22 ? 2.825   -1.535  10.337  1.00 41.06  ? 22  DG  A "C2'" 1 
ATOM   452 C "C1'" . DG  A 1 22 ? 2.274   -2.162  9.073   1.00 37.52  ? 22  DG  A "C1'" 1 
ATOM   453 N N9    . DG  A 1 22 ? 2.096   -1.247  7.961   1.00 37.05  ? 22  DG  A N9    1 
ATOM   454 C C8    . DG  A 1 22 ? 1.590   0.032   7.988   1.00 39.44  ? 22  DG  A C8    1 
ATOM   455 N N7    . DG  A 1 22 ? 1.595   0.612   6.816   1.00 38.19  ? 22  DG  A N7    1 
ATOM   456 C C5    . DG  A 1 22 ? 2.142   -0.340  5.967   1.00 34.21  ? 22  DG  A C5    1 
ATOM   457 C C6    . DG  A 1 22 ? 2.408   -0.285  4.579   1.00 32.16  ? 22  DG  A C6    1 
ATOM   458 O O6    . DG  A 1 22 ? 2.208   0.654   3.800   1.00 31.18  ? 22  DG  A O6    1 
ATOM   459 N N1    . DG  A 1 22 ? 2.967   -1.474  4.116   1.00 31.09  ? 22  DG  A N1    1 
ATOM   460 C C2    . DG  A 1 22 ? 3.259   -2.569  4.891   1.00 31.53  ? 22  DG  A C2    1 
ATOM   461 N N2    . DG  A 1 22 ? 3.805   -3.619  4.265   1.00 32.22  ? 22  DG  A N2    1 
ATOM   462 N N3    . DG  A 1 22 ? 3.019   -2.629  6.194   1.00 34.37  ? 22  DG  A N3    1 
ATOM   463 C C4    . DG  A 1 22 ? 2.468   -1.486  6.662   1.00 35.42  ? 22  DG  A C4    1 
ATOM   464 P P     . DC  A 1 23 ? 4.902   -3.465  11.850  1.00 49.29  ? 23  DC  A P     1 
ATOM   465 O OP1   . DC  A 1 23 ? 5.432   -4.772  12.328  1.00 62.10  ? 23  DC  A OP1   1 
ATOM   466 O OP2   . DC  A 1 23 ? 5.075   -2.270  12.724  1.00 53.62  ? 23  DC  A OP2   1 
ATOM   467 O "O5'" . DC  A 1 23 ? 5.655   -3.089  10.494  1.00 48.18  ? 23  DC  A "O5'" 1 
ATOM   468 C "C5'" . DC  A 1 23 ? 5.561   -3.945  9.368   1.00 47.27  ? 23  DC  A "C5'" 1 
ATOM   469 C "C4'" . DC  A 1 23 ? 5.974   -3.182  8.135   1.00 44.93  ? 23  DC  A "C4'" 1 
ATOM   470 O "O4'" . DC  A 1 23 ? 5.173   -1.999  7.980   1.00 43.07  ? 23  DC  A "O4'" 1 
ATOM   471 C "C3'" . DC  A 1 23 ? 7.419   -2.680  8.124   1.00 45.32  ? 23  DC  A "C3'" 1 
ATOM   472 O "O3'" . DC  A 1 23 ? 8.165   -3.444  7.200   1.00 47.72  ? 23  DC  A "O3'" 1 
ATOM   473 C "C2'" . DC  A 1 23 ? 7.334   -1.242  7.616   1.00 46.52  ? 23  DC  A "C2'" 1 
ATOM   474 C "C1'" . DC  A 1 23 ? 5.887   -1.101  7.175   1.00 40.17  ? 23  DC  A "C1'" 1 
ATOM   475 N N1    . DC  A 1 23 ? 5.321   0.246   7.357   1.00 39.75  ? 23  DC  A N1    1 
ATOM   476 C C2    . DC  A 1 23 ? 5.171   1.055   6.227   1.00 38.74  ? 23  DC  A C2    1 
ATOM   477 O O2    . DC  A 1 23 ? 5.455   0.596   5.127   1.00 35.30  ? 23  DC  A O2    1 
ATOM   478 N N3    . DC  A 1 23 ? 4.680   2.306   6.376   1.00 38.27  ? 23  DC  A N3    1 
ATOM   479 C C4    . DC  A 1 23 ? 4.366   2.765   7.595   1.00 39.93  ? 23  DC  A C4    1 
ATOM   480 N N4    . DC  A 1 23 ? 3.878   3.997   7.691   1.00 38.53  ? 23  DC  A N4    1 
ATOM   481 C C5    . DC  A 1 23 ? 4.530   1.964   8.761   1.00 41.88  ? 23  DC  A C5    1 
ATOM   482 C C6    . DC  A 1 23 ? 5.009   0.725   8.598   1.00 42.98  ? 23  DC  A C6    1 
ATOM   483 P P     . DC  A 1 24 ? 9.685   -3.838  7.513   1.00 55.00  ? 24  DC  A P     1 
ATOM   484 O OP1   . DC  A 1 24 ? 9.718   -4.809  8.643   1.00 57.09  ? 24  DC  A OP1   1 
ATOM   485 O OP2   . DC  A 1 24 ? 10.516  -2.603  7.599   1.00 56.55  ? 24  DC  A OP2   1 
ATOM   486 O "O5'" . DC  A 1 24 ? 9.964   -4.589  6.131   1.00 54.48  ? 24  DC  A "O5'" 1 
ATOM   487 C "C5'" . DC  A 1 24 ? 9.646   -5.968  5.986   1.00 53.74  ? 24  DC  A "C5'" 1 
ATOM   488 C "C4'" . DC  A 1 24 ? 9.781   -6.342  4.532   1.00 49.79  ? 24  DC  A "C4'" 1 
ATOM   489 O "O4'" . DC  A 1 24 ? 8.736   -5.689  3.779   1.00 44.12  ? 24  DC  A "O4'" 1 
ATOM   490 C "C3'" . DC  A 1 24 ? 11.106  -5.936  3.894   1.00 55.95  ? 24  DC  A "C3'" 1 
ATOM   491 O "O3'" . DC  A 1 24 ? 11.594  -6.964  3.034   1.00 70.38  ? 24  DC  A "O3'" 1 
ATOM   492 C "C2'" . DC  A 1 24 ? 10.758  -4.697  3.089   1.00 49.99  ? 24  DC  A "C2'" 1 
ATOM   493 C "C1'" . DC  A 1 24 ? 9.290   -4.883  2.753   1.00 46.93  ? 24  DC  A "C1'" 1 
ATOM   494 N N1    . DC  A 1 24 ? 8.552   -3.603  2.727   1.00 41.67  ? 24  DC  A N1    1 
ATOM   495 C C2    . DC  A 1 24 ? 8.533   -2.856  1.546   1.00 40.37  ? 24  DC  A C2    1 
ATOM   496 O O2    . DC  A 1 24 ? 9.072   -3.313  0.547   1.00 42.74  ? 24  DC  A O2    1 
ATOM   497 N N3    . DC  A 1 24 ? 7.905   -1.659  1.536   1.00 40.93  ? 24  DC  A N3    1 
ATOM   498 C C4    . DC  A 1 24 ? 7.335   -1.191  2.650   1.00 47.54  ? 24  DC  A C4    1 
ATOM   499 N N4    . DC  A 1 24 ? 6.742   -0.003  2.597   1.00 54.57  ? 24  DC  A N4    1 
ATOM   500 C C5    . DC  A 1 24 ? 7.349   -1.930  3.865   1.00 46.91  ? 24  DC  A C5    1 
ATOM   501 C C6    . DC  A 1 24 ? 7.978   -3.110  3.863   1.00 44.26  ? 24  DC  A C6    1 
HETATM 502 K K     . K   B 2 .  ? 1.612   0.503   1.134   1.00 23.72  1 101 K   A K     1 
HETATM 503 K K     . K   C 2 .  ? -1.489  -0.511  0.139   1.00 23.52  1 102 K   A K     1 
HETATM 504 K K     . K   D 2 .  ? -4.366  -1.447  -0.792  1.00 23.84  1 103 K   A K     1 
HETATM 505 K K     . K   E 2 .  ? -7.411  -2.319  -1.791  0.50 21.53  1 104 K   A K     1 
HETATM 506 O O     . HOH F 3 .  ? 0.691   -10.722 -1.773  1.00 32.98  ? 201 HOH A O     1 
HETATM 507 O O     . HOH F 3 .  ? 9.913   -7.137  -4.678  1.00 48.36  ? 202 HOH A O     1 
HETATM 508 O O     . HOH F 3 .  ? 7.107   -13.502 -7.795  1.00 44.57  ? 203 HOH A O     1 
HETATM 509 O O     . HOH F 3 .  ? 0.156   2.387   -7.269  1.00 32.03  ? 204 HOH A O     1 
HETATM 510 O O     . HOH F 3 .  ? 5.472   -8.499  -4.654  1.00 38.24  ? 205 HOH A O     1 
HETATM 511 O O     . HOH F 3 .  ? -1.294  9.619   -3.983  1.00 50.10  ? 206 HOH A O     1 
HETATM 512 O O     . HOH F 3 .  ? 1.272   5.553   -5.541  1.00 37.68  ? 207 HOH A O     1 
HETATM 513 O O     . HOH F 3 .  ? 9.302   -11.902 0.810   1.00 44.29  ? 208 HOH A O     1 
HETATM 514 O O     . HOH F 3 .  ? 4.963   -5.707  5.566   1.00 31.70  ? 209 HOH A O     1 
HETATM 515 O O     . HOH F 3 .  ? 7.104   0.934   -6.547  1.00 42.94  ? 210 HOH A O     1 
HETATM 516 O O     . HOH F 3 .  ? 1.409   1.896   10.628  1.00 40.52  ? 211 HOH A O     1 
HETATM 517 O O     . HOH F 3 .  ? -6.288  -1.661  7.317   1.00 44.01  ? 212 HOH A O     1 
HETATM 518 O O     . HOH F 3 .  ? 0.273   4.255   8.907   1.00 38.02  ? 213 HOH A O     1 
HETATM 519 O O     . HOH F 3 .  ? -1.630  15.876  9.957   1.00 49.83  ? 214 HOH A O     1 
HETATM 520 O O     . HOH F 3 .  ? 4.692   -13.116 -0.236  1.00 42.21  ? 215 HOH A O     1 
HETATM 521 O O     . HOH F 3 .  ? -4.940  6.772   2.441   1.00 33.51  ? 216 HOH A O     1 
HETATM 522 O O     . HOH F 3 .  ? -3.145  -3.457  7.579   1.00 33.25  ? 217 HOH A O     1 
HETATM 523 O O     . HOH F 3 .  ? 11.075  -0.706  1.271   1.00 37.57  ? 218 HOH A O     1 
HETATM 524 O O     . HOH F 3 .  ? 10.957  0.676   8.436   1.00 54.42  ? 219 HOH A O     1 
HETATM 525 O O     . HOH F 3 .  ? 4.598   -4.212  -5.816  1.00 46.80  ? 220 HOH A O     1 
HETATM 526 O O     . HOH F 3 .  ? -1.449  20.890  7.050   1.00 57.22  ? 221 HOH A O     1 
HETATM 527 O O     . HOH F 3 .  ? 2.468   -7.244  5.700   1.00 43.68  ? 222 HOH A O     1 
HETATM 528 O O     . HOH F 3 .  ? -3.196  15.075  12.392  1.00 45.63  ? 223 HOH A O     1 
# 
loop_
_atom_site_anisotrop.id 
_atom_site_anisotrop.type_symbol 
_atom_site_anisotrop.pdbx_label_atom_id 
_atom_site_anisotrop.pdbx_label_alt_id 
_atom_site_anisotrop.pdbx_label_comp_id 
_atom_site_anisotrop.pdbx_label_asym_id 
_atom_site_anisotrop.pdbx_label_seq_id 
_atom_site_anisotrop.pdbx_PDB_ins_code 
_atom_site_anisotrop.U[1][1] 
_atom_site_anisotrop.U[2][2] 
_atom_site_anisotrop.U[3][3] 
_atom_site_anisotrop.U[1][2] 
_atom_site_anisotrop.U[1][3] 
_atom_site_anisotrop.U[2][3] 
_atom_site_anisotrop.pdbx_auth_seq_id 
_atom_site_anisotrop.pdbx_auth_comp_id 
_atom_site_anisotrop.pdbx_auth_asym_id 
_atom_site_anisotrop.pdbx_auth_atom_id 
1   O "O5'" . DG A 1  ? 0.4344 0.6538 0.4059 0.0075  0.0757  0.1427  1  DG A "O5'" 
2   C "C5'" . DG A 1  ? 0.4502 0.6627 0.3928 0.0079  0.0706  0.1595  1  DG A "C5'" 
3   C "C4'" . DG A 1  ? 0.4185 0.5871 0.3887 -0.0105 0.0516  0.1648  1  DG A "C4'" 
4   O "O4'" . DG A 1  ? 0.3596 0.5054 0.3539 -0.0195 0.0400  0.1396  1  DG A "O4'" 
5   C "C3'" . DG A 1  ? 0.4315 0.5775 0.3733 -0.0059 0.0343  0.1546  1  DG A "C3'" 
6   O "O3'" . DG A 1  ? 0.4705 0.5912 0.4388 -0.0168 0.0274  0.1782  1  DG A "O3'" 
7   C "C2'" . DG A 1  ? 0.3881 0.5084 0.3315 -0.0093 0.0197  0.1164  1  DG A "C2'" 
8   C "C1'" . DG A 1  ? 0.3525 0.4634 0.3355 -0.0234 0.0215  0.1205  1  DG A "C1'" 
9   N N9    . DG A 1  ? 0.3261 0.4225 0.3128 -0.0255 0.0128  0.0942  1  DG A N9    
10  C C8    . DG A 1  ? 0.3406 0.4489 0.3224 -0.0153 0.0171  0.0775  1  DG A C8    
11  N N7    . DG A 1  ? 0.3280 0.4142 0.3173 -0.0200 0.0062  0.0626  1  DG A N7    
12  C C5    . DG A 1  ? 0.3018 0.3653 0.2943 -0.0335 -0.0042 0.0663  1  DG A C5    
13  C C6    . DG A 1  ? 0.3096 0.3500 0.3028 -0.0423 -0.0157 0.0571  1  DG A C6    
14  O O6    . DG A 1  ? 0.2835 0.3165 0.2756 -0.0411 -0.0200 0.0496  1  DG A O6    
15  N N1    . DG A 1  ? 0.2788 0.3045 0.2732 -0.0516 -0.0213 0.0586  1  DG A N1    
16  C C2    . DG A 1  ? 0.2878 0.3141 0.2906 -0.0527 -0.0185 0.0705  1  DG A C2    
17  N N2    . DG A 1  ? 0.2950 0.3009 0.3046 -0.0596 -0.0255 0.0658  1  DG A N2    
18  N N3    . DG A 1  ? 0.3131 0.3595 0.3169 -0.0459 -0.0085 0.0870  1  DG A N3    
19  C C4    . DG A 1  ? 0.2974 0.3644 0.2920 -0.0364 -0.0009 0.0827  1  DG A C4    
20  P P     . DG A 2  ? 0.5414 0.6395 0.4983 -0.0114 0.0100  0.1742  2  DG A P     
21  O OP1   . DG A 2  ? 0.6159 0.6957 0.6048 -0.0177 0.0099  0.2099  2  DG A OP1   
22  O OP2   . DG A 2  ? 0.6095 0.7345 0.5197 0.0066  0.0058  0.1632  2  DG A OP2   
23  O "O5'" . DG A 2  ? 0.6165 0.6832 0.5869 -0.0202 -0.0034 0.1375  2  DG A "O5'" 
24  C "C5'" . DG A 2  ? 0.5594 0.6007 0.5643 -0.0357 -0.0060 0.1335  2  DG A "C5'" 
25  C "C4'" . DG A 2  ? 0.5232 0.5334 0.5435 -0.0381 -0.0174 0.1230  2  DG A "C4'" 
26  O "O4'" . DG A 2  ? 0.4828 0.4827 0.4948 -0.0419 -0.0227 0.0909  2  DG A "O4'" 
27  C "C3'" . DG A 2  ? 0.5775 0.5910 0.5857 -0.0238 -0.0231 0.1275  2  DG A "C3'" 
28  O "O3'" . DG A 2  ? 0.6012 0.5855 0.6376 -0.0244 -0.0306 0.1216  2  DG A "O3'" 
29  C "C2'" . DG A 2  ? 0.5017 0.5292 0.4839 -0.0193 -0.0263 0.0984  2  DG A "C2'" 
30  C "C1'" . DG A 2  ? 0.4579 0.4679 0.4492 -0.0319 -0.0253 0.0774  2  DG A "C1'" 
31  N N9    . DG A 2  ? 0.3682 0.3889 0.3423 -0.0335 -0.0227 0.0624  2  DG A N9    
32  C C8    . DG A 2  ? 0.3513 0.3927 0.3097 -0.0271 -0.0179 0.0640  2  DG A C8    
33  N N7    . DG A 2  ? 0.3306 0.3697 0.2854 -0.0295 -0.0177 0.0476  2  DG A N7    
34  C C5    . DG A 2  ? 0.3238 0.3431 0.2871 -0.0389 -0.0215 0.0394  2  DG A C5    
35  C C6    . DG A 2  ? 0.3538 0.3631 0.3157 -0.0447 -0.0223 0.0289  2  DG A C6    
36  O O6    . DG A 2  ? 0.3982 0.4082 0.3591 -0.0429 -0.0215 0.0246  2  DG A O6    
37  N N1    . DG A 2  ? 0.3653 0.3622 0.3278 -0.0516 -0.0234 0.0245  2  DG A N1    
38  C C2    . DG A 2  ? 0.3318 0.3226 0.3013 -0.0515 -0.0244 0.0239  2  DG A C2    
39  N N2    . DG A 2  ? 0.3485 0.3303 0.3144 -0.0555 -0.0235 0.0127  2  DG A N2    
40  N N3    . DG A 2  ? 0.3148 0.3083 0.2944 -0.0462 -0.0257 0.0346  2  DG A N3    
41  C C4    . DG A 2  ? 0.3182 0.3278 0.2916 -0.0407 -0.0238 0.0448  2  DG A C4    
42  P P     . DG A 3  ? 0.6500 0.6343 0.6924 -0.0079 -0.0395 0.1267  3  DG A P     
43  O OP1   . DG A 3  ? 0.6224 0.5739 0.7063 -0.0073 -0.0429 0.1432  3  DG A OP1   
44  O OP2   . DG A 3  ? 0.5531 0.5725 0.5638 0.0051  -0.0428 0.1403  3  DG A OP2   
45  O "O5'" . DG A 3  ? 0.4999 0.4844 0.5399 -0.0075 -0.0419 0.0879  3  DG A "O5'" 
46  C "C5'" . DG A 3  ? 0.4126 0.3741 0.4676 -0.0153 -0.0392 0.0636  3  DG A "C5'" 
47  C "C4'" . DG A 3  ? 0.3812 0.3582 0.4243 -0.0147 -0.0359 0.0373  3  DG A "C4'" 
48  O "O4'" . DG A 3  ? 0.3521 0.3429 0.3684 -0.0236 -0.0325 0.0343  3  DG A "O4'" 
49  C "C3'" . DG A 3  ? 0.3853 0.3852 0.4381 -0.0014 -0.0415 0.0370  3  DG A "C3'" 
50  O "O3'" . DG A 3  ? 0.3780 0.3732 0.4575 0.0051  -0.0379 0.0189  3  DG A "O3'" 
51  C "C2'" . DG A 3  ? 0.3508 0.3742 0.3828 -0.0079 -0.0406 0.0263  3  DG A "C2'" 
52  C "C1'" . DG A 3  ? 0.3381 0.3465 0.3528 -0.0219 -0.0315 0.0196  3  DG A "C1'" 
53  N N9    . DG A 3  ? 0.3346 0.3530 0.3297 -0.0279 -0.0309 0.0180  3  DG A N9    
54  C C8    . DG A 3  ? 0.3532 0.3841 0.3331 -0.0235 -0.0351 0.0268  3  DG A C8    
55  N N7    . DG A 3  ? 0.3820 0.4155 0.3515 -0.0284 -0.0330 0.0173  3  DG A N7    
56  C C5    . DG A 3  ? 0.3136 0.3349 0.2909 -0.0381 -0.0275 0.0082  3  DG A C5    
57  C C6    . DG A 3  ? 0.3045 0.3193 0.2799 -0.0462 -0.0237 0.0024  3  DG A C6    
58  O O6    . DG A 3  ? 0.3244 0.3389 0.2965 -0.0456 -0.0255 -0.0007 3  DG A O6    
59  N N1    . DG A 3  ? 0.2864 0.2947 0.2648 -0.0537 -0.0163 0.0009  3  DG A N1    
60  C C2    . DG A 3  ? 0.2986 0.3074 0.2809 -0.0519 -0.0121 -0.0024 3  DG A C2    
61  N N2    . DG A 3  ? 0.3025 0.3106 0.2791 -0.0576 -0.0019 -0.0058 3  DG A N2    
62  N N3    . DG A 3  ? 0.2985 0.3081 0.2897 -0.0433 -0.0169 -0.0015 3  DG A N3    
63  C C4    . DG A 3  ? 0.3128 0.3283 0.3015 -0.0376 -0.0249 0.0072  3  DG A C4    
64  P P     . DG A 4  ? 0.3909 0.4157 0.4968 0.0185  -0.0428 0.0130  4  DG A P     
65  O OP1   . DG A 4  ? 0.4983 0.5124 0.6437 0.0336  -0.0410 0.0052  4  DG A OP1   
66  O OP2   . DG A 4  ? 0.4162 0.4650 0.5116 0.0242  -0.0580 0.0308  4  DG A OP2   
67  O "O5'" . DG A 4  ? 0.3705 0.4106 0.4668 0.0051  -0.0294 -0.0090 4  DG A "O5'" 
68  C "C5'" . DG A 4  ? 0.3856 0.4093 0.4742 -0.0006 -0.0146 -0.0248 4  DG A "C5'" 
69  C "C4'" . DG A 4  ? 0.3961 0.4428 0.4818 -0.0101 -0.0006 -0.0363 4  DG A "C4'" 
70  O "O4'" . DG A 4  ? 0.3710 0.4149 0.4294 -0.0245 -0.0032 -0.0274 4  DG A "O4'" 
71  C "C3'" . DG A 4  ? 0.3948 0.4770 0.5202 -0.0045 -0.0011 -0.0396 4  DG A "C3'" 
72  O "O3'" . DG A 4  ? 0.4112 0.5130 0.5552 -0.0041 0.0201  -0.0538 4  DG A "O3'" 
73  C "C2'" . DG A 4  ? 0.3568 0.4508 0.4742 -0.0182 -0.0085 -0.0336 4  DG A "C2'" 
74  C "C1'" . DG A 4  ? 0.3479 0.4167 0.4243 -0.0309 -0.0015 -0.0293 4  DG A "C1'" 
75  N N9    . DG A 4  ? 0.3232 0.3864 0.3829 -0.0379 -0.0129 -0.0226 4  DG A N9    
76  C C8    . DG A 4  ? 0.3198 0.3845 0.3712 -0.0303 -0.0292 -0.0169 4  DG A C8    
77  N N7    . DG A 4  ? 0.3470 0.4085 0.3827 -0.0364 -0.0338 -0.0179 4  DG A N7    
78  C C5    . DG A 4  ? 0.2977 0.3508 0.3364 -0.0496 -0.0216 -0.0206 4  DG A C5    
79  C C6    . DG A 4  ? 0.3268 0.3682 0.3602 -0.0588 -0.0209 -0.0210 4  DG A C6    
80  O O6    . DG A 4  ? 0.3308 0.3683 0.3560 -0.0561 -0.0302 -0.0260 4  DG A O6    
81  N N1    . DG A 4  ? 0.3092 0.3444 0.3482 -0.0701 -0.0066 -0.0149 4  DG A N1    
82  C C2    . DG A 4  ? 0.2881 0.3327 0.3305 -0.0716 0.0079  -0.0124 4  DG A C2    
83  N N2    . DG A 4  ? 0.2812 0.3239 0.3209 -0.0821 0.0230  -0.0020 4  DG A N2    
84  N N3    . DG A 4  ? 0.2751 0.3311 0.3233 -0.0613 0.0084  -0.0190 4  DG A N3    
85  C C4    . DG A 4  ? 0.2945 0.3511 0.3435 -0.0511 -0.0079 -0.0212 4  DG A C4    
86  P P     . DC A 5  ? 0.4020 0.5239 0.5954 0.0168  0.0245  -0.0658 5  DC A P     
87  O OP1   . DC A 5  ? 0.3954 0.5254 0.6191 0.0298  -0.0003 -0.0540 5  DC A OP1   
88  O OP2   . DC A 5  ? 0.4095 0.5691 0.6284 0.0143  0.0505  -0.0777 5  DC A OP2   
89  O "O5'" . DC A 5  ? 0.3872 0.4685 0.5578 0.0262  0.0262  -0.0756 5  DC A "O5'" 
90  C "C5'" . DC A 5  ? 0.3861 0.4608 0.5316 0.0249  0.0465  -0.0964 5  DC A "C5'" 
91  C "C4'" . DC A 5  ? 0.3850 0.4198 0.5280 0.0364  0.0385  -0.1109 5  DC A "C4'" 
92  O "O4'" . DC A 5  ? 0.3789 0.4158 0.5755 0.0601  0.0375  -0.1209 5  DC A "O4'" 
93  C "C3'" . DC A 5  ? 0.3733 0.3714 0.5035 0.0285  0.0157  -0.0906 5  DC A "C3'" 
94  O "O3'" . DC A 5  ? 0.4324 0.3952 0.5499 0.0280  0.0126  -0.1087 5  DC A "O3'" 
95  C "C2'" . DC A 5  ? 0.3624 0.3589 0.5382 0.0446  0.0012  -0.0740 5  DC A "C2'" 
96  C "C1'" . DC A 5  ? 0.3670 0.3757 0.5849 0.0661  0.0134  -0.0988 5  DC A "C1'" 
97  N N1    . DC A 5  ? 0.3570 0.3967 0.6237 0.0819  0.0057  -0.0852 5  DC A N1    
98  C C2    . DC A 5  ? 0.3630 0.3819 0.6597 0.0966  -0.0158 -0.0627 5  DC A C2    
99  O O2    . DC A 5  ? 0.3750 0.3489 0.6631 0.0944  -0.0241 -0.0543 5  DC A O2    
100 N N3    . DC A 5  ? 0.3433 0.3948 0.6811 0.1124  -0.0280 -0.0480 5  DC A N3    
101 C C4    . DC A 5  ? 0.3308 0.4344 0.6879 0.1113  -0.0198 -0.0585 5  DC A C4    
102 N N4    . DC A 5  ? 0.3322 0.4712 0.7354 0.1271  -0.0368 -0.0458 5  DC A N4    
103 C C5    . DC A 5  ? 0.3203 0.4433 0.6536 0.0937  0.0054  -0.0797 5  DC A C5    
104 C C6    . DC A 5  ? 0.3303 0.4201 0.6147 0.0806  0.0173  -0.0903 5  DC A C6    
105 P P     . DC A 6  ? 0.4665 0.4208 0.5313 0.0091  0.0124  -0.1152 6  DC A P     
106 O OP1   . DC A 6  ? 0.5087 0.4769 0.5479 0.0141  0.0299  -0.1480 6  DC A OP1   
107 O OP2   . DC A 6  ? 0.4447 0.4133 0.4869 -0.0063 0.0087  -0.0865 6  DC A OP2   
108 O "O5'" . DC A 6  ? 0.4504 0.3607 0.5344 0.0071  -0.0071 -0.1138 6  DC A "O5'" 
109 C "C5'" . DC A 6  ? 0.4951 0.3827 0.5612 -0.0024 -0.0157 -0.1346 6  DC A "C5'" 
110 C "C4'" . DC A 6  ? 0.5097 0.3624 0.6116 -0.0094 -0.0338 -0.1164 6  DC A "C4'" 
111 O "O4'" . DC A 6  ? 0.5274 0.3570 0.6810 0.0072  -0.0358 -0.1145 6  DC A "O4'" 
112 C "C3'" . DC A 6  ? 0.4885 0.3534 0.5863 -0.0206 -0.0380 -0.0727 6  DC A "C3'" 
113 O "O3'" . DC A 6  ? 0.5804 0.4237 0.6942 -0.0354 -0.0510 -0.0626 6  DC A "O3'" 
114 C "C2'" . DC A 6  ? 0.4612 0.3255 0.5927 -0.0064 -0.0378 -0.0479 6  DC A "C2'" 
115 C "C1'" . DC A 6  ? 0.4994 0.3275 0.6745 0.0054  -0.0423 -0.0689 6  DC A "C1'" 
116 N N1    . DC A 6  ? 0.4809 0.3114 0.6915 0.0278  -0.0404 -0.0601 6  DC A N1    
117 C C2    . DC A 6  ? 0.4986 0.2993 0.7555 0.0351  -0.0516 -0.0306 6  DC A C2    
118 O O2    . DC A 6  ? 0.4871 0.2610 0.7565 0.0202  -0.0595 -0.0124 6  DC A O2    
119 N N3    . DC A 6  ? 0.4966 0.3012 0.7884 0.0584  -0.0534 -0.0198 6  DC A N3    
120 C C4    . DC A 6  ? 0.4827 0.3235 0.7699 0.0726  -0.0438 -0.0403 6  DC A C4    
121 N N4    . DC A 6  ? 0.4807 0.3295 0.8104 0.0967  -0.0486 -0.0289 6  DC A N4    
122 C C5    . DC A 6  ? 0.4666 0.3386 0.7103 0.0627  -0.0289 -0.0699 6  DC A C5    
123 C C6    . DC A 6  ? 0.4685 0.3323 0.6722 0.0412  -0.0282 -0.0769 6  DC A C6    
124 P P     . DG A 7  ? 0.6375 0.4995 0.7399 -0.0491 -0.0526 -0.0263 7  DG A P     
125 O OP1   . DG A 7  ? 0.5265 0.4179 0.6078 -0.0417 -0.0432 -0.0040 7  DG A OP1   
126 O OP2   . DG A 7  ? 0.7655 0.6065 0.9089 -0.0611 -0.0621 -0.0068 7  DG A OP2   
127 O "O5'" . DG A 7  ? 0.5759 0.4517 0.6387 -0.0577 -0.0547 -0.0521 7  DG A "O5'" 
128 C "C5'" . DG A 7  ? 0.5172 0.4172 0.5568 -0.0657 -0.0535 -0.0326 7  DG A "C5'" 
129 C "C4'" . DG A 7  ? 0.4939 0.4060 0.4944 -0.0692 -0.0559 -0.0538 7  DG A "C4'" 
130 O "O4'" . DG A 7  ? 0.4375 0.3680 0.4265 -0.0767 -0.0591 -0.0340 7  DG A "O4'" 
131 C "C3'" . DG A 7  ? 0.4826 0.4095 0.4513 -0.0595 -0.0407 -0.0639 7  DG A "C3'" 
132 O "O3'" . DG A 7  ? 0.5307 0.4647 0.4629 -0.0614 -0.0431 -0.0855 7  DG A "O3'" 
133 C "C2'" . DG A 7  ? 0.4094 0.3550 0.3689 -0.0615 -0.0344 -0.0373 7  DG A "C2'" 
134 C "C1'" . DG A 7  ? 0.4107 0.3581 0.3683 -0.0715 -0.0475 -0.0283 7  DG A "C1'" 
135 N N9    . DG A 7  ? 0.3490 0.3083 0.3132 -0.0725 -0.0454 -0.0041 7  DG A N9    
136 C C8    . DG A 7  ? 0.3564 0.3179 0.3450 -0.0712 -0.0434 0.0136  7  DG A C8    
137 N N7    . DG A 7  ? 0.3437 0.3203 0.3285 -0.0694 -0.0399 0.0270  7  DG A N7    
138 C C5    . DG A 7  ? 0.3388 0.3181 0.3013 -0.0705 -0.0416 0.0209  7  DG A C5    
139 C C6    . DG A 7  ? 0.3261 0.3138 0.2824 -0.0680 -0.0404 0.0296  7  DG A C6    
140 O O6    . DG A 7  ? 0.3289 0.3253 0.2967 -0.0629 -0.0368 0.0381  7  DG A O6    
141 N N1    . DG A 7  ? 0.3268 0.3123 0.2610 -0.0701 -0.0431 0.0278  7  DG A N1    
142 C C2    . DG A 7  ? 0.3579 0.3400 0.2701 -0.0732 -0.0443 0.0160  7  DG A C2    
143 N N2    . DG A 7  ? 0.3360 0.3220 0.2210 -0.0739 -0.0443 0.0217  7  DG A N2    
144 N N3    . DG A 7  ? 0.3638 0.3391 0.2806 -0.0739 -0.0448 0.0001  7  DG A N3    
145 C C4    . DG A 7  ? 0.3431 0.3145 0.2893 -0.0729 -0.0444 0.0047  7  DG A C4    
146 P P     . DG A 8  ? 0.7109 0.6657 0.6056 -0.0535 -0.0239 -0.0961 8  DG A P     
147 O OP1   . DG A 8  ? 0.7271 0.6756 0.6070 -0.0467 -0.0257 -0.1349 8  DG A OP1   
148 O OP2   . DG A 8  ? 0.6467 0.6138 0.5586 -0.0478 -0.0063 -0.0815 8  DG A OP2   
149 O "O5'" . DG A 8  ? 0.8198 0.7910 0.6763 -0.0618 -0.0289 -0.0786 8  DG A "O5'" 
150 C "C5'" . DG A 8  ? 0.7795 0.7580 0.6422 -0.0659 -0.0249 -0.0475 8  DG A "C5'" 
151 C "C4'" . DG A 8  ? 0.8341 0.8305 0.6632 -0.0661 -0.0107 -0.0358 8  DG A "C4'" 
152 O "O4'" . DG A 8  ? 0.7889 0.7852 0.6291 -0.0707 -0.0113 -0.0076 8  DG A "O4'" 
153 C "C3'" . DG A 8  ? 0.8428 0.8520 0.6773 -0.0612 0.0136  -0.0412 8  DG A "C3'" 
154 O "O3'" . DG A 8  ? 1.0113 1.0402 0.8082 -0.0627 0.0281  -0.0302 8  DG A "O3'" 
155 C "C2'" . DG A 8  ? 0.6522 0.6583 0.5257 -0.0640 0.0157  -0.0236 8  DG A "C2'" 
156 C "C1'" . DG A 8  ? 0.6151 0.6141 0.4820 -0.0703 0.0035  -0.0021 8  DG A "C1'" 
157 N N9    . DG A 8  ? 0.4698 0.4592 0.3661 -0.0700 -0.0061 0.0042  8  DG A N9    
158 C C8    . DG A 8  ? 0.4741 0.4582 0.3926 -0.0658 -0.0114 -0.0037 8  DG A C8    
159 N N7    . DG A 8  ? 0.3914 0.3743 0.3250 -0.0649 -0.0166 0.0064  8  DG A N7    
160 C C5    . DG A 8  ? 0.3827 0.3663 0.3095 -0.0680 -0.0159 0.0173  8  DG A C5    
161 C C6    . DG A 8  ? 0.3886 0.3706 0.3273 -0.0658 -0.0193 0.0252  8  DG A C6    
162 O O6    . DG A 8  ? 0.3446 0.3305 0.2950 -0.0604 -0.0217 0.0238  8  DG A O6    
163 N N1    . DG A 8  ? 0.3691 0.3454 0.3042 -0.0686 -0.0182 0.0361  8  DG A N1    
164 C C2    . DG A 8  ? 0.4022 0.3787 0.3183 -0.0738 -0.0135 0.0448  8  DG A C2    
165 N N2    . DG A 8  ? 0.4108 0.3791 0.3284 -0.0754 -0.0134 0.0630  8  DG A N2    
166 N N3    . DG A 8  ? 0.4480 0.4324 0.3441 -0.0754 -0.0080 0.0364  8  DG A N3    
167 C C4    . DG A 8  ? 0.3914 0.3772 0.2971 -0.0719 -0.0102 0.0199  8  DG A C4    
168 P P     . DG A 9  ? 1.0096 1.0637 0.8126 -0.0611 0.0592  -0.0266 9  DG A P     
169 O OP1   . DG A 9  ? 0.9770 1.0538 0.7235 -0.0577 0.0726  -0.0283 9  DG A OP1   
170 O OP2   . DG A 9  ? 0.9354 0.9914 0.7825 -0.0536 0.0665  -0.0465 9  DG A OP2   
171 O "O5'" . DG A 9  ? 0.7230 0.7749 0.5520 -0.0726 0.0625  0.0083  9  DG A "O5'" 
172 C "C5'" . DG A 9  ? 0.6315 0.6778 0.4348 -0.0787 0.0561  0.0363  9  DG A "C5'" 
173 C "C4'" . DG A 9  ? 0.5483 0.5851 0.3921 -0.0884 0.0593  0.0616  9  DG A "C4'" 
174 O "O4'" . DG A 9  ? 0.4527 0.4685 0.3267 -0.0868 0.0394  0.0527  9  DG A "O4'" 
175 C "C3'" . DG A 9  ? 0.4862 0.5404 0.3696 -0.0946 0.0820  0.0631  9  DG A "C3'" 
176 O "O3'" . DG A 9  ? 0.4970 0.5579 0.3771 -0.1048 0.0982  0.0973  9  DG A "O3'" 
177 C "C2'" . DG A 9  ? 0.4415 0.4806 0.3754 -0.0968 0.0675  0.0537  9  DG A "C2'" 
178 C "C1'" . DG A 9  ? 0.4004 0.4136 0.3198 -0.0934 0.0447  0.0573  9  DG A "C1'" 
179 N N9    . DG A 9  ? 0.3669 0.3705 0.3079 -0.0878 0.0288  0.0394  9  DG A N9    
180 C C8    . DG A 9  ? 0.3533 0.3629 0.2961 -0.0799 0.0246  0.0195  9  DG A C8    
181 N N7    . DG A 9  ? 0.3339 0.3367 0.2923 -0.0756 0.0116  0.0135  9  DG A N7    
182 C C5    . DG A 9  ? 0.3033 0.2950 0.2696 -0.0795 0.0069  0.0235  9  DG A C5    
183 C C6    . DG A 9  ? 0.2937 0.2782 0.2724 -0.0749 -0.0041 0.0183  9  DG A C6    
184 O O6    . DG A 9  ? 0.2765 0.2670 0.2563 -0.0671 -0.0113 0.0085  9  DG A O6    
185 N N1    . DG A 9  ? 0.3255 0.2950 0.3154 -0.0783 -0.0055 0.0271  9  DG A N1    
186 C C2    . DG A 9  ? 0.3345 0.2956 0.3244 -0.0865 0.0022  0.0465  9  DG A C2    
187 N N2    . DG A 9  ? 0.3391 0.2801 0.3491 -0.0876 -0.0017 0.0557  9  DG A N2    
188 N N3    . DG A 9  ? 0.3589 0.3317 0.3304 -0.0917 0.0141  0.0566  9  DG A N3    
189 C C4    . DG A 9  ? 0.3376 0.3260 0.2974 -0.0872 0.0161  0.0406  9  DG A C4    
190 P P     . DG A 10 ? 0.5433 0.6248 0.4745 -0.1181 0.1242  0.1119  10 DG A P     
191 O OP1   . DG A 10 ? 0.6010 0.7018 0.5023 -0.1242 0.1498  0.1482  10 DG A OP1   
192 O OP2   . DG A 10 ? 0.5283 0.6321 0.4922 -0.1126 0.1305  0.0806  10 DG A OP2   
193 O "O5'" . DG A 10 ? 0.5566 0.6038 0.5349 -0.1270 0.1037  0.1194  10 DG A "O5'" 
194 C "C5'" . DG A 10 ? 0.6434 0.6646 0.6167 -0.1323 0.0974  0.1515  10 DG A "C5'" 
195 C "C4'" . DG A 10 ? 0.6325 0.6273 0.6686 -0.1409 0.0840  0.1458  10 DG A "C4'" 
196 O "O4'" . DG A 10 ? 0.5256 0.5092 0.5576 -0.1284 0.0605  0.1121  10 DG A "O4'" 
197 C "C3'" . DG A 10 ? 0.6154 0.6289 0.7138 -0.1550 0.0960  0.1369  10 DG A "C3'" 
198 O "O3'" . DG A 10 ? 0.9082 0.9242 1.0399 -0.1734 0.1176  0.1746  10 DG A "O3'" 
199 C "C2'" . DG A 10 ? 0.5776 0.5694 0.7138 -0.1532 0.0698  0.1062  10 DG A "C2'" 
200 C "C1'" . DG A 10 ? 0.4920 0.4661 0.5789 -0.1348 0.0509  0.0940  10 DG A "C1'" 
201 N N9    . DG A 10 ? 0.3964 0.3815 0.4751 -0.1228 0.0371  0.0605  10 DG A N9    
202 C C8    . DG A 10 ? 0.3759 0.3852 0.4322 -0.1144 0.0415  0.0474  10 DG A C8    
203 N N7    . DG A 10 ? 0.3379 0.3479 0.3921 -0.1039 0.0255  0.0252  10 DG A N7    
204 C C5    . DG A 10 ? 0.3373 0.3270 0.4064 -0.1041 0.0113  0.0198  10 DG A C5    
205 C C6    . DG A 10 ? 0.3442 0.3314 0.4112 -0.0936 -0.0058 -0.0010 10 DG A C6    
206 O O6    . DG A 10 ? 0.2996 0.3012 0.3513 -0.0831 -0.0125 -0.0122 10 DG A O6    
207 N N1    . DG A 10 ? 0.3370 0.3023 0.4215 -0.0945 -0.0142 -0.0066 10 DG A N1    
208 C C2    . DG A 10 ? 0.3743 0.3167 0.4835 -0.1052 -0.0089 0.0095  10 DG A C2    
209 N N2    . DG A 10 ? 0.3875 0.3051 0.5187 -0.1022 -0.0197 -0.0028 10 DG A N2    
210 N N3    . DG A 10 ? 0.3854 0.3294 0.4970 -0.1166 0.0070  0.0369  10 DG A N3    
211 C C4    . DG A 10 ? 0.3601 0.3310 0.4476 -0.1152 0.0173  0.0388  10 DG A C4    
212 P P     . DC A 11 ? 0.9142 0.8867 1.0811 -0.1853 0.1112  0.2079  11 DC A P     
213 O OP1   . DC A 11 ? 1.0255 0.9843 1.2778 -0.2018 0.1023  0.1908  11 DC A OP1   
214 O OP2   . DC A 11 ? 1.0750 1.0148 1.1986 -0.1690 0.0904  0.2131  11 DC A OP2   
215 O "O5'" . DC A 11 ? 1.0377 1.0337 1.1950 -0.1978 0.1460  0.2607  11 DC A "O5'" 
216 C "C5'" . DC A 11 ? 1.1789 1.2028 1.2546 -0.1852 0.1613  0.2777  11 DC A "C5'" 
217 C "C4'" . DC A 11 ? 1.2702 1.2637 1.2936 -0.1713 0.1404  0.2961  11 DC A "C4'" 
218 O "O4'" . DC A 11 ? 1.4779 1.4220 1.5568 -0.1774 0.1220  0.3091  11 DC A "O4'" 
219 C "C3'" . DC A 11 ? 1.4036 1.4156 1.3641 -0.1685 0.1581  0.3464  11 DC A "C3'" 
220 O "O3'" . DC A 11 ? 1.2018 1.2149 1.0885 -0.1479 0.1363  0.3338  11 DC A "O3'" 
221 C "C2'" . DC A 11 ? 1.5557 1.5284 1.5607 -0.1798 0.1561  0.3987  11 DC A "C2'" 
222 C "C1'" . DC A 11 ? 1.6829 1.6093 1.7377 -0.1752 0.1230  0.3625  11 DC A "C1'" 
223 N N1    . DC A 11 ? 1.9229 1.8012 2.0585 -0.1888 0.1176  0.3868  11 DC A N1    
224 C C2    . DC A 11 ? 2.0473 1.9279 2.2513 -0.2147 0.1412  0.4101  11 DC A C2    
225 O O2    . DC A 11 ? 2.0072 1.9354 2.2021 -0.2244 0.1686  0.4116  11 DC A O2    
226 N N3    . DC A 11 ? 2.0661 1.8962 2.3517 -0.2285 0.1333  0.4289  11 DC A N3    
227 C C4    . DC A 11 ? 1.9757 1.7553 2.2727 -0.2136 0.1046  0.4230  11 DC A C4    
228 N N4    . DC A 11 ? 1.9565 1.6825 2.3398 -0.2261 0.0971  0.4372  11 DC A N4    
229 C C5    . DC A 11 ? 1.8888 1.6723 2.1165 -0.1852 0.0830  0.4007  11 DC A C5    
230 C C6    . DC A 11 ? 1.8839 1.7166 2.0346 -0.1757 0.0896  0.3844  11 DC A C6    
231 P P     . DC A 12 ? 1.0653 1.1241 0.8728 -0.1347 0.1455  0.3073  12 DC A P     
232 O OP1   . DC A 12 ? 1.0635 1.1526 0.9003 -0.1406 0.1708  0.2779  12 DC A OP1   
233 O OP2   . DC A 12 ? 1.1106 1.1911 0.8444 -0.1286 0.1540  0.3502  12 DC A OP2   
234 O "O5'" . DC A 12 ? 0.9968 1.0359 0.7889 -0.1196 0.1081  0.2633  12 DC A "O5'" 
235 C "C5'" . DC A 12 ? 1.0353 1.0842 0.8330 -0.1143 0.1045  0.2109  12 DC A "C5'" 
236 C "C4'" . DC A 12 ? 1.0399 1.0644 0.8405 -0.1047 0.0709  0.1846  12 DC A "C4'" 
237 O "O4'" . DC A 12 ? 1.0363 1.0303 0.8996 -0.1100 0.0610  0.1846  12 DC A "O4'" 
238 C "C3'" . DC A 12 ? 1.0596 1.0796 0.8152 -0.0953 0.0480  0.2019  12 DC A "C3'" 
239 O "O3'" . DC A 12 ? 0.9671 0.9872 0.7104 -0.0865 0.0252  0.1652  12 DC A "O3'" 
240 C "C2'" . DC A 12 ? 1.0448 1.0318 0.8467 -0.0976 0.0364  0.2301  12 DC A "C2'" 
241 C "C1'" . DC A 12 ? 1.0326 1.0035 0.8948 -0.1030 0.0384  0.2001  12 DC A "C1'" 
242 N N1    . DC A 12 ? 1.0244 0.9646 0.9454 -0.1103 0.0390  0.2182  12 DC A N1    
243 C C2    . DC A 12 ? 1.0692 0.9903 1.0349 -0.1079 0.0268  0.1877  12 DC A C2    
244 O O2    . DC A 12 ? 1.1065 1.0386 1.0601 -0.1003 0.0180  0.1550  12 DC A O2    
245 N N3    . DC A 12 ? 1.0795 0.9704 1.1005 -0.1136 0.0250  0.1950  12 DC A N3    
246 C C4    . DC A 12 ? 1.0646 0.9400 1.1057 -0.1235 0.0352  0.2362  12 DC A C4    
247 N N4    . DC A 12 ? 1.1306 0.9698 1.2353 -0.1297 0.0310  0.2388  12 DC A N4    
248 C C5    . DC A 12 ? 1.0894 0.9857 1.0851 -0.1269 0.0503  0.2765  12 DC A C5    
249 C C6    . DC A 12 ? 1.0601 0.9908 0.9927 -0.1191 0.0516  0.2632  12 DC A C6    
250 P P     . DG A 13 ? 0.9816 1.0177 0.6656 -0.0770 0.0021  0.1623  13 DG A P     
251 O OP1   . DG A 13 ? 1.0492 1.0940 0.7214 -0.0736 -0.0057 0.1148  13 DG A OP1   
252 O OP2   . DG A 13 ? 0.9980 1.0539 0.6263 -0.0747 0.0084  0.1993  13 DG A OP2   
253 O "O5'" . DG A 13 ? 0.8842 0.8980 0.6058 -0.0729 -0.0244 0.1755  13 DG A "O5'" 
254 C "C5'" . DG A 13 ? 0.7390 0.7442 0.4959 -0.0711 -0.0386 0.1441  13 DG A "C5'" 
255 C "C4'" . DG A 13 ? 0.6499 0.6386 0.4481 -0.0656 -0.0538 0.1617  13 DG A "C4'" 
256 O "O4'" . DG A 13 ? 0.5556 0.5438 0.3854 -0.0633 -0.0644 0.1340  13 DG A "O4'" 
257 C "C3'" . DG A 13 ? 0.5946 0.5579 0.4354 -0.0685 -0.0388 0.1787  13 DG A "C3'" 
258 O "O3'" . DG A 13 ? 0.6425 0.5909 0.5098 -0.0593 -0.0535 0.2028  13 DG A "O3'" 
259 C "C2'" . DG A 13 ? 0.5251 0.4824 0.4005 -0.0701 -0.0340 0.1445  13 DG A "C2'" 
260 C "C1'" . DG A 13 ? 0.5087 0.4781 0.3839 -0.0626 -0.0541 0.1307  13 DG A "C1'" 
261 N N9    . DG A 13 ? 0.4518 0.4259 0.3417 -0.0640 -0.0516 0.1011  13 DG A N9    
262 C C8    . DG A 13 ? 0.4591 0.4422 0.3306 -0.0691 -0.0477 0.0804  13 DG A C8    
263 N N7    . DG A 13 ? 0.4395 0.4224 0.3345 -0.0684 -0.0466 0.0636  13 DG A N7    
264 C C5    . DG A 13 ? 0.3833 0.3617 0.3078 -0.0622 -0.0479 0.0706  13 DG A C5    
265 C C6    . DG A 13 ? 0.3835 0.3659 0.3339 -0.0572 -0.0453 0.0611  13 DG A C6    
266 O O6    . DG A 13 ? 0.3385 0.3271 0.2923 -0.0587 -0.0420 0.0504  13 DG A O6    
267 N N1    . DG A 13 ? 0.3500 0.3289 0.3233 -0.0479 -0.0459 0.0668  13 DG A N1    
268 C C2    . DG A 13 ? 0.3733 0.3399 0.3521 -0.0440 -0.0507 0.0826  13 DG A C2    
269 N N2    . DG A 13 ? 0.3835 0.3441 0.3927 -0.0320 -0.0507 0.0819  13 DG A N2    
270 N N3    . DG A 13 ? 0.4229 0.3842 0.3785 -0.0499 -0.0541 0.0991  13 DG A N3    
271 C C4    . DG A 13 ? 0.4107 0.3814 0.3363 -0.0588 -0.0516 0.0908  13 DG A C4    
272 P P     . DG A 14 ? 0.7168 0.6311 0.6315 -0.0605 -0.0440 0.2257  14 DG A P     
273 O OP1   . DG A 14 ? 0.8708 0.7692 0.8283 -0.0457 -0.0607 0.2275  14 DG A OP1   
274 O OP2   . DG A 14 ? 0.9001 0.8130 0.7905 -0.0680 -0.0321 0.2674  14 DG A OP2   
275 O "O5'" . DG A 14 ? 0.7597 0.6674 0.7016 -0.0705 -0.0271 0.1920  14 DG A "O5'" 
276 C "C5'" . DG A 14 ? 0.8426 0.7211 0.8369 -0.0738 -0.0214 0.1892  14 DG A "C5'" 
277 C "C4'" . DG A 14 ? 0.8524 0.7174 0.8810 -0.0587 -0.0349 0.1699  14 DG A "C4'" 
278 O "O4'" . DG A 14 ? 0.7725 0.6629 0.7845 -0.0534 -0.0385 0.1385  14 DG A "O4'" 
279 C "C3'" . DG A 14 ? 0.8079 0.6441 0.8884 -0.0601 -0.0316 0.1501  14 DG A "C3'" 
280 O "O3'" . DG A 14 ? 0.8783 0.6975 0.9907 -0.0416 -0.0431 0.1458  14 DG A "O3'" 
281 C "C2'" . DG A 14 ? 0.7256 0.5834 0.7956 -0.0633 -0.0270 0.1106  14 DG A "C2'" 
282 C "C1'" . DG A 14 ? 0.6526 0.5372 0.6904 -0.0525 -0.0339 0.1060  14 DG A "C1'" 
283 N N9    . DG A 14 ? 0.5167 0.4267 0.5283 -0.0571 -0.0294 0.0858  14 DG A N9    
284 C C8    . DG A 14 ? 0.4846 0.4099 0.4641 -0.0665 -0.0240 0.0924  14 DG A C8    
285 N N7    . DG A 14 ? 0.4770 0.4189 0.4450 -0.0665 -0.0225 0.0722  14 DG A N7    
286 C C5    . DG A 14 ? 0.4050 0.3467 0.3925 -0.0574 -0.0262 0.0555  14 DG A C5    
287 C C6    . DG A 14 ? 0.3796 0.3372 0.3635 -0.0527 -0.0257 0.0378  14 DG A C6    
288 O O6    . DG A 14 ? 0.4267 0.3958 0.3964 -0.0562 -0.0238 0.0336  14 DG A O6    
289 N N1    . DG A 14 ? 0.3885 0.3473 0.3879 -0.0412 -0.0268 0.0256  14 DG A N1    
290 C C2    . DG A 14 ? 0.3729 0.3155 0.3950 -0.0337 -0.0293 0.0245  14 DG A C2    
291 N N2    . DG A 14 ? 0.3343 0.2841 0.3667 -0.0196 -0.0279 0.0053  14 DG A N2    
292 N N3    . DG A 14 ? 0.3808 0.3021 0.4149 -0.0379 -0.0320 0.0425  14 DG A N3    
293 C C4    . DG A 14 ? 0.4104 0.3344 0.4232 -0.0505 -0.0298 0.0599  14 DG A C4    
294 P P     . DG A 15 ? 0.8453 0.6180 1.0200 -0.0381 -0.0452 0.1414  15 DG A P     
295 O OP1   . DG A 15 ? 0.8029 0.5645 1.0064 -0.0130 -0.0565 0.1383  15 DG A OP1   
296 O OP2   . DG A 15 ? 0.9342 0.6817 1.1263 -0.0564 -0.0383 0.1785  15 DG A OP2   
297 O "O5'" . DG A 15 ? 0.7595 0.5409 0.9396 -0.0433 -0.0408 0.0906  15 DG A "O5'" 
298 C "C5'" . DG A 15 ? 0.6401 0.4362 0.8188 -0.0243 -0.0447 0.0537  15 DG A "C5'" 
299 C "C4'" . DG A 15 ? 0.5428 0.3519 0.7158 -0.0287 -0.0427 0.0109  15 DG A "C4'" 
300 O "O4'" . DG A 15 ? 0.4719 0.3191 0.5988 -0.0357 -0.0374 0.0131  15 DG A "O4'" 
301 C "C3'" . DG A 15 ? 0.5671 0.3519 0.7747 -0.0473 -0.0443 -0.0002 15 DG A "C3'" 
302 O "O3'" . DG A 15 ? 0.6303 0.3977 0.8683 -0.0356 -0.0528 -0.0446 15 DG A "O3'" 
303 C "C2'" . DG A 15 ? 0.5125 0.3321 0.6885 -0.0613 -0.0396 -0.0070 15 DG A "C2'" 
304 C "C1'" . DG A 15 ? 0.4554 0.3093 0.5844 -0.0460 -0.0378 -0.0126 15 DG A "C1'" 
305 N N9    . DG A 15 ? 0.4148 0.2987 0.5080 -0.0548 -0.0320 -0.0022 15 DG A N9    
306 C C8    . DG A 15 ? 0.4163 0.3043 0.4963 -0.0679 -0.0247 0.0268  15 DG A C8    
307 N N7    . DG A 15 ? 0.4106 0.3249 0.4616 -0.0699 -0.0211 0.0240  15 DG A N7    
308 C C5    . DG A 15 ? 0.3777 0.3061 0.4218 -0.0585 -0.0265 -0.0013 15 DG A C5    
309 C C6    . DG A 15 ? 0.3812 0.3350 0.4009 -0.0545 -0.0264 -0.0091 15 DG A C6    
310 O O6    . DG A 15 ? 0.3628 0.3284 0.3680 -0.0597 -0.0223 -0.0002 15 DG A O6    
311 N N1    . DG A 15 ? 0.3684 0.3338 0.3827 -0.0414 -0.0309 -0.0295 15 DG A N1    
312 C C2    . DG A 15 ? 0.3708 0.3260 0.3993 -0.0315 -0.0344 -0.0479 15 DG A C2    
313 N N2    . DG A 15 ? 0.3716 0.3473 0.3829 -0.0169 -0.0356 -0.0683 15 DG A N2    
314 N N3    . DG A 15 ? 0.4138 0.3399 0.4717 -0.0341 -0.0359 -0.0458 15 DG A N3    
315 C C4    . DG A 15 ? 0.3915 0.3050 0.4561 -0.0486 -0.0321 -0.0186 15 DG A C4    
316 P P     . DG A 16 ? 0.7014 0.4389 0.9924 -0.0513 -0.0620 -0.0731 16 DG A P     
317 O OP1   . DG A 16 ? 0.7640 0.4603 1.1011 -0.0346 -0.0710 -0.1015 16 DG A OP1   
318 O OP2   . DG A 16 ? 0.7153 0.4434 1.0305 -0.0798 -0.0559 -0.0362 16 DG A OP2   
319 O "O5'" . DG A 16 ? 0.6314 0.4129 0.8828 -0.0481 -0.0666 -0.1144 16 DG A "O5'" 
320 C "C5'" . DG A 16 ? 0.6018 0.4024 0.8230 -0.0219 -0.0683 -0.1483 16 DG A "C5'" 
321 C "C4'" . DG A 16 ? 0.5831 0.4240 0.7673 -0.0211 -0.0748 -0.1802 16 DG A "C4'" 
322 O "O4'" . DG A 16 ? 0.5127 0.3877 0.6564 -0.0284 -0.0657 -0.1470 16 DG A "O4'" 
323 C "C3'" . DG A 16 ? 0.6055 0.4389 0.8252 -0.0390 -0.0918 -0.2105 16 DG A "C3'" 
324 O "O3'" . DG A 16 ? 0.6561 0.5106 0.8530 -0.0229 -0.1057 -0.2641 16 DG A "O3'" 
325 C "C2'" . DG A 16 ? 0.5460 0.4104 0.7499 -0.0573 -0.0880 -0.1820 16 DG A "C2'" 
326 C "C1'" . DG A 16 ? 0.4989 0.3952 0.6410 -0.0412 -0.0752 -0.1610 16 DG A "C1'" 
327 N N9    . DG A 16 ? 0.4315 0.3455 0.5568 -0.0533 -0.0650 -0.1228 16 DG A N9    
328 C C8    . DG A 16 ? 0.4289 0.3267 0.5754 -0.0701 -0.0549 -0.0879 16 DG A C8    
329 N N7    . DG A 16 ? 0.3942 0.3154 0.5145 -0.0745 -0.0460 -0.0653 16 DG A N7    
330 C C5    . DG A 16 ? 0.3764 0.3265 0.4623 -0.0611 -0.0515 -0.0819 16 DG A C5    
331 C C6    . DG A 16 ? 0.3789 0.3559 0.4343 -0.0580 -0.0474 -0.0690 16 DG A C6    
332 O O6    . DG A 16 ? 0.3145 0.2959 0.3663 -0.0657 -0.0381 -0.0474 16 DG A O6    
333 N N1    . DG A 16 ? 0.3583 0.3582 0.3857 -0.0428 -0.0546 -0.0846 16 DG A N1    
334 C C2    . DG A 16 ? 0.3751 0.3781 0.3958 -0.0305 -0.0634 -0.1133 16 DG A C2    
335 N N2    . DG A 16 ? 0.3944 0.4275 0.3780 -0.0155 -0.0671 -0.1203 16 DG A N2    
336 N N3    . DG A 16 ? 0.4056 0.3833 0.4541 -0.0316 -0.0677 -0.1337 16 DG A N3    
337 C C4    . DG A 16 ? 0.3855 0.3348 0.4695 -0.0478 -0.0621 -0.1145 16 DG A C4    
338 P P     . DC A 17 ? 0.7314 0.5537 0.9762 -0.0209 -0.1266 -0.3237 17 DC A P     
339 O OP1   . DC A 17 ? 0.7620 0.5310 1.0872 -0.0451 -0.1300 -0.3074 17 DC A OP1   
340 O OP2   . DC A 17 ? 0.8140 0.6763 1.0309 -0.0193 -0.1474 -0.3677 17 DC A OP2   
341 O "O5'" . DC A 17 ? 0.8623 0.6737 1.0909 0.0122  -0.1175 -0.3477 17 DC A "O5'" 
342 C "C5'" . DC A 17 ? 0.8808 0.7197 1.0616 0.0348  -0.0963 -0.3244 17 DC A "C5'" 
343 C "C4'" . DC A 17 ? 1.0052 0.8107 1.2200 0.0569  -0.0887 -0.3361 17 DC A "C4'" 
344 O "O4'" . DC A 17 ? 1.1058 0.8571 1.3858 0.0515  -0.1064 -0.3744 17 DC A "O4'" 
345 C "C3'" . DC A 17 ? 1.0847 0.8711 1.3217 0.0541  -0.0748 -0.2767 17 DC A "C3'" 
346 O "O3'" . DC A 17 ? 1.3708 1.2006 1.5659 0.0741  -0.0570 -0.2594 17 DC A "O3'" 
347 C "C2'" . DC A 17 ? 1.1013 0.8297 1.4072 0.0651  -0.0804 -0.2926 17 DC A "C2'" 
348 C "C1'" . DC A 17 ? 1.1791 0.8831 1.5125 0.0618  -0.1000 -0.3568 17 DC A "C1'" 
349 N N1    . DC A 17 ? 1.2753 0.9182 1.6850 0.0354  -0.1142 -0.3468 17 DC A N1    
350 C C2    . DC A 17 ? 1.3422 0.9904 1.7567 0.0004  -0.1160 -0.3062 17 DC A C2    
351 O O2    . DC A 17 ? 1.3384 1.0373 1.6942 -0.0053 -0.1079 -0.2837 17 DC A O2    
352 N N3    . DC A 17 ? 1.3665 0.9640 1.8556 -0.0256 -0.1248 -0.2919 17 DC A N3    
353 C C4    . DC A 17 ? 1.3282 0.8643 1.8883 -0.0186 -0.1345 -0.3157 17 DC A C4    
354 N N4    . DC A 17 ? 1.2948 0.7806 1.9341 -0.0476 -0.1418 -0.2944 17 DC A N4    
355 C C5    . DC A 17 ? 1.3796 0.9041 1.9374 0.0193  -0.1354 -0.3619 17 DC A C5    
356 C C6    . DC A 17 ? 1.3628 0.9453 1.8431 0.0454  -0.1236 -0.3763 17 DC A C6    
357 P P     . DC A 18 ? 1.6332 1.4983 1.7888 0.0598  -0.0463 -0.2032 18 DC A P     
358 O OP1   . DC A 18 ? 1.6042 1.5103 1.7354 0.0814  -0.0294 -0.1941 18 DC A OP1   
359 O OP2   . DC A 18 ? 1.5745 1.4591 1.6987 0.0393  -0.0532 -0.2022 18 DC A OP2   
360 O "O5'" . DC A 18 ? 1.3087 1.1318 1.5075 0.0444  -0.0494 -0.1578 18 DC A "O5'" 
361 C "C5'" . DC A 18 ? 1.2106 1.0084 1.4501 0.0617  -0.0480 -0.1468 18 DC A "C5'" 
362 C "C4'" . DC A 18 ? 1.1664 1.0062 1.3836 0.0765  -0.0363 -0.1230 18 DC A "C4'" 
363 O "O4'" . DC A 18 ? 1.2525 1.1224 1.4627 0.1043  -0.0256 -0.1619 18 DC A "O4'" 
364 C "C3'" . DC A 18 ? 1.1441 0.9668 1.3978 0.0835  -0.0396 -0.0832 18 DC A "C3'" 
365 O "O3'" . DC A 18 ? 0.9669 0.8272 1.1921 0.0766  -0.0365 -0.0461 18 DC A "O3'" 
366 C "C2'" . DC A 18 ? 1.2254 1.0534 1.5134 0.1176  -0.0336 -0.1121 18 DC A "C2'" 
367 C "C1'" . DC A 18 ? 1.2793 1.1577 1.5223 0.1259  -0.0192 -0.1471 18 DC A "C1'" 
368 N N1    . DC A 18 ? 1.4243 1.3114 1.6839 0.1583  -0.0094 -0.1974 18 DC A N1    
369 C C2    . DC A 18 ? 1.4452 1.3935 1.6840 0.1780  0.0115  -0.2043 18 DC A C2    
370 O O2    . DC A 18 ? 1.4454 1.4327 1.6599 0.1655  0.0183  -0.1674 18 DC A O2    
371 N N3    . DC A 18 ? 1.5079 1.4717 1.7572 0.2105  0.0248  -0.2523 18 DC A N3    
372 C C4    . DC A 18 ? 1.5287 1.4434 1.8096 0.2236  0.0142  -0.2977 18 DC A C4    
373 N N4    . DC A 18 ? 1.6115 1.5439 1.8994 0.2586  0.0284  -0.3511 18 DC A N4    
374 C C5    . DC A 18 ? 1.4821 1.3280 1.7926 0.2009  -0.0099 -0.2906 18 DC A C5    
375 C C6    . DC A 18 ? 1.4520 1.2897 1.7496 0.1687  -0.0190 -0.2375 18 DC A C6    
376 P P     . DG A 19 ? 0.8843 0.7489 1.0709 0.0467  -0.0402 -0.0130 19 DG A P     
377 O OP1   . DG A 19 ? 0.6909 0.5521 0.8544 0.0301  -0.0384 -0.0351 19 DG A OP1   
378 O OP2   . DG A 19 ? 0.8448 0.6818 1.0503 0.0404  -0.0501 0.0283  19 DG A OP2   
379 O "O5'" . DG A 19 ? 0.6277 0.5442 0.7855 0.0485  -0.0340 -0.0016 19 DG A "O5'" 
380 C "C5'" . DG A 19 ? 0.5207 0.4690 0.6987 0.0699  -0.0276 -0.0067 19 DG A "C5'" 
381 C "C4'" . DG A 19 ? 0.4460 0.4384 0.5943 0.0695  -0.0133 -0.0197 19 DG A "C4'" 
382 O "O4'" . DG A 19 ? 0.4116 0.4191 0.5345 0.0485  -0.0174 0.0064  19 DG A "O4'" 
383 C "C3'" . DG A 19 ? 0.4379 0.4271 0.5559 0.0684  -0.0071 -0.0525 19 DG A "C3'" 
384 O "O3'" . DG A 19 ? 0.4776 0.5105 0.5821 0.0842  0.0097  -0.0687 19 DG A "O3'" 
385 C "C2'" . DG A 19 ? 0.3886 0.3752 0.4731 0.0430  -0.0126 -0.0354 19 DG A "C2'" 
386 C "C1'" . DG A 19 ? 0.3478 0.3616 0.4337 0.0377  -0.0112 -0.0055 19 DG A "C1'" 
387 N N9    . DG A 19 ? 0.3072 0.3139 0.3724 0.0162  -0.0193 0.0151  19 DG A N9    
388 C C8    . DG A 19 ? 0.3112 0.2941 0.3768 0.0052  -0.0308 0.0331  19 DG A C8    
389 N N7    . DG A 19 ? 0.2794 0.2657 0.3203 -0.0108 -0.0337 0.0433  19 DG A N7    
390 C C5    . DG A 19 ? 0.2792 0.2879 0.3092 -0.0111 -0.0253 0.0346  19 DG A C5    
391 C C6    . DG A 19 ? 0.2860 0.3028 0.2977 -0.0230 -0.0248 0.0392  19 DG A C6    
392 O O6    . DG A 19 ? 0.2668 0.2741 0.2655 -0.0351 -0.0312 0.0456  19 DG A O6    
393 N N1    . DG A 19 ? 0.2575 0.2963 0.2664 -0.0180 -0.0150 0.0360  19 DG A N1    
394 C C2    . DG A 19 ? 0.2754 0.3328 0.2898 -0.0024 -0.0044 0.0266  19 DG A C2    
395 N N2    . DG A 19 ? 0.2493 0.3317 0.2518 0.0011  0.0064  0.0303  19 DG A N2    
396 N N3    . DG A 19 ? 0.2929 0.3447 0.3235 0.0106  -0.0040 0.0148  19 DG A N3    
397 C C4    . DG A 19 ? 0.2679 0.2920 0.3090 0.0050  -0.0157 0.0204  19 DG A C4    
398 P P     . DG A 20 ? 0.5261 0.5753 0.5865 0.0877  0.0162  -0.0993 20 DG A P     
399 O OP1   . DG A 20 ? 0.6074 0.7004 0.6634 0.1133  0.0370  -0.1168 20 DG A OP1   
400 O OP2   . DG A 20 ? 0.5112 0.5190 0.5734 0.0823  0.0010  -0.1275 20 DG A OP2   
401 O "O5'" . DG A 20 ? 0.5514 0.6170 0.5791 0.0658  0.0154  -0.0696 20 DG A "O5'" 
402 C "C5'" . DG A 20 ? 0.5806 0.6887 0.5952 0.0662  0.0302  -0.0479 20 DG A "C5'" 
403 C "C4'" . DG A 20 ? 0.6037 0.7297 0.5729 0.0636  0.0327  -0.0510 20 DG A "C4'" 
404 O "O4'" . DG A 20 ? 0.5716 0.6789 0.5340 0.0416  0.0206  -0.0296 20 DG A "O4'" 
405 C "C3'" . DG A 20 ? 0.6227 0.7401 0.5666 0.0737  0.0243  -0.0909 20 DG A "C3'" 
406 O "O3'" . DG A 20 ? 0.6930 0.8485 0.5917 0.0809  0.0320  -0.0888 20 DG A "O3'" 
407 C "C2'" . DG A 20 ? 0.5713 0.6480 0.5250 0.0528  0.0040  -0.0895 20 DG A "C2'" 
408 C "C1'" . DG A 20 ? 0.5303 0.6143 0.4790 0.0366  0.0058  -0.0509 20 DG A "C1'" 
409 N N9    . DG A 20 ? 0.3961 0.4481 0.3634 0.0177  -0.0049 -0.0366 20 DG A N9    
410 C C8    . DG A 20 ? 0.3836 0.4045 0.3771 0.0121  -0.0118 -0.0380 20 DG A C8    
411 N N7    . DG A 20 ? 0.3407 0.3463 0.3364 -0.0043 -0.0172 -0.0195 20 DG A N7    
412 C C5    . DG A 20 ? 0.3069 0.3307 0.2829 -0.0093 -0.0148 -0.0091 20 DG A C5    
413 C C6    . DG A 20 ? 0.2817 0.2995 0.2526 -0.0229 -0.0177 0.0058  20 DG A C6    
414 O O6    . DG A 20 ? 0.2733 0.2742 0.2487 -0.0333 -0.0214 0.0122  20 DG A O6    
415 N N1    . DG A 20 ? 0.2526 0.2874 0.2108 -0.0216 -0.0151 0.0132  20 DG A N1    
416 C C2    . DG A 20 ? 0.2950 0.3545 0.2406 -0.0097 -0.0088 0.0132  20 DG A C2    
417 N N2    . DG A 20 ? 0.3512 0.4224 0.2880 -0.0104 -0.0069 0.0298  20 DG A N2    
418 N N3    . DG A 20 ? 0.3326 0.4043 0.2740 0.0036  -0.0039 -0.0021 20 DG A N3    
419 C C4    . DG A 20 ? 0.3271 0.3779 0.2871 0.0033  -0.0078 -0.0154 20 DG A C4    
420 P P     . DG A 21 ? 0.8112 0.9754 0.6680 0.0914  0.0195  -0.1269 21 DG A P     
421 O OP1   . DG A 21 ? 0.7589 0.9764 0.5719 0.1135  0.0393  -0.1289 21 DG A OP1   
422 O OP2   . DG A 21 ? 0.7595 0.8862 0.6395 0.0914  0.0012  -0.1701 21 DG A OP2   
423 O "O5'" . DG A 21 ? 0.6076 0.7641 0.4537 0.0716  0.0048  -0.1002 21 DG A "O5'" 
424 C "C5'" . DG A 21 ? 0.5811 0.7641 0.4097 0.0690  0.0168  -0.0586 21 DG A "C5'" 
425 C "C4'" . DG A 21 ? 0.5322 0.7055 0.3533 0.0567  -0.0010 -0.0453 21 DG A "C4'" 
426 O "O4'" . DG A 21 ? 0.4414 0.5757 0.3024 0.0369  -0.0087 -0.0373 21 DG A "O4'" 
427 C "C3'" . DG A 21 ? 0.5600 0.7389 0.3582 0.0631  -0.0230 -0.0807 21 DG A "C3'" 
428 O "O3'" . DG A 21 ? 0.5815 0.7906 0.3434 0.0697  -0.0281 -0.0591 21 DG A "O3'" 
429 C "C2'" . DG A 21 ? 0.4810 0.6205 0.3214 0.0438  -0.0391 -0.0908 21 DG A "C2'" 
430 C "C1'" . DG A 21 ? 0.4358 0.5581 0.2994 0.0299  -0.0281 -0.0519 21 DG A "C1'" 
431 N N9    . DG A 21 ? 0.3907 0.4772 0.2918 0.0135  -0.0315 -0.0538 21 DG A N9    
432 C C8    . DG A 21 ? 0.4030 0.4660 0.3279 0.0109  -0.0315 -0.0712 21 DG A C8    
433 N N7    . DG A 21 ? 0.3763 0.4134 0.3268 -0.0046 -0.0327 -0.0595 21 DG A N7    
434 C C5    . DG A 21 ? 0.3584 0.4026 0.3017 -0.0116 -0.0326 -0.0390 21 DG A C5    
435 C C6    . DG A 21 ? 0.3435 0.3727 0.3008 -0.0252 -0.0317 -0.0242 21 DG A C6    
436 O O6    . DG A 21 ? 0.3291 0.3386 0.3021 -0.0352 -0.0298 -0.0215 21 DG A O6    
437 N N1    . DG A 21 ? 0.3405 0.3804 0.2901 -0.0248 -0.0321 -0.0109 21 DG A N1    
438 C C2    . DG A 21 ? 0.3593 0.4207 0.2908 -0.0138 -0.0340 -0.0042 21 DG A C2    
439 N N2    . DG A 21 ? 0.3651 0.4279 0.2994 -0.0141 -0.0354 0.0125  21 DG A N2    
440 N N3    . DG A 21 ? 0.3856 0.4661 0.2965 -0.0016 -0.0338 -0.0128 21 DG A N3    
441 C C4    . DG A 21 ? 0.3774 0.4486 0.2953 -0.0007 -0.0327 -0.0336 21 DG A C4    
442 P P     . DG A 22 ? 0.6153 0.8471 0.3449 0.0796  -0.0551 -0.0886 22 DG A P     
443 O OP1   . DG A 22 ? 0.7145 0.9957 0.3822 0.1006  -0.0489 -0.0729 22 DG A OP1   
444 O OP2   . DG A 22 ? 0.6001 0.8135 0.3498 0.0773  -0.0712 -0.1428 22 DG A OP2   
445 O "O5'" . DG A 22 ? 0.5650 0.7797 0.3260 0.0642  -0.0703 -0.0642 22 DG A "O5'" 
446 C "C5'" . DG A 22 ? 0.5601 0.7734 0.3253 0.0609  -0.0587 -0.0146 22 DG A "C5'" 
447 C "C4'" . DG A 22 ? 0.5396 0.7343 0.3410 0.0497  -0.0748 -0.0077 22 DG A "C4'" 
448 O "O4'" . DG A 22 ? 0.4684 0.6257 0.3136 0.0316  -0.0676 -0.0170 22 DG A "O4'" 
449 C "C3'" . DG A 22 ? 0.5561 0.7699 0.3569 0.0541  -0.1037 -0.0376 22 DG A "C3'" 
450 O "O3'" . DG A 22 ? 0.5723 0.7942 0.3875 0.0566  -0.1168 -0.0129 22 DG A "O3'" 
451 C "C2'" . DG A 22 ? 0.5098 0.6942 0.3561 0.0365  -0.1061 -0.0698 22 DG A "C2'" 
452 C "C1'" . DG A 22 ? 0.4667 0.6191 0.3398 0.0240  -0.0853 -0.0414 22 DG A "C1'" 
453 N N9    . DG A 22 ? 0.4603 0.5822 0.3653 0.0086  -0.0774 -0.0569 22 DG A N9    
454 C C8    . DG A 22 ? 0.4935 0.6039 0.4012 0.0073  -0.0755 -0.0827 22 DG A C8    
455 N N7    . DG A 22 ? 0.4762 0.5573 0.4174 -0.0076 -0.0691 -0.0835 22 DG A N7    
456 C C5    . DG A 22 ? 0.4222 0.4993 0.3782 -0.0161 -0.0652 -0.0611 22 DG A C5    
457 C C6    . DG A 22 ? 0.3942 0.4503 0.3774 -0.0308 -0.0562 -0.0518 22 DG A C6    
458 O O6    . DG A 22 ? 0.3830 0.4185 0.3832 -0.0406 -0.0506 -0.0550 22 DG A O6    
459 N N1    . DG A 22 ? 0.3770 0.4388 0.3656 -0.0314 -0.0535 -0.0361 22 DG A N1    
460 C C2    . DG A 22 ? 0.3802 0.4601 0.3578 -0.0199 -0.0605 -0.0265 22 DG A C2    
461 N N2    . DG A 22 ? 0.3844 0.4620 0.3778 -0.0200 -0.0570 -0.0146 22 DG A N2    
462 N N3    . DG A 22 ? 0.4183 0.5177 0.3699 -0.0070 -0.0698 -0.0276 22 DG A N3    
463 C C4    . DG A 22 ? 0.4359 0.5353 0.3747 -0.0058 -0.0709 -0.0470 22 DG A C4    
464 P P     . DC A 23 ? 0.5984 0.8486 0.4256 0.0619  -0.1505 -0.0347 23 DC A P     
465 O OP1   . DC A 23 ? 0.7563 1.0256 0.5777 0.0761  -0.1616 0.0040  23 DC A OP1   
466 O OP2   . DC A 23 ? 0.6541 0.9283 0.4550 0.0673  -0.1692 -0.0798 23 DC A OP2   
467 O "O5'" . DC A 23 ? 0.5713 0.7938 0.4658 0.0413  -0.1489 -0.0509 23 DC A "O5'" 
468 C "C5'" . DC A 23 ? 0.5586 0.7532 0.4841 0.0333  -0.1305 -0.0246 23 DC A "C5'" 
469 C "C4'" . DC A 23 ? 0.5208 0.6938 0.4924 0.0138  -0.1223 -0.0453 23 DC A "C4'" 
470 O "O4'" . DC A 23 ? 0.5067 0.6621 0.4676 0.0048  -0.1136 -0.0651 23 DC A "O4'" 
471 C "C3'" . DC A 23 ? 0.5032 0.6990 0.5199 0.0081  -0.1418 -0.0685 23 DC A "C3'" 
472 O "O3'" . DC A 23 ? 0.5201 0.7140 0.5792 0.0052  -0.1335 -0.0549 23 DC A "O3'" 
473 C "C2'" . DC A 23 ? 0.5168 0.6954 0.5551 -0.0104 -0.1371 -0.0963 23 DC A "C2'" 
474 C "C1'" . DC A 23 ? 0.4582 0.6035 0.4642 -0.0121 -0.1142 -0.0848 23 DC A "C1'" 
475 N N1    . DC A 23 ? 0.4594 0.5896 0.4614 -0.0176 -0.1148 -0.1102 23 DC A N1    
476 C C2    . DC A 23 ? 0.4460 0.5459 0.4798 -0.0346 -0.1009 -0.1109 23 DC A C2    
477 O O2    . DC A 23 ? 0.3986 0.4901 0.4524 -0.0438 -0.0868 -0.0912 23 DC A O2    
478 N N3    . DC A 23 ? 0.4447 0.5252 0.4843 -0.0383 -0.1027 -0.1327 23 DC A N3    
479 C C4    . DC A 23 ? 0.4704 0.5628 0.4841 -0.0249 -0.1169 -0.1606 23 DC A C4    
480 N N4    . DC A 23 ? 0.4563 0.5251 0.4823 -0.0265 -0.1180 -0.1860 23 DC A N4    
481 C C5    . DC A 23 ? 0.4964 0.6261 0.4686 -0.0075 -0.1302 -0.1624 23 DC A C5    
482 C C6    . DC A 23 ? 0.5058 0.6524 0.4750 -0.0049 -0.1292 -0.1334 23 DC A C6    
483 P P     . DC A 24 ? 0.5837 0.8169 0.6892 0.0126  -0.1554 -0.0595 24 DC A P     
484 O OP1   . DC A 24 ? 0.6130 0.8675 0.6887 0.0360  -0.1751 -0.0391 24 DC A OP1   
485 O OP2   . DC A 24 ? 0.5832 0.8372 0.7284 -0.0022 -0.1702 -0.0916 24 DC A OP2   
486 O "O5'" . DC A 24 ? 0.5706 0.7864 0.7130 0.0087  -0.1298 -0.0459 24 DC A "O5'" 
487 C "C5'" . DC A 24 ? 0.5697 0.7702 0.7020 0.0238  -0.1222 -0.0207 24 DC A "C5'" 
488 C "C4'" . DC A 24 ? 0.5168 0.6977 0.6771 0.0169  -0.0959 -0.0221 24 DC A "C4'" 
489 O "O4'" . DC A 24 ? 0.4652 0.6156 0.5956 0.0004  -0.0767 -0.0254 24 DC A "O4'" 
490 C "C3'" . DC A 24 ? 0.5649 0.7762 0.7846 0.0107  -0.0911 -0.0385 24 DC A "C3'" 
491 O "O3'" . DC A 24 ? 0.7381 0.9478 0.9881 0.0215  -0.0750 -0.0356 24 DC A "O3'" 
492 C "C2'" . DC A 24 ? 0.4956 0.6941 0.7099 -0.0132 -0.0733 -0.0495 24 DC A "C2'" 
493 C "C1'" . DC A 24 ? 0.4895 0.6456 0.6482 -0.0152 -0.0612 -0.0388 24 DC A "C1'" 
494 N N1    . DC A 24 ? 0.4353 0.5761 0.5720 -0.0313 -0.0588 -0.0447 24 DC A N1    
495 C C2    . DC A 24 ? 0.4192 0.5493 0.5655 -0.0477 -0.0384 -0.0457 24 DC A C2    
496 O O2    . DC A 24 ? 0.4407 0.5782 0.6050 -0.0482 -0.0205 -0.0432 24 DC A O2    
497 N N3    . DC A 24 ? 0.4358 0.5486 0.5708 -0.0604 -0.0383 -0.0483 24 DC A N3    
498 C C4    . DC A 24 ? 0.5279 0.6356 0.6429 -0.0563 -0.0560 -0.0567 24 DC A C4    
499 N N4    . DC A 24 ? 0.6246 0.7126 0.7361 -0.0662 -0.0552 -0.0626 24 DC A N4    
500 C C5    . DC A 24 ? 0.5202 0.6446 0.6176 -0.0395 -0.0746 -0.0583 24 DC A C5    
501 C C6    . DC A 24 ? 0.4774 0.6174 0.5868 -0.0282 -0.0763 -0.0490 24 DC A C6    
# 
